data_7OW4
#
_entry.id   7OW4
#
_cell.length_a   117.224
_cell.length_b   121.432
_cell.length_c   127.863
_cell.angle_alpha   90.00
_cell.angle_beta   90.00
_cell.angle_gamma   90.00
#
_symmetry.space_group_name_H-M   'P 21 21 21'
#
loop_
_entity.id
_entity.type
_entity.pdbx_description
1 polymer 'MHC class I antigen'
2 polymer Beta-2-microglobulin
3 polymer 'KRAS G12D peptide (VVVGADGVGK)'
4 non-polymer 'SULFATE ION'
5 water water
#
loop_
_entity_poly.entity_id
_entity_poly.type
_entity_poly.pdbx_seq_one_letter_code
_entity_poly.pdbx_strand_id
1 'polypeptide(L)'
;GSHSMRYFYTSVSRPGRGEPRFIAVGYVDDTQFVRFDSDAASQRMEPRAPWIEQEGPEYWDQETRNVKAQSQTDRVDLGT
LRGYYNQSEDGSHTIQIMYGCDVGPDGRFLRGYRQDAYDGKDYIALNEDLRSWTAADMAAQITKRKWEAAHAAEQQRAYL
EGRCVEWLRRYLENGKETLQRTDPPKTHMTHHPISDHEATLRCWALGFYPAEITLTWQRDGEDQTQDTELVETRPAGDGT
FQKWAAVVVPSGEEQRYTCHVQHEGLPKPLTLRWEP
;
A,D,G,J
2 'polypeptide(L)'
;MIQRTPKIQVYSRHPAENGKSNFLNCYVSGFHPSDIEVDLLKNGERIEKVEHSDLSFSKDWSFYLLYYTEFTPTEKDEYA
CRVNHVTLSQPKIVKWDRDM
;
B,E,H,K
3 'polypeptide(L)' VVVGADGVGK C,F,I,L
#
loop_
_chem_comp.id
_chem_comp.type
_chem_comp.name
_chem_comp.formula
SO4 non-polymer 'SULFATE ION' 'O4 S -2'
#
# COMPACT_ATOMS: atom_id res chain seq x y z
N GLY A 1 -31.55 -15.53 -39.53
CA GLY A 1 -31.65 -15.61 -38.06
C GLY A 1 -31.86 -14.24 -37.44
N SER A 2 -32.07 -14.22 -36.12
CA SER A 2 -32.05 -13.01 -35.27
C SER A 2 -30.60 -12.52 -35.12
N HIS A 3 -30.43 -11.23 -34.84
CA HIS A 3 -29.10 -10.60 -34.62
C HIS A 3 -29.18 -9.68 -33.41
N SER A 4 -28.02 -9.40 -32.83
CA SER A 4 -27.86 -8.52 -31.66
C SER A 4 -26.70 -7.54 -31.94
N MET A 5 -26.82 -6.33 -31.41
CA MET A 5 -25.67 -5.43 -31.24
C MET A 5 -25.51 -5.20 -29.75
N ARG A 6 -24.28 -5.32 -29.23
CA ARG A 6 -24.00 -5.07 -27.80
C ARG A 6 -22.75 -4.21 -27.65
N TYR A 7 -22.80 -3.28 -26.70
CA TYR A 7 -21.63 -2.53 -26.22
C TYR A 7 -21.37 -2.91 -24.77
N PHE A 8 -20.09 -3.05 -24.47
CA PHE A 8 -19.55 -3.43 -23.15
C PHE A 8 -18.54 -2.37 -22.75
N TYR A 9 -18.80 -1.66 -21.66
CA TYR A 9 -17.93 -0.60 -21.11
C TYR A 9 -17.39 -1.10 -19.76
N THR A 10 -16.10 -0.89 -19.54
CA THR A 10 -15.43 -1.12 -18.25
C THR A 10 -14.68 0.15 -17.88
N SER A 11 -15.00 0.71 -16.70
CA SER A 11 -14.26 1.83 -16.06
C SER A 11 -13.67 1.37 -14.73
N VAL A 12 -12.35 1.47 -14.60
CA VAL A 12 -11.62 1.02 -13.39
C VAL A 12 -10.88 2.22 -12.82
N SER A 13 -11.22 2.63 -11.59
CA SER A 13 -10.51 3.69 -10.85
C SER A 13 -9.10 3.17 -10.50
N ARG A 14 -8.11 4.05 -10.55
CA ARG A 14 -6.71 3.75 -10.17
C ARG A 14 -6.21 4.99 -9.45
N PRO A 15 -6.64 5.15 -8.17
CA PRO A 15 -6.32 6.35 -7.39
C PRO A 15 -4.80 6.61 -7.37
N GLY A 16 -4.41 7.87 -7.61
CA GLY A 16 -3.00 8.30 -7.64
C GLY A 16 -2.25 7.85 -8.89
N ARG A 17 -2.92 7.23 -9.86
CA ARG A 17 -2.32 6.76 -11.14
C ARG A 17 -3.11 7.34 -12.31
N GLY A 18 -3.74 8.50 -12.10
CA GLY A 18 -4.48 9.27 -13.12
C GLY A 18 -5.96 8.92 -13.14
N GLU A 19 -6.65 9.36 -14.18
CA GLU A 19 -8.10 9.12 -14.39
C GLU A 19 -8.34 7.62 -14.58
N PRO A 20 -9.58 7.15 -14.35
CA PRO A 20 -9.95 5.75 -14.55
C PRO A 20 -9.59 5.26 -15.95
N ARG A 21 -9.23 3.97 -16.02
CA ARG A 21 -9.06 3.22 -17.29
C ARG A 21 -10.45 2.90 -17.83
N PHE A 22 -10.74 3.39 -19.04
CA PHE A 22 -12.03 3.16 -19.73
C PHE A 22 -11.76 2.34 -21.00
N ILE A 23 -12.44 1.20 -21.10
CA ILE A 23 -12.39 0.32 -22.30
C ILE A 23 -13.83 0.05 -22.75
N ALA A 24 -14.13 0.36 -24.00
CA ALA A 24 -15.42 0.08 -24.67
C ALA A 24 -15.16 -0.88 -25.83
N VAL A 25 -16.04 -1.86 -25.99
CA VAL A 25 -16.01 -2.76 -27.17
C VAL A 25 -17.44 -2.90 -27.66
N GLY A 26 -17.59 -2.97 -28.97
CA GLY A 26 -18.88 -3.12 -29.67
C GLY A 26 -18.90 -4.43 -30.42
N TYR A 27 -20.01 -5.19 -30.32
CA TYR A 27 -20.19 -6.49 -31.00
C TYR A 27 -21.46 -6.47 -31.84
N VAL A 28 -21.43 -7.10 -33.00
CA VAL A 28 -22.63 -7.62 -33.71
C VAL A 28 -22.57 -9.14 -33.58
N ASP A 29 -23.57 -9.75 -32.94
CA ASP A 29 -23.56 -11.20 -32.63
C ASP A 29 -22.25 -11.48 -31.87
N ASP A 30 -21.43 -12.44 -32.31
CA ASP A 30 -20.16 -12.78 -31.61
C ASP A 30 -18.97 -12.09 -32.30
N THR A 31 -19.17 -11.08 -33.12
CA THR A 31 -18.10 -10.43 -33.90
C THR A 31 -17.86 -9.02 -33.32
N GLN A 32 -16.67 -8.80 -32.76
CA GLN A 32 -16.29 -7.45 -32.28
C GLN A 32 -16.04 -6.57 -33.49
N PHE A 33 -16.46 -5.29 -33.46
CA PHE A 33 -16.27 -4.41 -34.64
C PHE A 33 -15.66 -3.06 -34.25
N VAL A 34 -15.70 -2.64 -32.99
CA VAL A 34 -15.04 -1.37 -32.56
C VAL A 34 -14.44 -1.53 -31.17
N ARG A 35 -13.51 -0.66 -30.83
CA ARG A 35 -12.97 -0.51 -29.47
C ARG A 35 -12.65 0.95 -29.24
N PHE A 36 -12.63 1.32 -27.98
CA PHE A 36 -12.01 2.55 -27.46
C PHE A 36 -11.25 2.16 -26.20
N ASP A 37 -10.04 2.67 -26.06
CA ASP A 37 -9.19 2.44 -24.86
C ASP A 37 -8.61 3.80 -24.48
N SER A 38 -9.00 4.32 -23.30
CA SER A 38 -8.57 5.65 -22.78
C SER A 38 -7.05 5.75 -22.71
N ASP A 39 -6.34 4.62 -22.57
CA ASP A 39 -4.87 4.59 -22.41
C ASP A 39 -4.16 4.56 -23.77
N ALA A 40 -4.84 4.25 -24.87
CA ALA A 40 -4.21 4.10 -26.20
C ALA A 40 -3.87 5.49 -26.73
N ALA A 41 -2.87 5.58 -27.62
CA ALA A 41 -2.33 6.83 -28.19
C ALA A 41 -3.39 7.53 -29.06
N SER A 42 -4.18 6.78 -29.84
CA SER A 42 -5.11 7.36 -30.86
C SER A 42 -6.11 8.33 -30.19
N GLN A 43 -6.63 8.01 -29.01
CA GLN A 43 -7.83 8.67 -28.40
C GLN A 43 -9.01 8.67 -29.38
N ARG A 44 -9.19 7.58 -30.12
CA ARG A 44 -10.25 7.44 -31.15
C ARG A 44 -10.99 6.12 -30.91
N MET A 45 -12.29 6.09 -31.23
CA MET A 45 -12.95 4.81 -31.54
C MET A 45 -12.21 4.21 -32.74
N GLU A 46 -11.86 2.93 -32.68
CA GLU A 46 -11.03 2.25 -33.69
C GLU A 46 -11.79 1.05 -34.25
N PRO A 47 -11.63 0.79 -35.58
CA PRO A 47 -12.24 -0.37 -36.20
C PRO A 47 -11.57 -1.68 -35.75
N ARG A 48 -12.36 -2.74 -35.57
CA ARG A 48 -11.87 -4.09 -35.21
C ARG A 48 -12.49 -5.16 -36.10
N ALA A 49 -13.22 -4.76 -37.15
CA ALA A 49 -13.75 -5.66 -38.21
C ALA A 49 -13.64 -4.95 -39.54
N PRO A 50 -13.32 -5.66 -40.63
CA PRO A 50 -13.09 -5.03 -41.93
C PRO A 50 -14.28 -4.21 -42.45
N TRP A 51 -15.49 -4.71 -42.22
CA TRP A 51 -16.73 -4.11 -42.80
C TRP A 51 -17.10 -2.78 -42.15
N ILE A 52 -16.50 -2.40 -41.00
CA ILE A 52 -16.77 -1.07 -40.38
C ILE A 52 -15.79 -0.04 -40.93
N GLU A 53 -14.69 -0.47 -41.56
CA GLU A 53 -13.62 0.47 -42.04
C GLU A 53 -14.19 1.41 -43.09
N GLN A 54 -15.24 1.02 -43.82
CA GLN A 54 -15.85 1.83 -44.90
C GLN A 54 -16.66 3.00 -44.33
N GLU A 55 -16.93 3.04 -43.02
CA GLU A 55 -17.64 4.20 -42.42
C GLU A 55 -16.75 5.43 -42.59
N GLY A 56 -17.36 6.55 -43.00
CA GLY A 56 -16.65 7.80 -43.28
C GLY A 56 -16.13 8.48 -42.02
N PRO A 57 -15.41 9.61 -42.18
CA PRO A 57 -14.84 10.33 -41.05
C PRO A 57 -15.89 10.83 -40.04
N GLU A 58 -17.09 11.23 -40.50
CA GLU A 58 -18.16 11.72 -39.60
C GLU A 58 -18.53 10.61 -38.60
N TYR A 59 -18.61 9.37 -39.06
CA TYR A 59 -18.91 8.20 -38.18
C TYR A 59 -17.87 8.14 -37.05
N TRP A 60 -16.57 8.11 -37.39
CA TRP A 60 -15.47 7.96 -36.40
C TRP A 60 -15.43 9.17 -35.46
N ASP A 61 -15.67 10.38 -35.98
CA ASP A 61 -15.66 11.60 -35.14
C ASP A 61 -16.80 11.49 -34.11
N GLN A 62 -18.01 11.17 -34.55
CA GLN A 62 -19.18 11.14 -33.64
C GLN A 62 -19.04 9.99 -32.64
N GLU A 63 -18.63 8.80 -33.06
CA GLU A 63 -18.45 7.65 -32.14
C GLU A 63 -17.38 8.00 -31.09
N THR A 64 -16.28 8.64 -31.51
CA THR A 64 -15.19 9.04 -30.58
C THR A 64 -15.76 10.06 -29.55
N ARG A 65 -16.47 11.08 -30.02
CA ARG A 65 -17.02 12.14 -29.13
C ARG A 65 -17.94 11.48 -28.10
N ASN A 66 -18.84 10.59 -28.56
CA ASN A 66 -19.89 10.01 -27.69
C ASN A 66 -19.23 9.08 -26.68
N VAL A 67 -18.29 8.23 -27.08
CA VAL A 67 -17.70 7.24 -26.15
C VAL A 67 -16.79 7.98 -25.15
N LYS A 68 -16.08 9.04 -25.58
CA LYS A 68 -15.28 9.85 -24.62
C LYS A 68 -16.20 10.49 -23.56
N ALA A 69 -17.35 11.05 -23.99
CA ALA A 69 -18.33 11.67 -23.07
C ALA A 69 -18.80 10.62 -22.06
N GLN A 70 -19.07 9.38 -22.49
CA GLN A 70 -19.50 8.30 -21.57
CA GLN A 70 -19.49 8.29 -21.57
C GLN A 70 -18.36 7.94 -20.60
N SER A 71 -17.11 7.94 -21.07
CA SER A 71 -15.97 7.65 -20.15
C SER A 71 -15.92 8.72 -19.04
N GLN A 72 -16.26 9.98 -19.34
CA GLN A 72 -16.28 11.09 -18.34
C GLN A 72 -17.43 10.91 -17.35
N THR A 73 -18.62 10.55 -17.82
CA THR A 73 -19.78 10.21 -16.94
C THR A 73 -19.35 9.10 -15.98
N ASP A 74 -18.71 8.04 -16.48
CA ASP A 74 -18.28 6.88 -15.66
C ASP A 74 -17.26 7.30 -14.62
N ARG A 75 -16.33 8.18 -14.99
CA ARG A 75 -15.34 8.74 -14.05
C ARG A 75 -16.09 9.42 -12.89
N VAL A 76 -17.08 10.26 -13.19
CA VAL A 76 -17.86 10.99 -12.15
C VAL A 76 -18.61 9.93 -11.32
N ASP A 77 -19.22 8.93 -11.97
CA ASP A 77 -20.06 7.90 -11.31
C ASP A 77 -19.21 7.06 -10.35
N LEU A 78 -17.95 6.79 -10.67
CA LEU A 78 -17.05 6.04 -9.75
C LEU A 78 -16.92 6.81 -8.43
N GLY A 79 -16.80 8.14 -8.50
CA GLY A 79 -16.70 9.03 -7.32
C GLY A 79 -18.01 9.00 -6.53
N THR A 80 -19.14 9.14 -7.22
CA THR A 80 -20.48 9.15 -6.60
C THR A 80 -20.72 7.83 -5.86
N LEU A 81 -20.51 6.69 -6.53
CA LEU A 81 -20.76 5.36 -5.95
C LEU A 81 -19.79 5.09 -4.77
N ARG A 82 -18.53 5.53 -4.85
CA ARG A 82 -17.60 5.42 -3.70
C ARG A 82 -18.22 6.13 -2.49
N GLY A 83 -18.82 7.32 -2.71
CA GLY A 83 -19.60 8.06 -1.70
C GLY A 83 -20.76 7.25 -1.19
N TYR A 84 -21.57 6.67 -2.09
CA TYR A 84 -22.79 5.90 -1.71
C TYR A 84 -22.44 4.75 -0.78
N TYR A 85 -21.32 4.06 -1.02
CA TYR A 85 -20.92 2.84 -0.27
C TYR A 85 -19.91 3.19 0.84
N ASN A 86 -19.64 4.48 1.07
CA ASN A 86 -18.73 4.96 2.14
C ASN A 86 -17.37 4.27 2.03
N GLN A 87 -16.81 4.19 0.82
CA GLN A 87 -15.52 3.51 0.55
C GLN A 87 -14.37 4.53 0.58
N SER A 88 -13.19 4.07 1.00
CA SER A 88 -11.89 4.79 0.96
C SER A 88 -11.60 5.39 -0.42
N GLU A 89 -10.85 6.50 -0.46
CA GLU A 89 -10.32 7.13 -1.72
C GLU A 89 -9.22 6.25 -2.32
N ASP A 90 -8.71 5.27 -1.55
CA ASP A 90 -7.46 4.53 -1.85
C ASP A 90 -7.71 3.30 -2.74
N GLY A 91 -8.91 2.72 -2.70
CA GLY A 91 -9.20 1.43 -3.35
C GLY A 91 -9.61 1.58 -4.81
N SER A 92 -9.27 0.60 -5.63
CA SER A 92 -9.71 0.48 -7.05
C SER A 92 -11.14 -0.10 -7.10
N HIS A 93 -12.03 0.51 -7.87
CA HIS A 93 -13.40 0.01 -8.10
C HIS A 93 -13.72 -0.01 -9.58
N THR A 94 -14.74 -0.78 -9.96
CA THR A 94 -15.10 -1.05 -11.37
C THR A 94 -16.58 -0.76 -11.60
N ILE A 95 -16.88 0.07 -12.59
CA ILE A 95 -18.24 0.16 -13.18
C ILE A 95 -18.21 -0.58 -14.51
N GLN A 96 -19.19 -1.46 -14.71
CA GLN A 96 -19.41 -2.11 -16.02
C GLN A 96 -20.82 -1.79 -16.52
N ILE A 97 -20.91 -1.58 -17.83
CA ILE A 97 -22.18 -1.28 -18.54
C ILE A 97 -22.26 -2.19 -19.75
N MET A 98 -23.42 -2.82 -19.92
CA MET A 98 -23.77 -3.57 -21.14
C MET A 98 -25.09 -3.00 -21.63
N TYR A 99 -25.18 -2.68 -22.91
CA TYR A 99 -26.46 -2.32 -23.55
C TYR A 99 -26.48 -2.82 -24.99
N GLY A 100 -27.66 -2.86 -25.57
CA GLY A 100 -27.82 -3.25 -26.98
C GLY A 100 -29.22 -3.67 -27.30
N CYS A 101 -29.40 -4.13 -28.52
CA CYS A 101 -30.72 -4.46 -29.09
C CYS A 101 -30.61 -5.76 -29.88
N ASP A 102 -31.74 -6.45 -29.97
CA ASP A 102 -31.92 -7.65 -30.81
C ASP A 102 -32.90 -7.28 -31.91
N VAL A 103 -32.66 -7.77 -33.11
CA VAL A 103 -33.64 -7.72 -34.24
C VAL A 103 -33.92 -9.15 -34.70
N GLY A 104 -35.13 -9.36 -35.21
CA GLY A 104 -35.56 -10.63 -35.82
C GLY A 104 -34.97 -10.80 -37.20
N PRO A 105 -35.28 -11.92 -37.88
CA PRO A 105 -34.88 -12.13 -39.28
C PRO A 105 -35.33 -11.06 -40.28
N ASP A 106 -36.39 -10.30 -39.94
CA ASP A 106 -36.94 -9.20 -40.77
C ASP A 106 -36.24 -7.87 -40.44
N GLY A 107 -35.27 -7.89 -39.51
CA GLY A 107 -34.55 -6.68 -39.09
C GLY A 107 -35.35 -5.79 -38.15
N ARG A 108 -36.51 -6.25 -37.65
CA ARG A 108 -37.37 -5.44 -36.74
C ARG A 108 -37.00 -5.70 -35.27
N PHE A 109 -37.10 -4.64 -34.47
CA PHE A 109 -36.77 -4.62 -33.02
C PHE A 109 -37.46 -5.80 -32.32
N LEU A 110 -36.74 -6.58 -31.54
CA LEU A 110 -37.31 -7.60 -30.62
C LEU A 110 -37.24 -7.13 -29.17
N ARG A 111 -36.08 -6.62 -28.77
CA ARG A 111 -35.73 -6.38 -27.35
C ARG A 111 -34.55 -5.43 -27.24
N GLY A 112 -34.54 -4.66 -26.17
CA GLY A 112 -33.42 -3.77 -25.81
C GLY A 112 -32.99 -4.07 -24.40
N TYR A 113 -31.77 -3.69 -24.05
CA TYR A 113 -31.15 -4.00 -22.75
C TYR A 113 -30.24 -2.84 -22.37
N ARG A 114 -30.16 -2.60 -21.07
CA ARG A 114 -29.17 -1.70 -20.45
C ARG A 114 -29.05 -2.18 -19.01
N GLN A 115 -27.85 -2.62 -18.65
CA GLN A 115 -27.56 -3.18 -17.31
C GLN A 115 -26.20 -2.62 -16.86
N ASP A 116 -26.13 -2.22 -15.59
CA ASP A 116 -24.92 -1.61 -14.97
C ASP A 116 -24.54 -2.44 -13.75
N ALA A 117 -23.23 -2.57 -13.53
CA ALA A 117 -22.64 -3.25 -12.37
C ALA A 117 -21.71 -2.28 -11.65
N TYR A 118 -21.45 -2.61 -10.39
CA TYR A 118 -20.40 -2.00 -9.56
C TYR A 118 -19.67 -3.14 -8.86
N ASP A 119 -18.36 -3.19 -9.03
CA ASP A 119 -17.47 -4.19 -8.39
C ASP A 119 -17.99 -5.60 -8.69
N GLY A 120 -18.42 -5.84 -9.91
CA GLY A 120 -18.69 -7.20 -10.42
C GLY A 120 -20.07 -7.71 -10.00
N LYS A 121 -20.92 -6.83 -9.46
CA LYS A 121 -22.29 -7.18 -8.99
C LYS A 121 -23.33 -6.26 -9.66
N ASP A 122 -24.52 -6.81 -9.91
CA ASP A 122 -25.67 -6.02 -10.41
C ASP A 122 -25.77 -4.72 -9.60
N TYR A 123 -25.97 -3.59 -10.28
CA TYR A 123 -26.23 -2.28 -9.65
C TYR A 123 -27.65 -1.83 -10.02
N ILE A 124 -27.89 -1.53 -11.29
CA ILE A 124 -29.22 -1.08 -11.80
C ILE A 124 -29.40 -1.69 -13.20
N ALA A 125 -30.64 -2.01 -13.56
CA ALA A 125 -31.00 -2.59 -14.87
C ALA A 125 -32.26 -1.92 -15.40
N LEU A 126 -32.25 -1.58 -16.70
CA LEU A 126 -33.48 -1.21 -17.44
C LEU A 126 -34.34 -2.48 -17.54
N ASN A 127 -35.61 -2.37 -17.19
CA ASN A 127 -36.58 -3.49 -17.27
C ASN A 127 -36.89 -3.77 -18.74
N GLU A 128 -37.48 -4.92 -19.03
CA GLU A 128 -37.90 -5.36 -20.40
C GLU A 128 -38.78 -4.31 -21.10
N ASP A 129 -39.62 -3.57 -20.39
CA ASP A 129 -40.56 -2.59 -21.01
C ASP A 129 -39.83 -1.30 -21.42
N LEU A 130 -38.56 -1.14 -21.01
CA LEU A 130 -37.70 0.04 -21.33
C LEU A 130 -38.33 1.33 -20.79
N ARG A 131 -39.10 1.25 -19.70
CA ARG A 131 -39.81 2.42 -19.11
C ARG A 131 -39.56 2.55 -17.62
N SER A 132 -38.86 1.59 -17.00
CA SER A 132 -38.71 1.45 -15.54
C SER A 132 -37.39 0.71 -15.23
N TRP A 133 -36.88 0.84 -14.01
CA TRP A 133 -35.57 0.31 -13.58
C TRP A 133 -35.76 -0.65 -12.41
N THR A 134 -34.84 -1.59 -12.26
CA THR A 134 -34.65 -2.45 -11.07
C THR A 134 -33.30 -2.10 -10.42
N ALA A 135 -33.33 -1.60 -9.19
CA ALA A 135 -32.13 -1.30 -8.35
C ALA A 135 -31.78 -2.54 -7.53
N ALA A 136 -30.50 -2.90 -7.42
CA ALA A 136 -30.03 -4.10 -6.71
C ALA A 136 -29.94 -3.84 -5.19
N ASP A 137 -29.85 -2.57 -4.75
CA ASP A 137 -29.60 -2.23 -3.33
C ASP A 137 -29.98 -0.76 -3.08
N MET A 138 -29.70 -0.27 -1.89
CA MET A 138 -30.12 1.08 -1.41
C MET A 138 -29.33 2.17 -2.13
N ALA A 139 -28.07 1.95 -2.45
CA ALA A 139 -27.26 2.90 -3.24
C ALA A 139 -27.93 3.06 -4.61
N ALA A 140 -28.22 1.96 -5.29
CA ALA A 140 -28.82 1.95 -6.64
C ALA A 140 -30.24 2.55 -6.60
N GLN A 141 -30.94 2.47 -5.47
CA GLN A 141 -32.26 3.14 -5.28
C GLN A 141 -32.06 4.65 -5.44
N ILE A 142 -30.92 5.19 -4.98
CA ILE A 142 -30.64 6.65 -5.11
C ILE A 142 -30.52 6.96 -6.60
N THR A 143 -29.78 6.13 -7.33
CA THR A 143 -29.61 6.27 -8.80
C THR A 143 -30.97 6.17 -9.47
N LYS A 144 -31.76 5.17 -9.10
CA LYS A 144 -33.10 4.92 -9.71
C LYS A 144 -33.93 6.20 -9.60
N ARG A 145 -33.97 6.83 -8.43
CA ARG A 145 -34.80 8.06 -8.22
C ARG A 145 -34.27 9.19 -9.11
N LYS A 146 -32.95 9.40 -9.20
CA LYS A 146 -32.36 10.44 -10.09
C LYS A 146 -32.76 10.15 -11.55
N TRP A 147 -32.72 8.88 -11.95
CA TRP A 147 -32.96 8.45 -13.35
C TRP A 147 -34.45 8.59 -13.68
N GLU A 148 -35.33 8.31 -12.72
CA GLU A 148 -36.79 8.52 -12.90
C GLU A 148 -37.06 10.02 -13.07
N ALA A 149 -36.49 10.87 -12.22
CA ALA A 149 -36.69 12.34 -12.24
C ALA A 149 -36.18 12.95 -13.56
N ALA A 150 -35.10 12.41 -14.13
CA ALA A 150 -34.48 12.92 -15.39
C ALA A 150 -35.11 12.26 -16.62
N HIS A 151 -36.03 11.31 -16.45
CA HIS A 151 -36.67 10.55 -17.56
C HIS A 151 -35.59 9.84 -18.39
N ALA A 152 -34.62 9.23 -17.72
CA ALA A 152 -33.49 8.53 -18.37
C ALA A 152 -34.00 7.36 -19.20
N ALA A 153 -35.07 6.67 -18.77
CA ALA A 153 -35.62 5.51 -19.50
C ALA A 153 -36.00 5.93 -20.93
N GLU A 154 -36.55 7.14 -21.09
CA GLU A 154 -37.10 7.62 -22.37
C GLU A 154 -35.94 7.76 -23.38
N GLN A 155 -34.77 8.25 -22.95
CA GLN A 155 -33.57 8.41 -23.81
C GLN A 155 -33.08 7.02 -24.25
N GLN A 156 -33.01 6.07 -23.31
CA GLN A 156 -32.57 4.67 -23.57
C GLN A 156 -33.53 4.04 -24.58
N ARG A 157 -34.84 4.18 -24.34
CA ARG A 157 -35.89 3.56 -25.18
C ARG A 157 -35.78 4.12 -26.60
N ALA A 158 -35.59 5.43 -26.76
CA ALA A 158 -35.49 6.10 -28.08
C ALA A 158 -34.27 5.57 -28.85
N TYR A 159 -33.14 5.35 -28.16
CA TYR A 159 -31.90 4.80 -28.77
C TYR A 159 -32.16 3.35 -29.16
N LEU A 160 -32.66 2.55 -28.22
CA LEU A 160 -32.72 1.08 -28.38
C LEU A 160 -33.71 0.71 -29.50
N GLU A 161 -34.79 1.46 -29.68
CA GLU A 161 -35.83 1.20 -30.71
C GLU A 161 -35.53 1.95 -32.00
N GLY A 162 -34.54 2.85 -31.99
CA GLY A 162 -34.21 3.77 -33.10
C GLY A 162 -32.82 3.49 -33.64
N ARG A 163 -31.85 4.35 -33.32
CA ARG A 163 -30.47 4.30 -33.86
C ARG A 163 -29.88 2.89 -33.65
N CYS A 164 -30.12 2.24 -32.52
CA CYS A 164 -29.53 0.90 -32.22
C CYS A 164 -29.92 -0.09 -33.33
N VAL A 165 -31.22 -0.25 -33.61
CA VAL A 165 -31.69 -1.25 -34.61
C VAL A 165 -31.36 -0.75 -36.03
N GLU A 166 -31.44 0.56 -36.26
CA GLU A 166 -31.19 1.14 -37.61
C GLU A 166 -29.74 0.85 -38.02
N TRP A 167 -28.80 1.07 -37.11
CA TRP A 167 -27.35 0.89 -37.39
C TRP A 167 -27.02 -0.61 -37.39
N LEU A 168 -27.63 -1.42 -36.54
CA LEU A 168 -27.46 -2.90 -36.59
C LEU A 168 -27.85 -3.42 -37.98
N ARG A 169 -28.97 -2.95 -38.55
CA ARG A 169 -29.41 -3.36 -39.89
C ARG A 169 -28.33 -2.97 -40.91
N ARG A 170 -27.79 -1.76 -40.79
CA ARG A 170 -26.75 -1.25 -41.74
C ARG A 170 -25.50 -2.12 -41.61
N TYR A 171 -25.05 -2.44 -40.41
CA TYR A 171 -23.84 -3.27 -40.19
C TYR A 171 -24.06 -4.67 -40.78
N LEU A 172 -25.25 -5.25 -40.56
CA LEU A 172 -25.58 -6.60 -41.10
C LEU A 172 -25.50 -6.57 -42.64
N GLU A 173 -25.86 -5.44 -43.27
CA GLU A 173 -25.79 -5.30 -44.74
C GLU A 173 -24.32 -5.09 -45.17
N ASN A 174 -23.61 -4.14 -44.58
CA ASN A 174 -22.21 -3.83 -44.94
C ASN A 174 -21.30 -5.05 -44.69
N GLY A 175 -21.54 -5.83 -43.65
CA GLY A 175 -20.74 -7.01 -43.29
C GLY A 175 -21.41 -8.32 -43.69
N LYS A 176 -22.34 -8.31 -44.65
CA LYS A 176 -23.17 -9.51 -44.97
C LYS A 176 -22.27 -10.69 -45.37
N GLU A 177 -21.18 -10.45 -46.12
CA GLU A 177 -20.25 -11.52 -46.57
C GLU A 177 -19.71 -12.31 -45.38
N THR A 178 -19.60 -11.72 -44.18
CA THR A 178 -19.05 -12.40 -42.97
C THR A 178 -20.10 -12.58 -41.86
N LEU A 179 -20.95 -11.59 -41.57
CA LEU A 179 -21.86 -11.65 -40.38
C LEU A 179 -23.03 -12.62 -40.59
N GLN A 180 -23.42 -12.95 -41.82
CA GLN A 180 -24.55 -13.88 -42.08
C GLN A 180 -24.06 -15.32 -42.23
N ARG A 181 -22.80 -15.62 -41.93
CA ARG A 181 -22.21 -16.97 -42.08
C ARG A 181 -22.64 -17.81 -40.87
N THR A 182 -22.93 -19.06 -41.16
CA THR A 182 -23.00 -20.15 -40.17
C THR A 182 -21.91 -21.13 -40.61
N ASP A 183 -20.77 -21.11 -39.92
CA ASP A 183 -19.69 -22.10 -40.10
C ASP A 183 -20.02 -23.26 -39.19
N PRO A 184 -20.37 -24.44 -39.75
CA PRO A 184 -20.72 -25.60 -38.94
C PRO A 184 -19.48 -26.11 -38.23
N PRO A 185 -19.60 -26.80 -37.08
CA PRO A 185 -18.43 -27.42 -36.46
C PRO A 185 -17.87 -28.53 -37.35
N LYS A 186 -16.54 -28.60 -37.45
CA LYS A 186 -15.79 -29.76 -37.95
C LYS A 186 -15.47 -30.61 -36.71
N THR A 187 -15.87 -31.87 -36.73
CA THR A 187 -15.84 -32.72 -35.52
C THR A 187 -14.90 -33.90 -35.72
N HIS A 188 -14.36 -34.39 -34.62
CA HIS A 188 -13.63 -35.68 -34.57
C HIS A 188 -13.66 -36.15 -33.13
N MET A 189 -13.27 -37.40 -32.93
CA MET A 189 -13.19 -37.99 -31.58
C MET A 189 -11.79 -38.55 -31.41
N THR A 190 -11.22 -38.41 -30.21
CA THR A 190 -9.95 -39.06 -29.84
C THR A 190 -10.23 -40.06 -28.73
N HIS A 191 -9.31 -41.00 -28.57
CA HIS A 191 -9.35 -42.10 -27.57
C HIS A 191 -7.98 -42.21 -26.91
N HIS A 192 -7.90 -42.07 -25.59
CA HIS A 192 -6.65 -42.25 -24.79
C HIS A 192 -6.93 -43.18 -23.63
N PRO A 193 -6.26 -44.36 -23.56
CA PRO A 193 -6.31 -45.19 -22.34
C PRO A 193 -5.83 -44.39 -21.13
N ILE A 194 -6.50 -44.53 -19.99
CA ILE A 194 -6.15 -43.91 -18.68
C ILE A 194 -5.50 -45.00 -17.81
N SER A 195 -5.88 -46.25 -18.04
CA SER A 195 -5.42 -47.45 -17.30
C SER A 195 -5.70 -48.67 -18.17
N ASP A 196 -5.51 -49.87 -17.64
CA ASP A 196 -5.85 -51.13 -18.37
C ASP A 196 -7.37 -51.29 -18.45
N HIS A 197 -8.15 -50.59 -17.62
CA HIS A 197 -9.63 -50.80 -17.49
C HIS A 197 -10.45 -49.55 -17.84
N GLU A 198 -9.83 -48.39 -18.11
CA GLU A 198 -10.57 -47.15 -18.47
C GLU A 198 -9.88 -46.40 -19.60
N ALA A 199 -10.67 -45.68 -20.41
CA ALA A 199 -10.21 -44.81 -21.52
C ALA A 199 -11.00 -43.51 -21.52
N THR A 200 -10.39 -42.44 -22.03
CA THR A 200 -11.06 -41.14 -22.28
C THR A 200 -11.47 -41.10 -23.75
N LEU A 201 -12.75 -40.81 -24.02
CA LEU A 201 -13.22 -40.36 -25.35
C LEU A 201 -13.35 -38.85 -25.31
N ARG A 202 -12.80 -38.16 -26.28
CA ARG A 202 -12.91 -36.68 -26.35
C ARG A 202 -13.54 -36.33 -27.69
N CYS A 203 -14.69 -35.66 -27.62
CA CYS A 203 -15.48 -35.23 -28.78
C CYS A 203 -15.18 -33.76 -29.05
N TRP A 204 -14.65 -33.47 -30.25
CA TRP A 204 -14.19 -32.13 -30.68
C TRP A 204 -15.18 -31.46 -31.63
N ALA A 205 -15.34 -30.15 -31.45
CA ALA A 205 -16.03 -29.24 -32.39
C ALA A 205 -15.09 -28.07 -32.65
N LEU A 206 -14.70 -27.88 -33.91
CA LEU A 206 -13.74 -26.82 -34.29
C LEU A 206 -14.30 -25.97 -35.42
N GLY A 207 -13.86 -24.70 -35.47
CA GLY A 207 -14.07 -23.86 -36.66
C GLY A 207 -15.51 -23.40 -36.83
N PHE A 208 -16.30 -23.34 -35.76
CA PHE A 208 -17.74 -23.00 -35.82
C PHE A 208 -17.97 -21.52 -35.46
N TYR A 209 -19.04 -21.00 -36.03
CA TYR A 209 -19.58 -19.64 -35.79
C TYR A 209 -21.07 -19.68 -36.13
N PRO A 210 -21.98 -19.09 -35.30
CA PRO A 210 -21.63 -18.41 -34.06
C PRO A 210 -21.19 -19.35 -32.91
N ALA A 211 -20.96 -18.77 -31.72
CA ALA A 211 -20.33 -19.49 -30.58
C ALA A 211 -21.27 -20.55 -30.00
N GLU A 212 -22.58 -20.29 -30.06
CA GLU A 212 -23.59 -21.14 -29.39
C GLU A 212 -23.45 -22.56 -29.94
N ILE A 213 -23.31 -23.54 -29.07
CA ILE A 213 -23.18 -24.97 -29.48
C ILE A 213 -23.55 -25.84 -28.29
N THR A 214 -24.03 -27.05 -28.55
CA THR A 214 -24.26 -28.06 -27.50
C THR A 214 -23.52 -29.33 -27.88
N LEU A 215 -22.68 -29.82 -26.97
CA LEU A 215 -22.08 -31.17 -27.03
C LEU A 215 -22.65 -31.96 -25.87
N THR A 216 -23.18 -33.14 -26.15
CA THR A 216 -23.76 -34.05 -25.14
C THR A 216 -23.21 -35.46 -25.39
N TRP A 217 -22.76 -36.11 -24.32
CA TRP A 217 -22.43 -37.54 -24.32
C TRP A 217 -23.67 -38.32 -23.87
N GLN A 218 -23.99 -39.40 -24.58
CA GLN A 218 -25.01 -40.39 -24.18
C GLN A 218 -24.33 -41.76 -24.05
N ARG A 219 -24.83 -42.57 -23.14
CA ARG A 219 -24.53 -44.01 -23.05
C ARG A 219 -25.84 -44.74 -23.31
N ASP A 220 -25.89 -45.60 -24.35
CA ASP A 220 -27.13 -46.32 -24.72
C ASP A 220 -28.27 -45.29 -24.89
N GLY A 221 -27.97 -44.12 -25.46
CA GLY A 221 -29.00 -43.12 -25.77
C GLY A 221 -29.46 -42.27 -24.58
N GLU A 222 -28.88 -42.47 -23.39
CA GLU A 222 -29.22 -41.69 -22.18
C GLU A 222 -28.12 -40.65 -21.90
N ASP A 223 -28.52 -39.39 -21.74
CA ASP A 223 -27.62 -38.26 -21.36
C ASP A 223 -26.74 -38.67 -20.18
N GLN A 224 -25.42 -38.51 -20.33
CA GLN A 224 -24.41 -38.76 -19.28
C GLN A 224 -23.89 -37.41 -18.76
N THR A 225 -23.76 -37.28 -17.45
CA THR A 225 -23.11 -36.12 -16.77
C THR A 225 -21.95 -36.63 -15.91
N GLN A 226 -22.15 -37.68 -15.12
CA GLN A 226 -21.05 -38.30 -14.36
C GLN A 226 -19.91 -38.69 -15.31
N ASP A 227 -18.67 -38.49 -14.86
CA ASP A 227 -17.42 -38.92 -15.56
C ASP A 227 -17.25 -38.16 -16.88
N THR A 228 -17.85 -36.96 -17.00
CA THR A 228 -17.70 -36.11 -18.20
C THR A 228 -16.93 -34.84 -17.84
N GLU A 229 -16.34 -34.23 -18.85
CA GLU A 229 -15.74 -32.89 -18.73
C GLU A 229 -16.16 -32.12 -19.97
N LEU A 230 -16.79 -30.97 -19.75
CA LEU A 230 -17.17 -30.04 -20.81
C LEU A 230 -16.39 -28.76 -20.59
N VAL A 231 -15.52 -28.38 -21.52
CA VAL A 231 -14.77 -27.10 -21.41
C VAL A 231 -15.65 -25.97 -21.93
N GLU A 232 -15.38 -24.75 -21.46
CA GLU A 232 -16.05 -23.53 -21.95
C GLU A 232 -15.72 -23.38 -23.43
N THR A 233 -16.69 -22.93 -24.20
CA THR A 233 -16.48 -22.55 -25.62
C THR A 233 -15.38 -21.49 -25.65
N ARG A 234 -14.43 -21.63 -26.56
CA ARG A 234 -13.25 -20.74 -26.57
C ARG A 234 -13.04 -20.22 -27.99
N PRO A 235 -12.51 -18.97 -28.11
CA PRO A 235 -12.22 -18.40 -29.41
C PRO A 235 -10.92 -19.01 -29.97
N ALA A 236 -10.93 -19.34 -31.25
CA ALA A 236 -9.73 -19.79 -31.97
C ALA A 236 -8.82 -18.59 -32.27
N GLY A 237 -9.41 -17.39 -32.35
CA GLY A 237 -8.70 -16.12 -32.68
C GLY A 237 -8.78 -15.79 -34.16
N ASP A 238 -9.56 -16.56 -34.94
CA ASP A 238 -9.70 -16.36 -36.40
C ASP A 238 -11.15 -16.02 -36.76
N GLY A 239 -12.01 -15.79 -35.77
CA GLY A 239 -13.45 -15.55 -36.02
C GLY A 239 -14.27 -16.82 -35.84
N THR A 240 -13.64 -17.93 -35.42
CA THR A 240 -14.37 -19.18 -35.10
C THR A 240 -14.14 -19.56 -33.65
N PHE A 241 -14.88 -20.58 -33.21
CA PHE A 241 -14.89 -21.09 -31.83
C PHE A 241 -14.57 -22.58 -31.84
N GLN A 242 -14.21 -23.07 -30.66
CA GLN A 242 -13.81 -24.46 -30.37
C GLN A 242 -14.49 -24.91 -29.08
N LYS A 243 -14.78 -26.19 -28.99
CA LYS A 243 -15.25 -26.78 -27.72
C LYS A 243 -14.95 -28.27 -27.78
N TRP A 244 -14.76 -28.87 -26.61
CA TRP A 244 -14.75 -30.34 -26.52
C TRP A 244 -15.49 -30.82 -25.28
N ALA A 245 -15.91 -32.07 -25.33
CA ALA A 245 -16.54 -32.81 -24.24
C ALA A 245 -15.87 -34.18 -24.17
N ALA A 246 -15.48 -34.61 -22.99
CA ALA A 246 -14.77 -35.89 -22.77
C ALA A 246 -15.63 -36.72 -21.83
N VAL A 247 -15.52 -38.03 -21.97
CA VAL A 247 -16.13 -38.99 -21.02
C VAL A 247 -15.09 -40.06 -20.73
N VAL A 248 -15.01 -40.50 -19.49
CA VAL A 248 -14.19 -41.66 -19.07
C VAL A 248 -15.10 -42.89 -19.12
N VAL A 249 -14.69 -43.93 -19.84
CA VAL A 249 -15.53 -45.12 -20.09
C VAL A 249 -14.76 -46.37 -19.69
N PRO A 250 -15.46 -47.45 -19.33
CA PRO A 250 -14.82 -48.76 -19.18
C PRO A 250 -14.24 -49.23 -20.52
N SER A 251 -13.01 -49.74 -20.52
CA SER A 251 -12.32 -50.30 -21.71
C SER A 251 -13.18 -51.42 -22.30
N GLY A 252 -13.38 -51.39 -23.63
CA GLY A 252 -14.23 -52.34 -24.35
C GLY A 252 -15.69 -51.92 -24.39
N GLU A 253 -16.05 -50.76 -23.82
CA GLU A 253 -17.47 -50.29 -23.78
C GLU A 253 -17.61 -48.99 -24.59
N GLU A 254 -16.54 -48.59 -25.29
CA GLU A 254 -16.45 -47.32 -26.06
C GLU A 254 -17.67 -47.17 -27.01
N GLN A 255 -18.14 -48.27 -27.59
CA GLN A 255 -19.18 -48.29 -28.64
C GLN A 255 -20.56 -47.95 -28.06
N ARG A 256 -20.70 -47.99 -26.74
CA ARG A 256 -21.99 -47.68 -26.07
C ARG A 256 -22.20 -46.17 -25.99
N TYR A 257 -21.15 -45.38 -26.26
CA TYR A 257 -21.17 -43.91 -26.05
C TYR A 257 -21.32 -43.20 -27.39
N THR A 258 -22.10 -42.15 -27.40
CA THR A 258 -22.28 -41.28 -28.57
C THR A 258 -22.18 -39.83 -28.13
N CYS A 259 -21.59 -39.00 -28.99
CA CYS A 259 -21.44 -37.56 -28.79
C CYS A 259 -22.40 -36.88 -29.78
N HIS A 260 -23.28 -36.03 -29.29
CA HIS A 260 -24.32 -35.34 -30.08
C HIS A 260 -23.93 -33.87 -30.17
N VAL A 261 -23.92 -33.34 -31.38
CA VAL A 261 -23.42 -31.98 -31.65
C VAL A 261 -24.59 -31.20 -32.27
N GLN A 262 -24.99 -30.13 -31.62
CA GLN A 262 -26.08 -29.25 -32.13
C GLN A 262 -25.50 -27.85 -32.36
N HIS A 263 -25.78 -27.30 -33.54
CA HIS A 263 -25.26 -25.99 -33.97
C HIS A 263 -26.16 -25.49 -35.10
N GLU A 264 -26.33 -24.18 -35.17
CA GLU A 264 -27.18 -23.46 -36.16
C GLU A 264 -26.75 -23.82 -37.59
N GLY A 265 -25.48 -24.10 -37.82
CA GLY A 265 -24.91 -24.33 -39.16
C GLY A 265 -25.06 -25.77 -39.61
N LEU A 266 -25.63 -26.64 -38.78
CA LEU A 266 -25.84 -28.06 -39.11
C LEU A 266 -27.26 -28.25 -39.59
N PRO A 267 -27.47 -28.79 -40.80
CA PRO A 267 -28.82 -29.10 -41.28
C PRO A 267 -29.53 -30.09 -40.33
N LYS A 268 -28.79 -31.08 -39.82
CA LYS A 268 -29.29 -32.02 -38.77
C LYS A 268 -28.17 -32.17 -37.75
N PRO A 269 -28.46 -32.45 -36.45
CA PRO A 269 -27.39 -32.65 -35.46
C PRO A 269 -26.53 -33.86 -35.87
N LEU A 270 -25.23 -33.80 -35.55
CA LEU A 270 -24.26 -34.88 -35.79
C LEU A 270 -24.21 -35.78 -34.57
N THR A 271 -23.97 -37.05 -34.81
CA THR A 271 -23.70 -38.07 -33.78
C THR A 271 -22.35 -38.70 -34.14
N LEU A 272 -21.41 -38.69 -33.20
CA LEU A 272 -20.11 -39.39 -33.35
C LEU A 272 -20.07 -40.56 -32.36
N ARG A 273 -19.52 -41.67 -32.84
CA ARG A 273 -19.25 -42.88 -32.06
C ARG A 273 -17.80 -43.26 -32.35
N TRP A 274 -17.06 -43.69 -31.33
CA TRP A 274 -15.67 -44.15 -31.50
C TRP A 274 -15.67 -45.19 -32.62
N GLU A 275 -14.93 -44.92 -33.70
CA GLU A 275 -14.78 -45.88 -34.83
C GLU A 275 -13.37 -46.48 -34.76
N PRO A 276 -13.24 -47.72 -34.21
CA PRO A 276 -11.96 -48.45 -34.24
C PRO A 276 -11.39 -48.44 -35.66
N MET B 1 -15.99 -6.80 -1.15
CA MET B 1 -16.44 -6.96 -2.52
C MET B 1 -16.08 -8.37 -3.02
N ILE B 2 -16.74 -8.78 -4.10
CA ILE B 2 -16.49 -10.13 -4.70
C ILE B 2 -15.30 -10.00 -5.65
N GLN B 3 -14.55 -11.09 -5.74
CA GLN B 3 -13.53 -11.29 -6.79
C GLN B 3 -13.78 -12.68 -7.35
N ARG B 4 -13.20 -12.99 -8.51
CA ARG B 4 -13.36 -14.34 -9.11
C ARG B 4 -12.01 -14.77 -9.70
N THR B 5 -11.62 -16.01 -9.46
CA THR B 5 -10.34 -16.56 -9.95
C THR B 5 -10.41 -16.81 -11.45
N PRO B 6 -9.30 -16.63 -12.17
CA PRO B 6 -9.26 -16.88 -13.61
C PRO B 6 -9.31 -18.37 -13.96
N LYS B 7 -10.12 -18.70 -14.95
CA LYS B 7 -10.07 -20.01 -15.66
C LYS B 7 -9.08 -19.86 -16.81
N ILE B 8 -8.37 -20.93 -17.13
CA ILE B 8 -7.30 -20.89 -18.15
C ILE B 8 -7.47 -22.08 -19.10
N GLN B 9 -7.47 -21.83 -20.40
CA GLN B 9 -7.30 -22.89 -21.42
C GLN B 9 -6.13 -22.51 -22.30
N VAL B 10 -5.29 -23.47 -22.60
CA VAL B 10 -4.10 -23.29 -23.48
C VAL B 10 -4.23 -24.26 -24.64
N TYR B 11 -4.14 -23.76 -25.85
CA TYR B 11 -4.50 -24.56 -27.05
C TYR B 11 -3.97 -23.85 -28.28
N SER B 12 -3.88 -24.60 -29.37
CA SER B 12 -3.47 -24.04 -30.67
C SER B 12 -4.71 -23.66 -31.48
N ARG B 13 -4.55 -22.70 -32.38
CA ARG B 13 -5.62 -22.25 -33.29
C ARG B 13 -6.07 -23.42 -34.19
N HIS B 14 -5.11 -24.14 -34.79
CA HIS B 14 -5.38 -25.32 -35.65
C HIS B 14 -4.76 -26.55 -34.99
N PRO B 15 -5.21 -27.77 -35.34
CA PRO B 15 -4.54 -28.97 -34.85
C PRO B 15 -3.02 -28.89 -35.11
N ALA B 16 -2.22 -29.16 -34.08
CA ALA B 16 -0.75 -29.02 -34.07
C ALA B 16 -0.13 -30.04 -35.03
N GLU B 17 0.74 -29.58 -35.90
CA GLU B 17 1.59 -30.42 -36.76
C GLU B 17 3.03 -29.95 -36.59
N ASN B 18 3.93 -30.85 -36.19
CA ASN B 18 5.34 -30.48 -35.93
C ASN B 18 5.90 -29.83 -37.20
N GLY B 19 6.52 -28.66 -37.08
CA GLY B 19 7.18 -27.97 -38.20
C GLY B 19 6.22 -27.10 -39.00
N LYS B 20 4.93 -27.03 -38.64
CA LYS B 20 3.92 -26.22 -39.38
C LYS B 20 3.51 -25.02 -38.52
N SER B 21 3.57 -23.81 -39.08
CA SER B 21 3.23 -22.55 -38.39
C SER B 21 1.77 -22.64 -37.87
N ASN B 22 1.52 -22.06 -36.71
CA ASN B 22 0.24 -22.16 -35.97
C ASN B 22 0.17 -20.93 -35.06
N PHE B 23 -0.84 -20.86 -34.19
CA PHE B 23 -0.95 -19.83 -33.13
C PHE B 23 -1.17 -20.54 -31.82
N LEU B 24 -0.44 -20.12 -30.79
CA LEU B 24 -0.61 -20.59 -29.40
C LEU B 24 -1.53 -19.61 -28.70
N ASN B 25 -2.61 -20.13 -28.12
CA ASN B 25 -3.64 -19.31 -27.44
C ASN B 25 -3.64 -19.63 -25.95
N CYS B 26 -3.80 -18.59 -25.15
CA CYS B 26 -4.15 -18.72 -23.73
C CYS B 26 -5.40 -17.91 -23.48
N TYR B 27 -6.50 -18.60 -23.24
CA TYR B 27 -7.82 -17.99 -23.05
C TYR B 27 -8.08 -17.93 -21.55
N VAL B 28 -8.14 -16.70 -21.02
CA VAL B 28 -8.31 -16.44 -19.57
C VAL B 28 -9.69 -15.83 -19.39
N SER B 29 -10.51 -16.42 -18.55
CA SER B 29 -11.96 -16.05 -18.43
C SER B 29 -12.43 -16.23 -17.00
N GLY B 30 -13.63 -15.72 -16.72
CA GLY B 30 -14.32 -15.89 -15.45
C GLY B 30 -13.67 -15.09 -14.31
N PHE B 31 -12.80 -14.14 -14.58
CA PHE B 31 -12.06 -13.41 -13.51
C PHE B 31 -12.64 -12.03 -13.23
N HIS B 32 -12.38 -11.55 -12.01
CA HIS B 32 -12.73 -10.20 -11.52
C HIS B 32 -11.81 -9.90 -10.34
N PRO B 33 -11.16 -8.72 -10.24
CA PRO B 33 -11.25 -7.65 -11.22
C PRO B 33 -10.40 -7.84 -12.50
N SER B 34 -10.37 -6.82 -13.35
CA SER B 34 -9.90 -6.87 -14.76
C SER B 34 -8.37 -6.93 -14.82
N ASP B 35 -7.65 -6.34 -13.86
CA ASP B 35 -6.15 -6.30 -13.87
C ASP B 35 -5.63 -7.74 -13.81
N ILE B 36 -4.79 -8.13 -14.76
CA ILE B 36 -4.27 -9.54 -14.83
C ILE B 36 -2.94 -9.52 -15.60
N GLU B 37 -2.06 -10.45 -15.27
CA GLU B 37 -0.76 -10.65 -15.94
C GLU B 37 -0.78 -12.05 -16.55
N VAL B 38 -0.54 -12.14 -17.85
CA VAL B 38 -0.56 -13.43 -18.59
C VAL B 38 0.74 -13.51 -19.41
N ASP B 39 1.50 -14.57 -19.22
CA ASP B 39 2.72 -14.87 -20.02
C ASP B 39 2.50 -16.20 -20.73
N LEU B 40 2.94 -16.29 -21.97
CA LEU B 40 3.10 -17.58 -22.68
C LEU B 40 4.55 -18.01 -22.47
N LEU B 41 4.76 -19.28 -22.12
CA LEU B 41 6.11 -19.82 -21.82
C LEU B 41 6.50 -20.83 -22.90
N LYS B 42 7.75 -20.78 -23.34
CA LYS B 42 8.40 -21.82 -24.16
C LYS B 42 9.57 -22.38 -23.38
N ASN B 43 9.50 -23.67 -22.99
CA ASN B 43 10.53 -24.35 -22.19
C ASN B 43 10.85 -23.49 -20.95
N GLY B 44 9.81 -22.97 -20.30
CA GLY B 44 9.90 -22.21 -19.03
C GLY B 44 10.39 -20.78 -19.20
N GLU B 45 10.55 -20.30 -20.43
CA GLU B 45 11.00 -18.91 -20.70
C GLU B 45 9.85 -18.10 -21.30
N ARG B 46 9.70 -16.87 -20.84
CA ARG B 46 8.66 -15.92 -21.31
C ARG B 46 8.83 -15.68 -22.81
N ILE B 47 7.78 -15.85 -23.59
CA ILE B 47 7.74 -15.48 -25.03
C ILE B 47 7.48 -13.97 -25.09
N GLU B 48 8.25 -13.25 -25.90
CA GLU B 48 8.11 -11.79 -26.10
C GLU B 48 7.04 -11.54 -27.16
N LYS B 49 6.46 -10.34 -27.25
CA LYS B 49 5.62 -9.89 -28.40
C LYS B 49 4.24 -10.58 -28.39
N VAL B 50 3.83 -11.18 -27.28
CA VAL B 50 2.48 -11.80 -27.14
C VAL B 50 1.41 -10.70 -27.24
N GLU B 51 0.33 -10.97 -27.97
CA GLU B 51 -0.76 -9.98 -28.18
C GLU B 51 -1.99 -10.45 -27.41
N HIS B 52 -2.95 -9.56 -27.20
CA HIS B 52 -4.21 -9.94 -26.52
C HIS B 52 -5.38 -9.18 -27.10
N SER B 53 -6.57 -9.76 -26.96
CA SER B 53 -7.84 -9.19 -27.40
C SER B 53 -8.21 -8.04 -26.47
N ASP B 54 -9.19 -7.25 -26.89
CA ASP B 54 -9.76 -6.14 -26.11
C ASP B 54 -10.59 -6.70 -24.95
N LEU B 55 -10.43 -6.12 -23.77
CA LEU B 55 -11.16 -6.52 -22.56
C LEU B 55 -12.66 -6.49 -22.79
N SER B 56 -13.31 -7.58 -22.49
CA SER B 56 -14.78 -7.69 -22.51
C SER B 56 -15.19 -8.59 -21.36
N PHE B 57 -16.49 -8.80 -21.18
CA PHE B 57 -17.00 -9.57 -20.03
C PHE B 57 -18.28 -10.31 -20.40
N SER B 58 -18.59 -11.29 -19.56
CA SER B 58 -19.69 -12.27 -19.74
C SER B 58 -20.92 -11.82 -18.94
N LYS B 59 -22.00 -12.61 -19.03
CA LYS B 59 -23.31 -12.33 -18.39
C LYS B 59 -23.16 -12.12 -16.87
N ASP B 60 -22.22 -12.80 -16.21
CA ASP B 60 -22.01 -12.72 -14.74
C ASP B 60 -21.04 -11.57 -14.40
N TRP B 61 -20.67 -10.74 -15.36
CA TRP B 61 -19.78 -9.54 -15.24
C TRP B 61 -18.29 -9.93 -15.19
N SER B 62 -17.97 -11.22 -15.23
CA SER B 62 -16.58 -11.72 -15.18
C SER B 62 -15.91 -11.47 -16.53
N PHE B 63 -14.62 -11.15 -16.49
CA PHE B 63 -13.85 -10.70 -17.67
C PHE B 63 -13.28 -11.90 -18.41
N TYR B 64 -12.95 -11.69 -19.68
CA TYR B 64 -12.19 -12.65 -20.50
C TYR B 64 -11.28 -11.93 -21.47
N LEU B 65 -10.17 -12.59 -21.76
CA LEU B 65 -9.10 -12.11 -22.65
C LEU B 65 -8.51 -13.32 -23.37
N LEU B 66 -8.15 -13.13 -24.64
CA LEU B 66 -7.33 -14.11 -25.40
C LEU B 66 -5.93 -13.53 -25.57
N TYR B 67 -4.92 -14.25 -25.10
CA TYR B 67 -3.49 -13.98 -25.36
C TYR B 67 -3.02 -14.97 -26.43
N TYR B 68 -2.24 -14.49 -27.39
CA TYR B 68 -1.82 -15.36 -28.52
C TYR B 68 -0.48 -14.91 -29.09
N THR B 69 0.20 -15.87 -29.69
CA THR B 69 1.45 -15.66 -30.45
C THR B 69 1.49 -16.69 -31.58
N GLU B 70 2.05 -16.30 -32.73
CA GLU B 70 2.43 -17.22 -33.82
C GLU B 70 3.55 -18.13 -33.29
N PHE B 71 3.51 -19.41 -33.64
CA PHE B 71 4.56 -20.36 -33.21
C PHE B 71 4.57 -21.56 -34.16
N THR B 72 5.69 -22.27 -34.15
CA THR B 72 5.86 -23.53 -34.89
C THR B 72 6.11 -24.63 -33.87
N PRO B 73 5.10 -25.47 -33.54
CA PRO B 73 5.33 -26.57 -32.62
C PRO B 73 6.35 -27.58 -33.20
N THR B 74 7.16 -28.14 -32.30
CA THR B 74 8.10 -29.26 -32.56
C THR B 74 7.87 -30.34 -31.50
N GLU B 75 8.48 -31.51 -31.65
CA GLU B 75 8.22 -32.68 -30.78
C GLU B 75 8.67 -32.39 -29.35
N LYS B 76 9.75 -31.63 -29.15
CA LYS B 76 10.36 -31.49 -27.81
C LYS B 76 10.04 -30.16 -27.14
N ASP B 77 9.57 -29.13 -27.85
CA ASP B 77 9.27 -27.83 -27.17
C ASP B 77 8.01 -27.96 -26.33
N GLU B 78 8.07 -27.54 -25.06
CA GLU B 78 6.92 -27.49 -24.13
C GLU B 78 6.45 -26.03 -24.03
N TYR B 79 5.14 -25.83 -24.05
CA TYR B 79 4.52 -24.50 -23.95
C TYR B 79 3.58 -24.52 -22.76
N ALA B 80 3.42 -23.36 -22.15
CA ALA B 80 2.53 -23.18 -21.00
C ALA B 80 2.03 -21.75 -21.01
N CYS B 81 0.96 -21.54 -20.26
CA CYS B 81 0.42 -20.21 -19.95
C CYS B 81 0.59 -19.99 -18.45
N ARG B 82 1.08 -18.81 -18.04
CA ARG B 82 1.29 -18.47 -16.62
C ARG B 82 0.49 -17.21 -16.31
N VAL B 83 -0.38 -17.27 -15.31
CA VAL B 83 -1.33 -16.18 -14.95
C VAL B 83 -1.04 -15.71 -13.53
N ASN B 84 -0.96 -14.40 -13.36
CA ASN B 84 -1.01 -13.75 -12.04
C ASN B 84 -2.24 -12.85 -11.96
N HIS B 85 -2.84 -12.82 -10.78
CA HIS B 85 -4.14 -12.16 -10.52
C HIS B 85 -4.25 -12.01 -9.00
N VAL B 86 -4.88 -10.93 -8.56
CA VAL B 86 -5.04 -10.63 -7.11
C VAL B 86 -5.66 -11.82 -6.36
N THR B 87 -6.47 -12.67 -7.02
CA THR B 87 -7.16 -13.82 -6.40
C THR B 87 -6.27 -15.05 -6.19
N LEU B 88 -5.08 -15.10 -6.80
CA LEU B 88 -4.18 -16.28 -6.76
C LEU B 88 -3.12 -16.07 -5.67
N SER B 89 -2.79 -17.11 -4.91
CA SER B 89 -1.73 -17.07 -3.88
C SER B 89 -0.35 -17.26 -4.55
N GLN B 90 -0.32 -17.81 -5.77
CA GLN B 90 0.93 -18.05 -6.55
C GLN B 90 0.58 -18.05 -8.03
N PRO B 91 1.56 -17.88 -8.95
CA PRO B 91 1.27 -17.93 -10.37
C PRO B 91 0.58 -19.26 -10.72
N LYS B 92 -0.40 -19.20 -11.60
CA LYS B 92 -1.13 -20.41 -12.05
C LYS B 92 -0.60 -20.77 -13.44
N ILE B 93 -0.06 -21.98 -13.59
CA ILE B 93 0.53 -22.49 -14.85
C ILE B 93 -0.41 -23.58 -15.41
N VAL B 94 -0.78 -23.45 -16.68
CA VAL B 94 -1.40 -24.56 -17.44
C VAL B 94 -0.48 -24.92 -18.61
N LYS B 95 -0.03 -26.17 -18.67
CA LYS B 95 0.82 -26.67 -19.77
C LYS B 95 -0.05 -26.98 -20.99
N TRP B 96 0.44 -26.64 -22.18
CA TRP B 96 -0.23 -26.95 -23.46
C TRP B 96 -0.21 -28.47 -23.66
N ASP B 97 -1.40 -29.06 -23.79
CA ASP B 97 -1.58 -30.47 -24.20
C ASP B 97 -2.22 -30.43 -25.59
N ARG B 98 -1.61 -31.07 -26.58
CA ARG B 98 -2.00 -30.95 -28.02
C ARG B 98 -3.46 -31.39 -28.26
N ASP B 99 -4.00 -32.27 -27.41
CA ASP B 99 -5.37 -32.82 -27.52
C ASP B 99 -6.25 -32.27 -26.40
N MET B 100 -6.08 -30.98 -26.05
CA MET B 100 -6.98 -30.30 -25.09
C MET B 100 -7.14 -28.83 -25.46
N VAL C 1 -23.59 1.72 -33.77
CA VAL C 1 -23.25 3.00 -33.05
C VAL C 1 -23.50 2.78 -31.52
N VAL C 2 -22.77 3.66 -30.74
CA VAL C 2 -23.00 3.93 -29.28
C VAL C 2 -24.31 4.73 -29.15
N VAL C 3 -24.87 4.71 -27.90
CA VAL C 3 -25.99 5.58 -27.41
C VAL C 3 -25.49 7.04 -27.47
N GLY C 4 -26.42 8.00 -27.70
CA GLY C 4 -26.16 9.46 -27.71
C GLY C 4 -25.63 9.90 -26.31
N GLY C 7 -26.20 11.21 -21.19
CA GLY C 7 -26.13 10.27 -20.05
C GLY C 7 -26.38 10.97 -18.72
N VAL C 8 -27.26 10.43 -17.88
CA VAL C 8 -27.65 11.03 -16.58
C VAL C 8 -26.80 10.44 -15.45
N GLY C 9 -26.07 11.27 -14.71
CA GLY C 9 -25.15 10.82 -13.65
C GLY C 9 -25.84 9.91 -12.66
N LYS C 10 -25.12 8.92 -12.11
CA LYS C 10 -25.68 7.99 -11.10
C LYS C 10 -25.78 8.71 -9.76
N GLY D 1 14.47 49.86 6.85
CA GLY D 1 15.39 48.73 6.59
C GLY D 1 15.07 48.06 5.25
N SER D 2 15.79 46.98 4.99
CA SER D 2 15.64 46.11 3.80
C SER D 2 14.37 45.26 3.97
N HIS D 3 13.80 44.83 2.85
CA HIS D 3 12.58 43.98 2.82
C HIS D 3 12.78 42.86 1.80
N SER D 4 12.00 41.80 1.99
CA SER D 4 12.03 40.60 1.12
C SER D 4 10.60 40.22 0.76
N MET D 5 10.46 39.60 -0.40
CA MET D 5 9.19 38.95 -0.79
C MET D 5 9.62 37.53 -1.15
N ARG D 6 8.95 36.52 -0.61
CA ARG D 6 9.29 35.10 -0.89
C ARG D 6 8.00 34.33 -1.15
N TYR D 7 8.13 33.41 -2.10
CA TYR D 7 7.07 32.42 -2.37
C TYR D 7 7.68 31.03 -2.10
N PHE D 8 6.91 30.17 -1.47
CA PHE D 8 7.25 28.80 -1.08
C PHE D 8 6.18 27.87 -1.65
N TYR D 9 6.58 26.97 -2.53
CA TYR D 9 5.70 25.98 -3.19
C TYR D 9 6.09 24.59 -2.69
N THR D 10 5.09 23.77 -2.39
CA THR D 10 5.26 22.35 -2.03
C THR D 10 4.29 21.51 -2.88
N SER D 11 4.83 20.57 -3.65
CA SER D 11 4.07 19.55 -4.43
C SER D 11 4.43 18.16 -3.94
N VAL D 12 3.41 17.41 -3.50
CA VAL D 12 3.61 16.06 -2.92
C VAL D 12 2.78 15.08 -3.74
N SER D 13 3.43 14.11 -4.39
CA SER D 13 2.75 12.99 -5.08
C SER D 13 2.07 12.11 -4.03
N ARG D 14 0.91 11.55 -4.38
CA ARG D 14 0.12 10.67 -3.49
C ARG D 14 -0.31 9.40 -4.25
N PRO D 15 0.64 8.53 -4.63
CA PRO D 15 0.28 7.28 -5.30
C PRO D 15 -0.69 6.44 -4.44
N GLY D 16 -1.67 5.84 -5.12
CA GLY D 16 -2.74 5.04 -4.50
C GLY D 16 -3.79 5.93 -3.83
N ARG D 17 -3.69 7.26 -3.94
CA ARG D 17 -4.68 8.20 -3.34
C ARG D 17 -5.23 9.18 -4.39
N GLY D 18 -4.41 10.01 -5.05
CA GLY D 18 -4.90 10.99 -6.02
C GLY D 18 -3.79 11.81 -6.66
N GLU D 19 -4.16 12.91 -7.31
CA GLU D 19 -3.23 13.90 -7.91
C GLU D 19 -2.36 14.50 -6.80
N PRO D 20 -1.16 15.05 -7.16
CA PRO D 20 -0.33 15.70 -6.16
C PRO D 20 -1.06 16.81 -5.40
N ARG D 21 -0.74 16.94 -4.12
CA ARG D 21 -1.12 18.08 -3.25
C ARG D 21 -0.16 19.23 -3.58
N PHE D 22 -0.67 20.37 -4.00
CA PHE D 22 0.10 21.62 -4.24
C PHE D 22 -0.32 22.69 -3.22
N ILE D 23 0.67 23.24 -2.49
CA ILE D 23 0.47 24.35 -1.53
C ILE D 23 1.48 25.46 -1.87
N ALA D 24 1.00 26.68 -2.05
CA ALA D 24 1.81 27.90 -2.26
C ALA D 24 1.51 28.88 -1.13
N VAL D 25 2.55 29.52 -0.61
CA VAL D 25 2.38 30.62 0.38
C VAL D 25 3.34 31.73 -0.03
N GLY D 26 2.89 32.97 0.11
CA GLY D 26 3.65 34.18 -0.18
C GLY D 26 3.88 34.97 1.10
N TYR D 27 5.10 35.47 1.29
CA TYR D 27 5.51 36.28 2.45
C TYR D 27 6.10 37.62 2.00
N VAL D 28 5.80 38.69 2.72
CA VAL D 28 6.64 39.92 2.75
C VAL D 28 7.31 39.95 4.12
N ASP D 29 8.63 39.90 4.17
CA ASP D 29 9.40 39.73 5.42
C ASP D 29 8.81 38.49 6.10
N ASP D 30 8.42 38.58 7.37
CA ASP D 30 7.91 37.40 8.14
C ASP D 30 6.38 37.42 8.17
N THR D 31 5.72 38.14 7.27
CA THR D 31 4.25 38.28 7.24
C THR D 31 3.73 37.51 6.03
N GLN D 32 2.95 36.45 6.27
CA GLN D 32 2.30 35.70 5.16
C GLN D 32 1.19 36.60 4.61
N PHE D 33 0.97 36.63 3.29
CA PHE D 33 -0.09 37.47 2.71
C PHE D 33 -0.97 36.71 1.70
N VAL D 34 -0.53 35.58 1.14
CA VAL D 34 -1.40 34.77 0.23
C VAL D 34 -1.18 33.28 0.46
N ARG D 35 -2.16 32.49 0.05
CA ARG D 35 -2.00 31.02 -0.04
C ARG D 35 -2.78 30.50 -1.24
N PHE D 36 -2.39 29.33 -1.70
CA PHE D 36 -3.17 28.48 -2.61
C PHE D 36 -3.01 27.06 -2.10
N ASP D 37 -4.11 26.31 -2.05
CA ASP D 37 -4.11 24.88 -1.67
C ASP D 37 -4.97 24.13 -2.69
N SER D 38 -4.36 23.23 -3.47
CA SER D 38 -5.03 22.46 -4.54
C SER D 38 -6.20 21.65 -3.98
N ASP D 39 -6.20 21.32 -2.68
CA ASP D 39 -7.26 20.52 -2.03
C ASP D 39 -8.43 21.39 -1.55
N ALA D 40 -8.26 22.71 -1.45
CA ALA D 40 -9.29 23.61 -0.89
C ALA D 40 -10.40 23.80 -1.93
N ALA D 41 -11.60 24.15 -1.48
CA ALA D 41 -12.82 24.23 -2.31
C ALA D 41 -12.72 25.39 -3.31
N SER D 42 -12.18 26.55 -2.91
CA SER D 42 -12.18 27.79 -3.72
C SER D 42 -11.47 27.56 -5.07
N GLN D 43 -10.38 26.79 -5.10
CA GLN D 43 -9.43 26.72 -6.24
C GLN D 43 -8.95 28.13 -6.63
N ARG D 44 -8.72 29.00 -5.66
CA ARG D 44 -8.30 30.42 -5.86
C ARG D 44 -7.09 30.70 -4.96
N MET D 45 -6.18 31.55 -5.44
CA MET D 45 -5.25 32.26 -4.54
C MET D 45 -6.13 33.03 -3.55
N GLU D 46 -5.82 32.97 -2.26
CA GLU D 46 -6.63 33.58 -1.18
C GLU D 46 -5.79 34.56 -0.36
N PRO D 47 -6.41 35.66 0.12
CA PRO D 47 -5.72 36.63 0.99
C PRO D 47 -5.45 36.07 2.38
N ARG D 48 -4.29 36.39 2.96
CA ARG D 48 -3.93 35.95 4.34
C ARG D 48 -3.38 37.11 5.17
N ALA D 49 -3.44 38.34 4.64
CA ALA D 49 -3.11 39.58 5.36
C ALA D 49 -4.12 40.65 5.00
N PRO D 50 -4.50 41.55 5.94
CA PRO D 50 -5.53 42.55 5.66
C PRO D 50 -5.24 43.48 4.48
N TRP D 51 -3.97 43.88 4.34
CA TRP D 51 -3.55 44.89 3.35
C TRP D 51 -3.56 44.33 1.92
N ILE D 52 -3.66 43.00 1.70
CA ILE D 52 -3.77 42.43 0.33
C ILE D 52 -5.25 42.36 -0.09
N GLU D 53 -6.19 42.49 0.86
CA GLU D 53 -7.65 42.36 0.56
C GLU D 53 -8.08 43.48 -0.39
N GLN D 54 -7.38 44.62 -0.43
CA GLN D 54 -7.74 45.75 -1.34
C GLN D 54 -7.35 45.48 -2.80
N GLU D 55 -6.61 44.42 -3.09
CA GLU D 55 -6.33 44.05 -4.52
C GLU D 55 -7.67 43.63 -5.13
N GLY D 56 -7.97 44.10 -6.32
CA GLY D 56 -9.25 43.78 -6.97
C GLY D 56 -9.28 42.39 -7.57
N PRO D 57 -10.44 41.96 -8.09
CA PRO D 57 -10.59 40.62 -8.63
C PRO D 57 -9.60 40.22 -9.74
N GLU D 58 -9.16 41.17 -10.56
CA GLU D 58 -8.18 40.86 -11.64
C GLU D 58 -6.89 40.33 -11.02
N TYR D 59 -6.46 40.90 -9.91
CA TYR D 59 -5.26 40.40 -9.19
C TYR D 59 -5.47 38.93 -8.82
N TRP D 60 -6.58 38.63 -8.16
CA TRP D 60 -6.83 37.24 -7.70
C TRP D 60 -6.91 36.28 -8.89
N ASP D 61 -7.54 36.72 -9.98
CA ASP D 61 -7.64 35.88 -11.19
C ASP D 61 -6.23 35.57 -11.74
N GLN D 62 -5.42 36.61 -11.95
CA GLN D 62 -4.07 36.43 -12.53
C GLN D 62 -3.19 35.57 -11.59
N GLU D 63 -3.23 35.86 -10.29
CA GLU D 63 -2.40 35.07 -9.34
C GLU D 63 -2.88 33.61 -9.34
N THR D 64 -4.19 33.40 -9.37
CA THR D 64 -4.75 32.02 -9.41
C THR D 64 -4.28 31.31 -10.69
N ARG D 65 -4.40 31.96 -11.84
CA ARG D 65 -4.01 31.34 -13.13
C ARG D 65 -2.53 30.97 -13.07
N ASN D 66 -1.68 31.88 -12.60
CA ASN D 66 -0.21 31.66 -12.63
C ASN D 66 0.17 30.55 -11.65
N VAL D 67 -0.38 30.55 -10.44
CA VAL D 67 -0.01 29.52 -9.43
C VAL D 67 -0.57 28.16 -9.86
N LYS D 68 -1.76 28.11 -10.46
CA LYS D 68 -2.31 26.82 -10.97
C LYS D 68 -1.41 26.27 -12.08
N ALA D 69 -0.95 27.12 -13.00
CA ALA D 69 -0.04 26.72 -14.10
C ALA D 69 1.23 26.12 -13.49
N GLN D 70 1.78 26.74 -12.43
CA GLN D 70 2.97 26.19 -11.75
C GLN D 70 2.64 24.85 -11.09
N SER D 71 1.46 24.69 -10.49
CA SER D 71 1.09 23.37 -9.87
C SER D 71 1.10 22.28 -10.95
N GLN D 72 0.67 22.58 -12.18
CA GLN D 72 0.64 21.61 -13.32
C GLN D 72 2.07 21.28 -13.79
N THR D 73 2.94 22.28 -13.91
CA THR D 73 4.39 22.06 -14.20
C THR D 73 4.98 21.11 -13.15
N ASP D 74 4.70 21.35 -11.87
CA ASP D 74 5.25 20.54 -10.75
C ASP D 74 4.72 19.10 -10.84
N ARG D 75 3.45 18.94 -11.20
CA ARG D 75 2.86 17.61 -11.40
C ARG D 75 3.65 16.86 -12.46
N VAL D 76 3.94 17.50 -13.60
CA VAL D 76 4.72 16.88 -14.71
C VAL D 76 6.12 16.58 -14.18
N ASP D 77 6.73 17.51 -13.47
CA ASP D 77 8.13 17.42 -12.96
C ASP D 77 8.25 16.27 -11.95
N LEU D 78 7.22 16.00 -11.13
CA LEU D 78 7.25 14.84 -10.20
C LEU D 78 7.45 13.56 -11.01
N GLY D 79 6.77 13.42 -12.15
CA GLY D 79 6.88 12.26 -13.04
C GLY D 79 8.27 12.19 -13.67
N THR D 80 8.78 13.32 -14.17
CA THR D 80 10.11 13.44 -14.81
C THR D 80 11.19 13.04 -13.82
N LEU D 81 11.20 13.61 -12.62
CA LEU D 81 12.26 13.36 -11.62
C LEU D 81 12.16 11.91 -11.11
N ARG D 82 10.95 11.35 -10.96
CA ARG D 82 10.80 9.90 -10.63
C ARG D 82 11.55 9.08 -11.70
N GLY D 83 11.39 9.44 -12.98
CA GLY D 83 12.12 8.86 -14.11
C GLY D 83 13.63 9.05 -13.96
N TYR D 84 14.10 10.25 -13.65
CA TYR D 84 15.56 10.56 -13.55
C TYR D 84 16.21 9.70 -12.48
N TYR D 85 15.53 9.44 -11.36
CA TYR D 85 16.10 8.68 -10.22
C TYR D 85 15.68 7.21 -10.28
N ASN D 86 14.95 6.79 -11.32
CA ASN D 86 14.51 5.38 -11.53
C ASN D 86 13.75 4.88 -10.31
N GLN D 87 12.81 5.68 -9.82
CA GLN D 87 12.01 5.39 -8.60
C GLN D 87 10.68 4.73 -9.01
N SER D 88 10.16 3.84 -8.15
CA SER D 88 8.85 3.17 -8.35
C SER D 88 7.71 4.22 -8.38
N GLU D 89 6.58 3.85 -8.98
CA GLU D 89 5.31 4.62 -8.97
C GLU D 89 4.66 4.54 -7.58
N ASP D 90 5.23 3.77 -6.64
CA ASP D 90 4.62 3.46 -5.32
C ASP D 90 4.92 4.50 -4.25
N GLY D 91 6.05 5.22 -4.35
CA GLY D 91 6.51 6.10 -3.27
C GLY D 91 5.93 7.50 -3.43
N SER D 92 5.69 8.19 -2.31
CA SER D 92 5.40 9.65 -2.28
C SER D 92 6.71 10.43 -2.44
N HIS D 93 6.75 11.45 -3.30
CA HIS D 93 7.93 12.35 -3.43
C HIS D 93 7.46 13.81 -3.37
N THR D 94 8.40 14.70 -3.04
CA THR D 94 8.12 16.12 -2.78
C THR D 94 9.05 17.01 -3.62
N ILE D 95 8.46 17.93 -4.39
CA ILE D 95 9.19 19.06 -5.01
C ILE D 95 8.87 20.31 -4.19
N GLN D 96 9.91 21.05 -3.81
CA GLN D 96 9.78 22.36 -3.13
C GLN D 96 10.51 23.41 -3.94
N ILE D 97 9.93 24.60 -3.98
CA ILE D 97 10.47 25.76 -4.71
C ILE D 97 10.38 26.95 -3.76
N MET D 98 11.47 27.67 -3.62
CA MET D 98 11.50 29.00 -2.98
C MET D 98 12.06 29.98 -4.00
N TYR D 99 11.42 31.13 -4.16
CA TYR D 99 11.96 32.25 -4.94
C TYR D 99 11.53 33.57 -4.34
N GLY D 100 12.21 34.64 -4.74
CA GLY D 100 11.85 35.98 -4.25
C GLY D 100 13.00 36.96 -4.40
N CYS D 101 12.76 38.16 -3.91
CA CYS D 101 13.67 39.30 -4.09
C CYS D 101 13.80 40.05 -2.77
N ASP D 102 14.94 40.72 -2.62
CA ASP D 102 15.23 41.63 -1.49
C ASP D 102 15.34 43.02 -2.10
N VAL D 103 14.84 44.01 -1.39
CA VAL D 103 15.02 45.44 -1.72
C VAL D 103 15.65 46.13 -0.50
N GLY D 104 16.43 47.18 -0.75
CA GLY D 104 16.98 48.02 0.31
C GLY D 104 15.93 48.99 0.84
N PRO D 105 16.30 49.83 1.82
CA PRO D 105 15.40 50.88 2.32
C PRO D 105 14.94 51.91 1.29
N ASP D 106 15.59 52.00 0.12
CA ASP D 106 15.19 52.87 -1.03
C ASP D 106 14.21 52.15 -1.95
N GLY D 107 13.84 50.91 -1.62
CA GLY D 107 12.95 50.06 -2.42
C GLY D 107 13.62 49.48 -3.65
N ARG D 108 14.94 49.62 -3.80
CA ARG D 108 15.67 49.15 -5.02
C ARG D 108 16.21 47.72 -4.84
N PHE D 109 16.20 46.97 -5.91
CA PHE D 109 16.64 45.56 -6.00
C PHE D 109 18.01 45.39 -5.33
N LEU D 110 18.14 44.43 -4.42
CA LEU D 110 19.44 43.97 -3.85
C LEU D 110 19.84 42.63 -4.47
N ARG D 111 18.91 41.69 -4.49
CA ARG D 111 19.20 40.27 -4.77
C ARG D 111 17.93 39.51 -5.12
N GLY D 112 18.09 38.51 -5.98
CA GLY D 112 17.01 37.58 -6.34
C GLY D 112 17.44 36.17 -6.05
N TYR D 113 16.47 35.28 -5.89
CA TYR D 113 16.69 33.87 -5.52
C TYR D 113 15.67 33.02 -6.25
N ARG D 114 16.08 31.83 -6.63
CA ARG D 114 15.20 30.74 -7.07
C ARG D 114 15.95 29.45 -6.79
N GLN D 115 15.39 28.62 -5.91
CA GLN D 115 16.01 27.36 -5.45
C GLN D 115 14.94 26.28 -5.41
N ASP D 116 15.27 25.09 -5.89
CA ASP D 116 14.35 23.93 -6.01
C ASP D 116 14.96 22.75 -5.27
N ALA D 117 14.09 21.96 -4.63
CA ALA D 117 14.47 20.74 -3.91
C ALA D 117 13.65 19.57 -4.45
N TYR D 118 14.17 18.37 -4.21
CA TYR D 118 13.47 17.09 -4.40
C TYR D 118 13.72 16.24 -3.17
N ASP D 119 12.65 15.79 -2.53
CA ASP D 119 12.71 14.92 -1.34
C ASP D 119 13.59 15.55 -0.26
N GLY D 120 13.45 16.85 -0.07
CA GLY D 120 14.04 17.58 1.07
C GLY D 120 15.50 17.90 0.86
N LYS D 121 16.03 17.73 -0.36
CA LYS D 121 17.46 17.99 -0.70
C LYS D 121 17.56 18.97 -1.87
N ASP D 122 18.59 19.84 -1.82
CA ASP D 122 18.92 20.73 -2.96
C ASP D 122 18.83 19.94 -4.26
N TYR D 123 18.19 20.51 -5.27
CA TYR D 123 18.10 19.93 -6.64
C TYR D 123 18.83 20.87 -7.62
N ILE D 124 18.29 22.07 -7.83
CA ILE D 124 18.90 23.10 -8.71
C ILE D 124 18.68 24.46 -8.08
N ALA D 125 19.61 25.38 -8.29
CA ALA D 125 19.55 26.75 -7.72
C ALA D 125 20.02 27.75 -8.77
N LEU D 126 19.28 28.86 -8.90
CA LEU D 126 19.74 30.04 -9.66
C LEU D 126 20.91 30.64 -8.87
N ASN D 127 22.02 30.90 -9.54
CA ASN D 127 23.22 31.53 -8.91
C ASN D 127 22.91 33.01 -8.64
N GLU D 128 23.73 33.65 -7.79
CA GLU D 128 23.63 35.08 -7.41
C GLU D 128 23.54 36.00 -8.64
N ASP D 129 24.21 35.70 -9.75
CA ASP D 129 24.25 36.58 -10.96
C ASP D 129 22.93 36.48 -11.75
N LEU D 130 22.05 35.53 -11.41
CA LEU D 130 20.73 35.31 -12.07
C LEU D 130 20.91 34.99 -13.55
N ARG D 131 22.04 34.38 -13.93
CA ARG D 131 22.36 34.06 -15.34
C ARG D 131 22.80 32.61 -15.51
N SER D 132 22.96 31.86 -14.43
CA SER D 132 23.58 30.51 -14.43
C SER D 132 22.99 29.69 -13.26
N TRP D 133 23.11 28.37 -13.34
CA TRP D 133 22.51 27.41 -12.38
C TRP D 133 23.61 26.58 -11.74
N THR D 134 23.35 26.13 -10.52
CA THR D 134 24.10 25.05 -9.82
C THR D 134 23.18 23.84 -9.67
N ALA D 135 23.56 22.72 -10.28
CA ALA D 135 22.88 21.41 -10.16
C ALA D 135 23.51 20.64 -8.99
N ALA D 136 22.70 19.99 -8.15
CA ALA D 136 23.18 19.25 -6.96
C ALA D 136 23.66 17.85 -7.34
N ASP D 137 23.27 17.29 -8.49
CA ASP D 137 23.57 15.89 -8.87
C ASP D 137 23.34 15.70 -10.37
N MET D 138 23.46 14.47 -10.86
CA MET D 138 23.41 14.11 -12.29
C MET D 138 22.01 14.29 -12.87
N ALA D 139 20.97 14.00 -12.09
CA ALA D 139 19.57 14.26 -12.51
C ALA D 139 19.41 15.75 -12.78
N ALA D 140 19.80 16.59 -11.81
CA ALA D 140 19.67 18.06 -11.89
C ALA D 140 20.54 18.62 -13.02
N GLN D 141 21.64 17.95 -13.38
CA GLN D 141 22.47 18.32 -14.57
C GLN D 141 21.58 18.24 -15.82
N ILE D 142 20.68 17.26 -15.90
CA ILE D 142 19.78 17.12 -17.08
C ILE D 142 18.89 18.36 -17.12
N THR D 143 18.32 18.73 -15.97
CA THR D 143 17.46 19.93 -15.85
C THR D 143 18.27 21.17 -16.24
N LYS D 144 19.49 21.30 -15.70
CA LYS D 144 20.36 22.47 -15.97
C LYS D 144 20.51 22.64 -17.49
N ARG D 145 20.81 21.57 -18.22
CA ARG D 145 21.03 21.64 -19.69
C ARG D 145 19.73 22.09 -20.38
N LYS D 146 18.57 21.53 -20.00
CA LYS D 146 17.26 21.94 -20.59
C LYS D 146 17.03 23.43 -20.32
N TRP D 147 17.34 23.88 -19.10
CA TRP D 147 17.06 25.27 -18.65
C TRP D 147 18.03 26.24 -19.35
N GLU D 148 19.28 25.84 -19.57
CA GLU D 148 20.25 26.66 -20.35
C GLU D 148 19.75 26.79 -21.79
N ALA D 149 19.33 25.69 -22.43
CA ALA D 149 18.86 25.68 -23.84
C ALA D 149 17.60 26.54 -24.00
N ALA D 150 16.72 26.59 -23.00
CA ALA D 150 15.45 27.35 -23.03
C ALA D 150 15.65 28.80 -22.57
N HIS D 151 16.85 29.16 -22.10
CA HIS D 151 17.17 30.51 -21.55
C HIS D 151 16.25 30.81 -20.35
N ALA D 152 16.04 29.83 -19.49
CA ALA D 152 15.17 29.94 -18.30
C ALA D 152 15.70 31.01 -17.36
N ALA D 153 17.02 31.19 -17.24
CA ALA D 153 17.61 32.21 -16.33
C ALA D 153 17.05 33.61 -16.69
N GLU D 154 16.89 33.89 -17.97
CA GLU D 154 16.49 35.21 -18.48
C GLU D 154 15.07 35.52 -17.97
N GLN D 155 14.16 34.55 -18.00
CA GLN D 155 12.75 34.70 -17.51
C GLN D 155 12.78 35.00 -16.00
N GLN D 156 13.59 34.27 -15.23
CA GLN D 156 13.71 34.41 -13.76
C GLN D 156 14.25 35.79 -13.46
N ARG D 157 15.31 36.20 -14.17
CA ARG D 157 15.99 37.49 -13.95
C ARG D 157 15.00 38.63 -14.24
N ALA D 158 14.21 38.54 -15.31
CA ALA D 158 13.23 39.58 -15.70
C ALA D 158 12.16 39.71 -14.60
N TYR D 159 11.71 38.62 -14.00
CA TYR D 159 10.71 38.70 -12.90
C TYR D 159 11.37 39.26 -11.65
N LEU D 160 12.54 38.73 -11.29
CA LEU D 160 13.15 39.04 -9.96
C LEU D 160 13.55 40.52 -9.91
N GLU D 161 13.97 41.12 -11.03
CA GLU D 161 14.42 42.53 -11.10
C GLU D 161 13.26 43.44 -11.50
N GLY D 162 12.12 42.87 -11.91
CA GLY D 162 10.95 43.62 -12.45
C GLY D 162 9.73 43.47 -11.55
N ARG D 163 8.77 42.64 -11.91
CA ARG D 163 7.50 42.50 -11.15
C ARG D 163 7.75 42.21 -9.67
N CYS D 164 8.74 41.37 -9.39
CA CYS D 164 9.02 41.00 -7.97
C CYS D 164 9.24 42.27 -7.13
N VAL D 165 10.17 43.14 -7.52
CA VAL D 165 10.50 44.35 -6.72
C VAL D 165 9.37 45.37 -6.85
N GLU D 166 8.75 45.47 -8.03
CA GLU D 166 7.68 46.47 -8.28
C GLU D 166 6.50 46.18 -7.34
N TRP D 167 6.09 44.93 -7.25
CA TRP D 167 4.95 44.55 -6.38
C TRP D 167 5.35 44.54 -4.90
N LEU D 168 6.57 44.11 -4.58
CA LEU D 168 7.05 44.23 -3.16
C LEU D 168 6.95 45.69 -2.71
N ARG D 169 7.35 46.65 -3.53
CA ARG D 169 7.23 48.09 -3.19
C ARG D 169 5.76 48.45 -2.95
N ARG D 170 4.87 47.96 -3.82
CA ARG D 170 3.41 48.25 -3.71
C ARG D 170 2.89 47.65 -2.39
N TYR D 171 3.29 46.44 -2.04
CA TYR D 171 2.77 45.79 -0.81
C TYR D 171 3.29 46.56 0.41
N LEU D 172 4.57 46.94 0.38
CA LEU D 172 5.17 47.71 1.50
C LEU D 172 4.38 49.02 1.68
N GLU D 173 3.89 49.63 0.60
CA GLU D 173 3.11 50.88 0.66
C GLU D 173 1.68 50.58 1.16
N ASN D 174 0.98 49.63 0.56
CA ASN D 174 -0.41 49.28 0.94
C ASN D 174 -0.46 48.76 2.39
N GLY D 175 0.55 48.03 2.85
CA GLY D 175 0.61 47.50 4.22
C GLY D 175 1.49 48.31 5.15
N LYS D 176 1.78 49.58 4.84
CA LYS D 176 2.79 50.38 5.58
C LYS D 176 2.42 50.47 7.08
N GLU D 177 1.13 50.60 7.41
CA GLU D 177 0.60 50.66 8.81
C GLU D 177 1.14 49.48 9.63
N THR D 178 1.40 48.30 9.03
CA THR D 178 1.81 47.07 9.76
C THR D 178 3.21 46.59 9.35
N LEU D 179 3.56 46.61 8.04
CA LEU D 179 4.80 45.95 7.55
C LEU D 179 6.07 46.70 7.94
N GLN D 180 6.01 47.99 8.26
CA GLN D 180 7.20 48.80 8.62
C GLN D 180 7.47 48.79 10.13
N ARG D 181 6.78 47.95 10.91
CA ARG D 181 6.87 47.98 12.39
C ARG D 181 8.12 47.20 12.83
N THR D 182 8.79 47.71 13.84
CA THR D 182 9.82 46.97 14.60
C THR D 182 9.30 46.93 16.04
N ASP D 183 8.67 45.83 16.43
CA ASP D 183 8.18 45.58 17.79
C ASP D 183 9.34 44.96 18.56
N PRO D 184 9.91 45.69 19.54
CA PRO D 184 11.04 45.20 20.31
C PRO D 184 10.58 44.03 21.18
N PRO D 185 11.50 43.11 21.57
CA PRO D 185 11.14 42.06 22.51
C PRO D 185 10.78 42.66 23.89
N LYS D 186 9.75 42.13 24.53
CA LYS D 186 9.49 42.30 25.97
C LYS D 186 10.16 41.12 26.65
N THR D 187 11.06 41.38 27.58
CA THR D 187 11.94 40.35 28.16
C THR D 187 11.66 40.17 29.64
N HIS D 188 11.97 38.97 30.14
CA HIS D 188 12.00 38.67 31.59
C HIS D 188 12.89 37.44 31.78
N MET D 189 13.23 37.14 33.01
CA MET D 189 14.03 35.97 33.36
C MET D 189 13.25 35.15 34.40
N THR D 190 13.31 33.83 34.31
CA THR D 190 12.81 32.92 35.36
C THR D 190 13.99 32.14 35.94
N HIS D 191 13.78 31.61 37.14
CA HIS D 191 14.75 30.81 37.92
C HIS D 191 14.04 29.58 38.48
N HIS D 192 14.49 28.38 38.19
CA HIS D 192 13.96 27.09 38.73
C HIS D 192 15.13 26.24 39.21
N PRO D 193 15.19 25.84 40.50
CA PRO D 193 16.12 24.82 40.95
C PRO D 193 15.93 23.50 40.18
N ILE D 194 17.03 22.86 39.75
CA ILE D 194 16.97 21.52 39.09
C ILE D 194 17.51 20.45 40.05
N SER D 195 18.28 20.87 41.06
CA SER D 195 18.79 20.01 42.16
C SER D 195 19.11 20.91 43.35
N ASP D 196 19.74 20.36 44.40
CA ASP D 196 20.20 21.17 45.56
C ASP D 196 21.37 22.08 45.14
N HIS D 197 22.07 21.75 44.03
CA HIS D 197 23.34 22.43 43.65
C HIS D 197 23.27 23.13 42.28
N GLU D 198 22.16 23.01 41.55
CA GLU D 198 22.03 23.65 40.21
C GLU D 198 20.63 24.25 40.04
N ALA D 199 20.56 25.34 39.26
CA ALA D 199 19.32 26.05 38.90
C ALA D 199 19.35 26.39 37.41
N THR D 200 18.17 26.49 36.80
CA THR D 200 17.97 26.94 35.42
C THR D 200 17.61 28.42 35.47
N LEU D 201 18.35 29.25 34.73
CA LEU D 201 17.94 30.63 34.39
C LEU D 201 17.40 30.56 32.97
N ARG D 202 16.23 31.14 32.75
CA ARG D 202 15.63 31.18 31.39
C ARG D 202 15.37 32.64 31.06
N CYS D 203 15.96 33.07 29.95
CA CYS D 203 15.85 34.43 29.40
C CYS D 203 14.78 34.42 28.29
N TRP D 204 13.71 35.20 28.50
CA TRP D 204 12.54 35.27 27.60
C TRP D 204 12.55 36.51 26.72
N ALA D 205 12.13 36.35 25.48
CA ALA D 205 11.82 37.44 24.53
C ALA D 205 10.45 37.17 23.94
N LEU D 206 9.51 38.09 24.14
CA LEU D 206 8.10 37.93 23.68
C LEU D 206 7.67 39.15 22.87
N GLY D 207 6.73 38.94 21.94
CA GLY D 207 6.00 40.04 21.29
C GLY D 207 6.84 40.81 20.29
N PHE D 208 7.90 40.22 19.73
CA PHE D 208 8.83 40.90 18.80
C PHE D 208 8.51 40.59 17.33
N TYR D 209 8.84 41.56 16.49
CA TYR D 209 8.76 41.50 15.01
C TYR D 209 9.77 42.48 14.45
N PRO D 210 10.57 42.12 13.41
CA PRO D 210 10.54 40.80 12.78
C PRO D 210 11.13 39.67 13.64
N ALA D 211 11.19 38.47 13.07
CA ALA D 211 11.53 37.22 13.80
C ALA D 211 13.01 37.20 14.19
N GLU D 212 13.88 37.84 13.40
N GLU D 212 13.88 37.84 13.40
CA GLU D 212 15.35 37.79 13.61
CA GLU D 212 15.35 37.74 13.62
C GLU D 212 15.65 38.30 15.02
C GLU D 212 15.66 38.29 15.01
N ILE D 213 16.37 37.52 15.82
CA ILE D 213 16.73 37.93 17.21
C ILE D 213 17.96 37.14 17.62
N THR D 214 18.76 37.69 18.51
CA THR D 214 19.87 36.94 19.15
C THR D 214 19.70 37.00 20.67
N LEU D 215 19.67 35.84 21.30
CA LEU D 215 19.78 35.70 22.77
C LEU D 215 21.09 34.97 23.05
N THR D 216 21.96 35.56 23.87
CA THR D 216 23.25 34.97 24.27
C THR D 216 23.39 35.04 25.79
N TRP D 217 23.79 33.94 26.39
CA TRP D 217 24.19 33.86 27.80
C TRP D 217 25.69 34.09 27.90
N GLN D 218 26.11 34.93 28.85
CA GLN D 218 27.52 35.11 29.22
C GLN D 218 27.68 34.74 30.69
N ARG D 219 28.84 34.22 31.04
CA ARG D 219 29.32 34.08 32.43
C ARG D 219 30.55 34.98 32.56
N ASP D 220 30.52 35.95 33.47
CA ASP D 220 31.64 36.91 33.64
C ASP D 220 31.97 37.55 32.28
N GLY D 221 30.97 37.83 31.47
CA GLY D 221 31.19 38.53 30.18
C GLY D 221 31.66 37.61 29.04
N GLU D 222 31.84 36.31 29.27
CA GLU D 222 32.27 35.34 28.24
C GLU D 222 31.07 34.54 27.73
N ASP D 223 30.89 34.51 26.41
CA ASP D 223 29.83 33.72 25.72
C ASP D 223 29.83 32.28 26.25
N GLN D 224 28.68 31.80 26.68
CA GLN D 224 28.44 30.41 27.14
C GLN D 224 27.69 29.66 26.03
N THR D 225 28.16 28.48 25.68
CA THR D 225 27.44 27.50 24.81
C THR D 225 27.14 26.23 25.63
N GLN D 226 28.15 25.69 26.32
CA GLN D 226 27.94 24.56 27.25
C GLN D 226 26.82 24.90 28.24
N ASP D 227 25.99 23.90 28.56
CA ASP D 227 24.92 23.96 29.58
C ASP D 227 23.84 24.98 29.21
N THR D 228 23.68 25.28 27.92
CA THR D 228 22.63 26.20 27.44
C THR D 228 21.62 25.44 26.56
N GLU D 229 20.42 25.99 26.47
CA GLU D 229 19.40 25.49 25.54
C GLU D 229 18.78 26.72 24.87
N LEU D 230 18.81 26.72 23.55
CA LEU D 230 18.19 27.77 22.74
C LEU D 230 17.07 27.15 21.94
N VAL D 231 15.82 27.55 22.16
CA VAL D 231 14.68 26.99 21.34
C VAL D 231 14.59 27.78 20.03
N GLU D 232 13.98 27.16 19.02
CA GLU D 232 13.68 27.86 17.75
C GLU D 232 12.74 29.03 18.02
N THR D 233 12.96 30.12 17.33
CA THR D 233 12.03 31.27 17.32
C THR D 233 10.66 30.75 16.85
N ARG D 234 9.61 31.11 17.55
CA ARG D 234 8.26 30.52 17.33
C ARG D 234 7.24 31.63 17.20
N PRO D 235 6.21 31.42 16.35
CA PRO D 235 5.17 32.42 16.17
C PRO D 235 4.18 32.37 17.34
N ALA D 236 3.78 33.53 17.83
CA ALA D 236 2.75 33.68 18.87
C ALA D 236 1.35 33.44 18.24
N GLY D 237 1.21 33.66 16.94
CA GLY D 237 -0.07 33.57 16.20
C GLY D 237 -0.75 34.92 16.05
N ASP D 238 -0.14 36.01 16.52
CA ASP D 238 -0.73 37.37 16.44
C ASP D 238 0.12 38.30 15.57
N GLY D 239 1.12 37.77 14.89
CA GLY D 239 2.04 38.60 14.08
C GLY D 239 3.32 38.94 14.82
N THR D 240 3.50 38.38 16.03
CA THR D 240 4.78 38.50 16.78
C THR D 240 5.39 37.12 16.98
N PHE D 241 6.62 37.12 17.48
CA PHE D 241 7.46 35.94 17.70
C PHE D 241 7.93 35.93 19.16
N GLN D 242 8.37 34.75 19.56
CA GLN D 242 8.81 34.40 20.92
C GLN D 242 10.09 33.59 20.82
N LYS D 243 10.96 33.70 21.82
CA LYS D 243 12.14 32.82 21.90
C LYS D 243 12.59 32.81 23.37
N TRP D 244 13.25 31.74 23.77
CA TRP D 244 13.96 31.74 25.07
C TRP D 244 15.29 31.03 24.95
N ALA D 245 16.18 31.36 25.87
CA ALA D 245 17.50 30.72 26.05
C ALA D 245 17.66 30.44 27.54
N ALA D 246 18.06 29.22 27.90
CA ALA D 246 18.23 28.78 29.29
C ALA D 246 19.69 28.42 29.51
N VAL D 247 20.16 28.61 30.74
CA VAL D 247 21.49 28.11 31.16
C VAL D 247 21.32 27.44 32.51
N VAL D 248 22.03 26.33 32.71
CA VAL D 248 22.10 25.64 34.01
C VAL D 248 23.34 26.19 34.75
N VAL D 249 23.16 26.67 35.96
CA VAL D 249 24.22 27.37 36.73
C VAL D 249 24.35 26.72 38.08
N PRO D 250 25.54 26.77 38.70
CA PRO D 250 25.70 26.38 40.11
C PRO D 250 24.86 27.30 41.02
N SER D 251 24.12 26.72 41.97
CA SER D 251 23.29 27.46 42.97
C SER D 251 24.17 28.47 43.72
N GLY D 252 23.74 29.72 43.82
CA GLY D 252 24.53 30.82 44.43
C GLY D 252 25.45 31.52 43.45
N GLU D 253 25.49 31.12 42.17
CA GLU D 253 26.38 31.75 41.15
C GLU D 253 25.57 32.48 40.08
N GLU D 254 24.25 32.59 40.29
CA GLU D 254 23.28 33.15 39.31
C GLU D 254 23.74 34.54 38.84
N GLN D 255 24.34 35.33 39.73
CA GLN D 255 24.67 36.77 39.48
C GLN D 255 25.84 36.88 38.50
N ARG D 256 26.55 35.77 38.23
CA ARG D 256 27.70 35.79 37.29
C ARG D 256 27.21 35.73 35.85
N TYR D 257 25.92 35.44 35.64
CA TYR D 257 25.36 35.18 34.30
C TYR D 257 24.54 36.37 33.84
N THR D 258 24.68 36.70 32.55
CA THR D 258 23.89 37.77 31.91
C THR D 258 23.35 37.24 30.60
N CYS D 259 22.14 37.68 30.28
CA CYS D 259 21.47 37.35 29.01
C CYS D 259 21.46 38.62 28.16
N HIS D 260 21.97 38.55 26.92
CA HIS D 260 22.11 39.68 26.00
C HIS D 260 21.11 39.50 24.89
N VAL D 261 20.31 40.53 24.62
CA VAL D 261 19.19 40.46 23.66
C VAL D 261 19.45 41.51 22.59
N GLN D 262 19.55 41.05 21.34
CA GLN D 262 19.74 41.94 20.19
C GLN D 262 18.56 41.78 19.24
N HIS D 263 18.00 42.90 18.82
CA HIS D 263 16.83 42.94 17.93
C HIS D 263 16.78 44.33 17.31
N GLU D 264 16.30 44.40 16.07
CA GLU D 264 16.25 45.62 15.24
C GLU D 264 15.43 46.71 15.95
N GLY D 265 14.44 46.33 16.77
CA GLY D 265 13.51 47.27 17.42
C GLY D 265 14.08 47.85 18.69
N LEU D 266 15.28 47.43 19.11
CA LEU D 266 15.95 47.94 20.32
C LEU D 266 16.93 49.04 19.91
N PRO D 267 16.82 50.26 20.48
CA PRO D 267 17.85 51.28 20.30
C PRO D 267 19.23 50.78 20.76
N LYS D 268 19.29 50.04 21.88
CA LYS D 268 20.56 49.45 22.39
C LYS D 268 20.24 48.04 22.86
N PRO D 269 21.19 47.07 22.77
CA PRO D 269 20.88 45.70 23.22
C PRO D 269 20.59 45.73 24.73
N LEU D 270 19.72 44.82 25.18
CA LEU D 270 19.34 44.65 26.60
C LEU D 270 20.27 43.62 27.19
N THR D 271 20.57 43.81 28.47
CA THR D 271 21.24 42.82 29.32
C THR D 271 20.30 42.55 30.49
N LEU D 272 19.99 41.29 30.73
CA LEU D 272 19.25 40.85 31.95
C LEU D 272 20.20 40.06 32.84
N ARG D 273 20.08 40.29 34.13
CA ARG D 273 20.76 39.53 35.19
C ARG D 273 19.67 39.16 36.21
N TRP D 274 19.74 37.94 36.75
CA TRP D 274 18.74 37.45 37.72
C TRP D 274 18.62 38.50 38.83
N GLU D 275 17.43 39.08 38.97
CA GLU D 275 17.14 40.14 39.97
C GLU D 275 16.29 39.50 41.07
N PRO D 276 16.93 39.13 42.21
CA PRO D 276 16.17 38.75 43.41
C PRO D 276 15.11 39.83 43.71
N MET E 1 15.66 8.49 0.51
CA MET E 1 15.54 9.94 0.71
C MET E 1 15.72 10.28 2.19
N ILE E 2 15.97 11.54 2.51
CA ILE E 2 16.15 11.99 3.91
C ILE E 2 14.76 12.32 4.46
N GLN E 3 14.58 12.07 5.75
CA GLN E 3 13.39 12.46 6.51
C GLN E 3 13.89 13.14 7.77
N ARG E 4 13.06 13.92 8.43
CA ARG E 4 13.47 14.65 9.65
C ARG E 4 12.35 14.59 10.68
N THR E 5 12.70 14.31 11.93
CA THR E 5 11.72 14.24 13.03
C THR E 5 11.23 15.64 13.36
N PRO E 6 9.94 15.77 13.77
CA PRO E 6 9.40 17.06 14.18
C PRO E 6 9.94 17.52 15.53
N LYS E 7 10.23 18.81 15.60
CA LYS E 7 10.43 19.55 16.87
C LYS E 7 9.06 20.07 17.31
N ILE E 8 8.79 20.07 18.60
CA ILE E 8 7.45 20.42 19.14
C ILE E 8 7.63 21.42 20.27
N GLN E 9 6.93 22.53 20.21
CA GLN E 9 6.83 23.49 21.33
C GLN E 9 5.36 23.74 21.58
N VAL E 10 4.99 23.69 22.85
CA VAL E 10 3.59 23.91 23.31
C VAL E 10 3.62 25.10 24.28
N TYR E 11 2.79 26.09 24.02
CA TYR E 11 2.89 27.39 24.73
C TYR E 11 1.62 28.18 24.47
N SER E 12 1.39 29.18 25.31
CA SER E 12 0.26 30.13 25.13
C SER E 12 0.74 31.35 24.34
N ARG E 13 -0.20 32.00 23.66
CA ARG E 13 0.06 33.23 22.89
C ARG E 13 0.52 34.36 23.82
N HIS E 14 -0.16 34.58 24.94
CA HIS E 14 0.22 35.56 25.99
CA HIS E 14 0.26 35.56 25.97
C HIS E 14 0.53 34.82 27.28
N PRO E 15 1.28 35.44 28.21
CA PRO E 15 1.49 34.83 29.52
C PRO E 15 0.14 34.39 30.14
N ALA E 16 0.07 33.14 30.61
CA ALA E 16 -1.16 32.48 31.08
C ALA E 16 -1.59 33.12 32.40
N GLU E 17 -2.86 33.48 32.47
CA GLU E 17 -3.52 33.89 33.73
C GLU E 17 -4.78 33.04 33.88
N ASN E 18 -4.92 32.37 35.01
CA ASN E 18 -6.08 31.48 35.26
C ASN E 18 -7.35 32.31 35.10
N GLY E 19 -8.32 31.84 34.32
CA GLY E 19 -9.61 32.54 34.12
C GLY E 19 -9.58 33.59 33.03
N LYS E 20 -8.44 33.83 32.37
CA LYS E 20 -8.32 34.84 31.28
C LYS E 20 -8.14 34.15 29.93
N SER E 21 -8.96 34.52 28.95
CA SER E 21 -8.95 33.93 27.59
C SER E 21 -7.56 34.13 26.97
N ASN E 22 -7.14 33.15 26.18
CA ASN E 22 -5.76 33.06 25.63
C ASN E 22 -5.85 32.15 24.42
N PHE E 23 -4.71 31.82 23.82
CA PHE E 23 -4.61 30.82 22.71
C PHE E 23 -3.55 29.82 23.10
N LEU E 24 -3.87 28.53 22.93
CA LEU E 24 -2.92 27.42 23.11
C LEU E 24 -2.32 27.10 21.76
N ASN E 25 -0.98 27.11 21.69
CA ASN E 25 -0.23 26.89 20.44
C ASN E 25 0.54 25.59 20.54
N CYS E 26 0.56 24.85 19.44
CA CYS E 26 1.53 23.76 19.24
C CYS E 26 2.26 24.04 17.94
N TYR E 27 3.54 24.38 18.06
CA TYR E 27 4.40 24.75 16.92
C TYR E 27 5.24 23.54 16.58
N VAL E 28 5.01 22.99 15.39
CA VAL E 28 5.73 21.78 14.91
CA VAL E 28 5.73 21.78 14.91
C VAL E 28 6.61 22.22 13.74
N SER E 29 7.90 21.91 13.81
CA SER E 29 8.90 22.43 12.86
C SER E 29 9.99 21.40 12.62
N GLY E 30 10.80 21.64 11.60
CA GLY E 30 12.00 20.85 11.30
C GLY E 30 11.69 19.48 10.76
N PHE E 31 10.46 19.23 10.28
CA PHE E 31 10.06 17.85 9.87
C PHE E 31 10.04 17.72 8.35
N HIS E 32 10.21 16.48 7.91
CA HIS E 32 10.13 16.07 6.48
C HIS E 32 9.82 14.58 6.47
N PRO E 33 8.85 14.07 5.69
CA PRO E 33 8.02 14.86 4.78
C PRO E 33 6.86 15.62 5.46
N SER E 34 5.98 16.22 4.66
CA SER E 34 5.02 17.27 5.07
C SER E 34 3.82 16.67 5.80
N ASP E 35 3.43 15.42 5.52
CA ASP E 35 2.26 14.78 6.15
C ASP E 35 2.52 14.69 7.66
N ILE E 36 1.58 15.19 8.46
CA ILE E 36 1.73 15.19 9.93
C ILE E 36 0.33 15.26 10.56
N GLU E 37 0.18 14.67 11.73
CA GLU E 37 -1.09 14.67 12.50
C GLU E 37 -0.77 15.35 13.82
N VAL E 38 -1.51 16.39 14.18
CA VAL E 38 -1.30 17.17 15.43
C VAL E 38 -2.65 17.33 16.13
N ASP E 39 -2.73 16.89 17.38
CA ASP E 39 -3.90 17.09 18.24
C ASP E 39 -3.48 17.91 19.44
N LEU E 40 -4.35 18.82 19.88
CA LEU E 40 -4.21 19.48 21.20
C LEU E 40 -5.06 18.68 22.18
N LEU E 41 -4.52 18.41 23.36
CA LEU E 41 -5.20 17.60 24.39
C LEU E 41 -5.55 18.48 25.58
N LYS E 42 -6.75 18.29 26.11
CA LYS E 42 -7.19 18.84 27.42
C LYS E 42 -7.52 17.66 28.33
N ASN E 43 -6.74 17.49 29.40
CA ASN E 43 -6.89 16.36 30.36
C ASN E 43 -6.95 15.04 29.58
N GLY E 44 -6.05 14.88 28.60
CA GLY E 44 -5.87 13.65 27.81
C GLY E 44 -6.93 13.45 26.73
N GLU E 45 -7.83 14.41 26.52
CA GLU E 45 -8.91 14.29 25.52
C GLU E 45 -8.65 15.27 24.37
N ARG E 46 -8.88 14.82 23.15
CA ARG E 46 -8.69 15.63 21.92
C ARG E 46 -9.58 16.86 21.96
N ILE E 47 -9.02 18.04 21.76
CA ILE E 47 -9.78 19.30 21.56
C ILE E 47 -10.28 19.33 20.12
N GLU E 48 -11.55 19.67 19.91
CA GLU E 48 -12.23 19.52 18.60
C GLU E 48 -11.86 20.60 17.58
N LYS E 49 -11.86 21.89 17.88
CA LYS E 49 -12.01 22.93 16.81
C LYS E 49 -10.66 23.51 16.38
N VAL E 50 -9.59 22.72 16.45
CA VAL E 50 -8.20 23.22 16.36
C VAL E 50 -7.91 23.68 14.92
N GLU E 51 -7.26 24.83 14.76
CA GLU E 51 -6.91 25.42 13.45
C GLU E 51 -5.41 25.33 13.25
N HIS E 52 -4.95 25.50 12.02
CA HIS E 52 -3.49 25.48 11.74
C HIS E 52 -3.15 26.46 10.63
N SER E 53 -1.90 26.89 10.62
CA SER E 53 -1.33 27.78 9.59
C SER E 53 -1.13 26.98 8.29
N ASP E 54 -0.91 27.73 7.22
CA ASP E 54 -0.58 27.18 5.88
C ASP E 54 0.83 26.60 5.90
N LEU E 55 0.99 25.43 5.30
CA LEU E 55 2.29 24.72 5.22
C LEU E 55 3.34 25.62 4.56
N SER E 56 4.45 25.77 5.24
CA SER E 56 5.63 26.48 4.71
C SER E 56 6.87 25.77 5.20
N PHE E 57 8.05 26.23 4.79
CA PHE E 57 9.30 25.52 5.10
C PHE E 57 10.45 26.52 5.26
N SER E 58 11.51 26.01 5.89
CA SER E 58 12.71 26.78 6.32
C SER E 58 13.84 26.59 5.29
N LYS E 59 14.97 27.26 5.52
CA LYS E 59 16.15 27.23 4.63
C LYS E 59 16.63 25.79 4.35
N ASP E 60 16.48 24.86 5.28
CA ASP E 60 16.94 23.45 5.11
C ASP E 60 15.84 22.59 4.45
N TRP E 61 14.76 23.20 3.98
CA TRP E 61 13.59 22.58 3.28
C TRP E 61 12.62 21.89 4.25
N SER E 62 12.91 21.89 5.55
CA SER E 62 12.07 21.25 6.59
C SER E 62 10.84 22.12 6.82
N PHE E 63 9.73 21.47 7.09
CA PHE E 63 8.39 22.10 7.17
C PHE E 63 8.11 22.61 8.59
N TYR E 64 7.19 23.56 8.68
CA TYR E 64 6.66 24.02 9.98
C TYR E 64 5.19 24.39 9.84
N LEU E 65 4.49 24.20 10.97
CA LEU E 65 3.04 24.44 11.11
C LEU E 65 2.76 24.92 12.52
N LEU E 66 1.85 25.87 12.67
CA LEU E 66 1.27 26.25 13.96
C LEU E 66 -0.16 25.72 14.07
N TYR E 67 -0.42 24.91 15.09
CA TYR E 67 -1.79 24.47 15.48
C TYR E 67 -2.20 25.28 16.71
N TYR E 68 -3.43 25.76 16.75
CA TYR E 68 -3.85 26.65 17.85
C TYR E 68 -5.35 26.51 18.08
N THR E 69 -5.74 26.84 19.30
CA THR E 69 -7.15 26.94 19.73
C THR E 69 -7.23 28.04 20.79
N GLU E 70 -8.34 28.77 20.81
CA GLU E 70 -8.72 29.67 21.93
C GLU E 70 -8.95 28.78 23.16
N PHE E 71 -8.51 29.23 24.33
CA PHE E 71 -8.75 28.49 25.60
C PHE E 71 -8.64 29.46 26.77
N THR E 72 -9.22 29.04 27.88
CA THR E 72 -9.11 29.75 29.17
C THR E 72 -8.39 28.81 30.13
N PRO E 73 -7.09 29.02 30.41
CA PRO E 73 -6.39 28.19 31.38
C PRO E 73 -7.02 28.33 32.77
N THR E 74 -7.01 27.24 33.51
CA THR E 74 -7.37 27.15 34.95
C THR E 74 -6.26 26.42 35.68
N GLU E 75 -6.30 26.40 37.01
CA GLU E 75 -5.21 25.83 37.85
C GLU E 75 -5.11 24.31 37.62
N LYS E 76 -6.23 23.64 37.37
CA LYS E 76 -6.23 22.15 37.37
C LYS E 76 -6.25 21.56 35.95
N ASP E 77 -6.62 22.29 34.89
CA ASP E 77 -6.65 21.69 33.53
C ASP E 77 -5.22 21.50 33.01
N GLU E 78 -4.89 20.31 32.53
CA GLU E 78 -3.60 20.01 31.88
C GLU E 78 -3.79 20.01 30.37
N TYR E 79 -2.86 20.60 29.64
CA TYR E 79 -2.90 20.67 28.16
C TYR E 79 -1.63 20.03 27.63
N ALA E 80 -1.73 19.47 26.45
CA ALA E 80 -0.61 18.80 25.77
C ALA E 80 -0.83 18.89 24.27
N CYS E 81 0.24 18.63 23.54
CA CYS E 81 0.24 18.50 22.08
C CYS E 81 0.66 17.07 21.77
N ARG E 82 -0.09 16.38 20.89
CA ARG E 82 0.23 14.99 20.48
C ARG E 82 0.49 14.98 18.97
N VAL E 83 1.67 14.52 18.56
CA VAL E 83 2.12 14.58 17.15
C VAL E 83 2.36 13.16 16.64
N ASN E 84 1.82 12.86 15.47
CA ASN E 84 2.18 11.65 14.72
C ASN E 84 2.83 12.06 13.40
N HIS E 85 3.88 11.33 13.06
CA HIS E 85 4.72 11.58 11.87
C HIS E 85 5.41 10.26 11.54
N VAL E 86 5.65 10.02 10.25
CA VAL E 86 6.26 8.76 9.76
C VAL E 86 7.59 8.47 10.49
N THR E 87 8.31 9.50 10.94
CA THR E 87 9.65 9.37 11.60
C THR E 87 9.56 8.95 13.07
N LEU E 88 8.37 8.97 13.71
CA LEU E 88 8.21 8.65 15.15
C LEU E 88 7.76 7.19 15.27
N SER E 89 8.26 6.47 16.28
CA SER E 89 7.90 5.05 16.51
C SER E 89 6.54 4.98 17.23
N GLN E 90 6.13 6.07 17.88
CA GLN E 90 4.83 6.18 18.58
C GLN E 90 4.46 7.65 18.65
N PRO E 91 3.18 8.02 18.91
CA PRO E 91 2.80 9.43 19.04
C PRO E 91 3.69 10.10 20.08
N LYS E 92 4.08 11.33 19.81
CA LYS E 92 4.95 12.12 20.72
C LYS E 92 4.06 13.12 21.43
N ILE E 93 4.05 13.08 22.76
CA ILE E 93 3.26 14.01 23.61
C ILE E 93 4.22 15.00 24.28
N VAL E 94 3.95 16.28 24.13
CA VAL E 94 4.63 17.35 24.92
C VAL E 94 3.56 18.06 25.75
N LYS E 95 3.73 18.06 27.06
CA LYS E 95 2.79 18.74 28.01
C LYS E 95 3.07 20.24 27.97
N TRP E 96 2.02 21.05 28.03
CA TRP E 96 2.15 22.52 28.24
C TRP E 96 2.72 22.76 29.64
N ASP E 97 3.88 23.39 29.68
CA ASP E 97 4.55 23.89 30.89
C ASP E 97 4.49 25.42 30.80
N ARG E 98 3.90 26.08 31.79
CA ARG E 98 3.60 27.53 31.71
C ARG E 98 4.87 28.38 31.52
N ASP E 99 6.05 27.86 31.91
CA ASP E 99 7.35 28.55 31.70
C ASP E 99 8.18 27.85 30.62
N MET E 100 7.57 27.49 29.51
CA MET E 100 8.29 26.96 28.32
C MET E 100 7.55 27.30 27.03
N VAL F 1 3.41 39.43 -6.28
CA VAL F 1 2.88 38.66 -7.42
C VAL F 1 3.78 37.46 -7.66
N VAL F 2 3.20 36.35 -8.09
CA VAL F 2 3.98 35.12 -8.36
C VAL F 2 4.67 35.26 -9.71
N VAL F 3 5.67 34.42 -9.95
CA VAL F 3 6.31 34.42 -11.29
C VAL F 3 5.22 34.01 -12.28
N GLY F 4 5.27 34.51 -13.51
CA GLY F 4 4.26 34.27 -14.56
C GLY F 4 4.38 32.84 -15.10
N GLY F 7 7.08 28.77 -17.43
CA GLY F 7 7.88 27.78 -16.69
C GLY F 7 8.44 26.76 -17.64
N VAL F 8 9.74 26.44 -17.55
CA VAL F 8 10.33 25.36 -18.39
C VAL F 8 10.28 24.10 -17.49
N GLY F 9 9.82 22.98 -18.05
CA GLY F 9 9.87 21.66 -17.40
C GLY F 9 11.28 21.38 -16.88
N LYS F 10 11.36 20.67 -15.76
CA LYS F 10 12.65 20.12 -15.27
C LYS F 10 13.06 18.77 -16.00
N GLY G 1 -39.01 -15.11 23.38
CA GLY G 1 -38.73 -14.99 21.93
C GLY G 1 -38.71 -16.37 21.28
N SER G 2 -38.59 -16.43 19.96
CA SER G 2 -38.28 -17.67 19.21
C SER G 2 -36.79 -17.95 19.36
N HIS G 3 -36.38 -19.21 19.16
CA HIS G 3 -34.99 -19.65 19.34
C HIS G 3 -34.61 -20.56 18.17
N SER G 4 -33.32 -20.59 17.88
CA SER G 4 -32.71 -21.47 16.87
C SER G 4 -31.54 -22.22 17.50
N MET G 5 -31.30 -23.44 17.01
CA MET G 5 -30.02 -24.11 17.17
C MET G 5 -29.44 -24.28 15.77
N ARG G 6 -28.19 -23.90 15.58
CA ARG G 6 -27.53 -23.98 14.25
C ARG G 6 -26.13 -24.57 14.44
N TYR G 7 -25.77 -25.45 13.50
CA TYR G 7 -24.40 -25.95 13.36
C TYR G 7 -23.84 -25.47 12.03
N PHE G 8 -22.56 -25.12 12.06
CA PHE G 8 -21.78 -24.59 10.93
C PHE G 8 -20.54 -25.48 10.79
N TYR G 9 -20.40 -26.15 9.66
CA TYR G 9 -19.24 -27.01 9.35
C TYR G 9 -18.47 -26.37 8.19
N THR G 10 -17.15 -26.33 8.32
CA THR G 10 -16.22 -25.85 7.27
C THR G 10 -15.13 -26.91 7.09
N SER G 11 -14.99 -27.43 5.88
CA SER G 11 -13.91 -28.34 5.45
C SER G 11 -13.09 -27.68 4.35
N VAL G 12 -11.79 -27.55 4.59
CA VAL G 12 -10.87 -26.90 3.62
C VAL G 12 -9.77 -27.89 3.24
N SER G 13 -9.68 -28.25 1.96
CA SER G 13 -8.57 -29.08 1.42
C SER G 13 -7.27 -28.27 1.47
N ARG G 14 -6.17 -28.96 1.75
CA ARG G 14 -4.81 -28.39 1.88
C ARG G 14 -3.86 -29.30 1.12
N PRO G 15 -3.90 -29.27 -0.24
CA PRO G 15 -3.11 -30.20 -1.04
C PRO G 15 -1.62 -30.19 -0.68
N GLY G 16 -1.04 -31.38 -0.49
CA GLY G 16 0.38 -31.57 -0.12
C GLY G 16 0.68 -31.21 1.33
N ARG G 17 -0.32 -30.86 2.14
CA ARG G 17 -0.14 -30.40 3.55
C ARG G 17 -1.03 -31.24 4.48
N GLY G 18 -1.31 -32.48 4.08
CA GLY G 18 -2.07 -33.46 4.87
C GLY G 18 -3.57 -33.36 4.63
N GLU G 19 -4.36 -33.87 5.58
CA GLU G 19 -5.82 -34.01 5.46
C GLU G 19 -6.46 -32.61 5.42
N PRO G 20 -7.71 -32.50 4.91
CA PRO G 20 -8.48 -31.27 5.05
C PRO G 20 -8.63 -30.84 6.52
N ARG G 21 -8.67 -29.54 6.75
CA ARG G 21 -9.05 -28.93 8.04
C ARG G 21 -10.58 -28.95 8.14
N PHE G 22 -11.14 -29.59 9.17
CA PHE G 22 -12.59 -29.57 9.48
C PHE G 22 -12.83 -28.80 10.80
N ILE G 23 -13.71 -27.81 10.75
CA ILE G 23 -14.14 -27.02 11.93
C ILE G 23 -15.67 -27.05 12.01
N ALA G 24 -16.20 -27.42 13.16
CA ALA G 24 -17.65 -27.40 13.47
C ALA G 24 -17.87 -26.46 14.65
N VAL G 25 -18.89 -25.63 14.58
CA VAL G 25 -19.35 -24.82 15.75
C VAL G 25 -20.86 -24.94 15.82
N GLY G 26 -21.37 -24.96 17.06
CA GLY G 26 -22.80 -25.04 17.39
C GLY G 26 -23.21 -23.78 18.14
N TYR G 27 -24.36 -23.23 17.76
CA TYR G 27 -24.95 -22.01 18.37
C TYR G 27 -26.38 -22.31 18.81
N VAL G 28 -26.78 -21.72 19.94
CA VAL G 28 -28.20 -21.45 20.27
C VAL G 28 -28.38 -19.95 20.14
N ASP G 29 -29.22 -19.50 19.21
CA ASP G 29 -29.38 -18.07 18.88
C ASP G 29 -27.98 -17.52 18.58
N ASP G 30 -27.54 -16.46 19.27
CA ASP G 30 -26.24 -15.80 19.01
C ASP G 30 -25.18 -16.31 19.99
N THR G 31 -25.42 -17.40 20.71
CA THR G 31 -24.47 -17.90 21.74
C THR G 31 -23.83 -19.20 21.25
N GLN G 32 -22.53 -19.20 21.06
CA GLN G 32 -21.80 -20.45 20.69
C GLN G 32 -21.74 -21.35 21.91
N PHE G 33 -21.88 -22.68 21.74
CA PHE G 33 -21.82 -23.60 22.91
C PHE G 33 -20.91 -24.80 22.68
N VAL G 34 -20.53 -25.15 21.46
CA VAL G 34 -19.59 -26.28 21.18
C VAL G 34 -18.70 -25.95 19.99
N ARG G 35 -17.58 -26.64 19.93
CA ARG G 35 -16.69 -26.63 18.74
C ARG G 35 -16.06 -28.00 18.58
N PHE G 36 -15.62 -28.28 17.37
CA PHE G 36 -14.72 -29.39 17.03
C PHE G 36 -13.73 -28.83 16.00
N ASP G 37 -12.47 -29.20 16.16
CA ASP G 37 -11.39 -28.80 15.22
C ASP G 37 -10.57 -30.05 14.95
N SER G 38 -10.54 -30.52 13.70
CA SER G 38 -9.81 -31.75 13.28
C SER G 38 -8.31 -31.60 13.58
N ASP G 39 -7.79 -30.37 13.66
CA ASP G 39 -6.36 -30.08 13.95
C ASP G 39 -6.03 -30.16 15.44
N ALA G 40 -7.02 -30.07 16.34
CA ALA G 40 -6.78 -30.27 17.79
C ALA G 40 -6.43 -31.74 18.03
N ALA G 41 -5.46 -32.02 18.88
CA ALA G 41 -4.96 -33.38 19.18
C ALA G 41 -6.04 -34.22 19.89
N SER G 42 -6.87 -33.61 20.74
CA SER G 42 -8.01 -34.23 21.47
C SER G 42 -8.90 -35.08 20.52
N GLN G 43 -9.19 -34.59 19.31
CA GLN G 43 -10.24 -35.12 18.41
C GLN G 43 -11.58 -35.18 19.19
N ARG G 44 -11.90 -34.15 19.99
CA ARG G 44 -13.15 -34.14 20.80
C ARG G 44 -14.03 -32.94 20.48
N MET G 45 -15.35 -33.15 20.47
CA MET G 45 -16.28 -32.01 20.63
C MET G 45 -15.97 -31.38 21.99
N GLU G 46 -15.86 -30.06 22.05
CA GLU G 46 -15.46 -29.31 23.26
C GLU G 46 -16.54 -28.30 23.64
N PRO G 47 -16.75 -28.08 24.96
CA PRO G 47 -17.69 -27.05 25.41
C PRO G 47 -17.14 -25.63 25.15
N ARG G 48 -18.03 -24.70 24.78
CA ARG G 48 -17.70 -23.27 24.61
C ARG G 48 -18.72 -22.39 25.34
N ALA G 49 -19.60 -22.96 26.17
CA ALA G 49 -20.53 -22.23 27.05
C ALA G 49 -20.62 -22.94 28.39
N PRO G 50 -20.79 -22.21 29.51
CA PRO G 50 -20.83 -22.83 30.83
C PRO G 50 -21.95 -23.86 31.01
N TRP G 51 -23.13 -23.56 30.44
CA TRP G 51 -24.36 -24.37 30.63
C TRP G 51 -24.28 -25.72 29.89
N ILE G 52 -23.33 -25.93 28.97
CA ILE G 52 -23.18 -27.26 28.28
C ILE G 52 -22.22 -28.15 29.08
N GLU G 53 -21.43 -27.58 29.99
CA GLU G 53 -20.33 -28.33 30.67
C GLU G 53 -20.88 -29.48 31.50
N GLN G 54 -22.13 -29.36 31.99
CA GLN G 54 -22.82 -30.36 32.82
C GLN G 54 -23.16 -31.64 32.02
N GLU G 55 -23.09 -31.63 30.69
CA GLU G 55 -23.44 -32.83 29.89
C GLU G 55 -22.42 -33.94 30.22
N GLY G 56 -22.90 -35.17 30.36
CA GLY G 56 -22.01 -36.27 30.77
C GLY G 56 -21.16 -36.87 29.66
N PRO G 57 -20.38 -37.92 29.96
CA PRO G 57 -19.49 -38.52 28.99
C PRO G 57 -20.18 -39.05 27.74
N GLU G 58 -21.36 -39.65 27.89
CA GLU G 58 -22.10 -40.19 26.74
C GLU G 58 -22.37 -39.05 25.74
N TYR G 59 -22.75 -37.89 26.23
CA TYR G 59 -23.00 -36.72 25.35
C TYR G 59 -21.74 -36.41 24.55
N TRP G 60 -20.62 -36.22 25.24
CA TRP G 60 -19.37 -35.84 24.55
C TRP G 60 -18.88 -36.95 23.63
N ASP G 61 -19.04 -38.21 24.03
CA ASP G 61 -18.62 -39.35 23.18
C ASP G 61 -19.46 -39.35 21.90
N GLN G 62 -20.77 -39.23 22.05
CA GLN G 62 -21.66 -39.32 20.88
C GLN G 62 -21.43 -38.13 19.95
N GLU G 63 -21.39 -36.93 20.53
CA GLU G 63 -21.15 -35.71 19.70
C GLU G 63 -19.82 -35.83 18.97
N THR G 64 -18.78 -36.31 19.64
CA THR G 64 -17.44 -36.50 19.03
C THR G 64 -17.52 -37.53 17.90
N ARG G 65 -18.15 -38.69 18.15
CA ARG G 65 -18.27 -39.77 17.13
C ARG G 65 -18.96 -39.21 15.90
N ASN G 66 -20.07 -38.48 16.09
CA ASN G 66 -20.92 -38.02 14.97
C ASN G 66 -20.17 -36.97 14.18
N VAL G 67 -19.57 -35.99 14.84
CA VAL G 67 -18.92 -34.88 14.11
C VAL G 67 -17.64 -35.40 13.45
N LYS G 68 -16.92 -36.35 14.06
CA LYS G 68 -15.72 -36.95 13.40
C LYS G 68 -16.14 -37.70 12.14
N ALA G 69 -17.23 -38.47 12.19
CA ALA G 69 -17.76 -39.22 11.03
C ALA G 69 -18.09 -38.22 9.92
N GLN G 70 -18.71 -37.08 10.24
CA GLN G 70 -19.02 -36.03 9.24
C GLN G 70 -17.73 -35.44 8.68
N SER G 71 -16.69 -35.23 9.48
CA SER G 71 -15.40 -34.71 8.96
C SER G 71 -14.83 -35.68 7.91
N GLN G 72 -14.98 -37.00 8.11
CA GLN G 72 -14.47 -38.05 7.17
C GLN G 72 -15.31 -38.04 5.88
N THR G 73 -16.64 -37.92 5.98
CA THR G 73 -17.54 -37.77 4.82
C THR G 73 -17.11 -36.56 4.00
N ASP G 74 -16.87 -35.43 4.66
CA ASP G 74 -16.47 -34.17 3.98
C ASP G 74 -15.13 -34.35 3.28
N ARG G 75 -14.18 -35.06 3.91
CA ARG G 75 -12.88 -35.36 3.29
C ARG G 75 -13.13 -36.11 1.96
N VAL G 76 -13.98 -37.13 1.98
CA VAL G 76 -14.30 -37.92 0.75
C VAL G 76 -14.99 -36.99 -0.26
N ASP G 77 -15.92 -36.16 0.20
CA ASP G 77 -16.75 -35.26 -0.65
C ASP G 77 -15.86 -34.20 -1.33
N LEU G 78 -14.81 -33.72 -0.67
CA LEU G 78 -13.88 -32.77 -1.32
C LEU G 78 -13.25 -33.42 -2.56
N GLY G 79 -12.87 -34.70 -2.46
CA GLY G 79 -12.32 -35.49 -3.59
C GLY G 79 -13.36 -35.68 -4.68
N THR G 80 -14.58 -36.07 -4.30
CA THR G 80 -15.70 -36.31 -5.25
C THR G 80 -16.01 -35.03 -6.01
N LEU G 81 -16.21 -33.90 -5.31
CA LEU G 81 -16.60 -32.61 -5.96
C LEU G 81 -15.44 -32.10 -6.82
N ARG G 82 -14.18 -32.28 -6.41
CA ARG G 82 -13.01 -31.94 -7.27
C ARG G 82 -13.15 -32.71 -8.59
N GLY G 83 -13.51 -33.98 -8.53
CA GLY G 83 -13.82 -34.82 -9.70
C GLY G 83 -14.99 -34.26 -10.51
N TYR G 84 -16.11 -33.89 -9.87
CA TYR G 84 -17.32 -33.40 -10.56
C TYR G 84 -16.99 -32.13 -11.36
N TYR G 85 -16.13 -31.25 -10.83
CA TYR G 85 -15.80 -29.96 -11.49
C TYR G 85 -14.50 -30.06 -12.28
N ASN G 86 -13.90 -31.26 -12.38
CA ASN G 86 -12.66 -31.51 -13.16
C ASN G 86 -11.55 -30.54 -12.71
N GLN G 87 -11.39 -30.37 -11.41
CA GLN G 87 -10.40 -29.44 -10.81
C GLN G 87 -9.09 -30.18 -10.51
N SER G 88 -7.98 -29.45 -10.62
CA SER G 88 -6.60 -29.86 -10.25
C SER G 88 -6.53 -30.37 -8.80
N GLU G 89 -5.59 -31.27 -8.51
CA GLU G 89 -5.28 -31.71 -7.12
C GLU G 89 -4.49 -30.62 -6.38
N ASP G 90 -4.10 -29.55 -7.07
CA ASP G 90 -3.20 -28.48 -6.54
C ASP G 90 -3.96 -27.36 -5.82
N GLY G 91 -5.24 -27.15 -6.10
CA GLY G 91 -5.99 -26.03 -5.51
C GLY G 91 -6.63 -26.40 -4.18
N SER G 92 -6.76 -25.42 -3.29
CA SER G 92 -7.56 -25.53 -2.04
C SER G 92 -9.04 -25.30 -2.35
N HIS G 93 -9.94 -26.13 -1.84
CA HIS G 93 -11.40 -25.95 -1.98
C HIS G 93 -12.10 -26.09 -0.64
N THR G 94 -13.32 -25.57 -0.55
CA THR G 94 -14.07 -25.45 0.70
C THR G 94 -15.47 -26.04 0.54
N ILE G 95 -15.84 -26.97 1.42
CA ILE G 95 -17.25 -27.39 1.62
C ILE G 95 -17.74 -26.74 2.91
N GLN G 96 -18.90 -26.11 2.86
CA GLN G 96 -19.60 -25.57 4.06
C GLN G 96 -21.00 -26.20 4.16
N ILE G 97 -21.38 -26.51 5.38
CA ILE G 97 -22.71 -27.08 5.72
C ILE G 97 -23.28 -26.25 6.88
N MET G 98 -24.51 -25.80 6.73
CA MET G 98 -25.27 -25.15 7.82
C MET G 98 -26.58 -25.91 7.96
N TYR G 99 -26.93 -26.29 9.19
CA TYR G 99 -28.28 -26.86 9.45
C TYR G 99 -28.76 -26.44 10.83
N GLY G 100 -30.05 -26.60 11.07
CA GLY G 100 -30.61 -26.26 12.37
C GLY G 100 -32.11 -26.24 12.36
N CYS G 101 -32.65 -25.84 13.51
CA CYS G 101 -34.10 -25.88 13.77
C CYS G 101 -34.47 -24.69 14.64
N ASP G 102 -35.72 -24.25 14.49
CA ASP G 102 -36.29 -23.09 15.21
C ASP G 102 -37.43 -23.59 16.07
N VAL G 103 -37.55 -23.08 17.29
CA VAL G 103 -38.76 -23.26 18.14
C VAL G 103 -39.34 -21.89 18.50
N GLY G 104 -40.66 -21.85 18.70
CA GLY G 104 -41.33 -20.65 19.20
C GLY G 104 -41.14 -20.53 20.71
N PRO G 105 -41.59 -19.44 21.34
CA PRO G 105 -41.58 -19.34 22.81
C PRO G 105 -42.46 -20.37 23.54
N ASP G 106 -43.38 -21.04 22.83
CA ASP G 106 -44.20 -22.18 23.33
C ASP G 106 -43.45 -23.51 23.18
N GLY G 107 -42.23 -23.47 22.66
CA GLY G 107 -41.41 -24.67 22.44
C GLY G 107 -41.76 -25.38 21.14
N ARG G 108 -42.78 -24.96 20.39
CA ARG G 108 -43.23 -25.71 19.19
C ARG G 108 -42.11 -25.64 18.14
N PHE G 109 -41.87 -26.76 17.45
CA PHE G 109 -41.12 -26.81 16.16
C PHE G 109 -41.71 -25.76 15.22
N LEU G 110 -40.90 -24.87 14.65
CA LEU G 110 -41.35 -23.89 13.64
C LEU G 110 -40.82 -24.32 12.26
N ARG G 111 -39.55 -24.69 12.18
CA ARG G 111 -38.93 -25.08 10.89
C ARG G 111 -37.54 -25.70 11.13
N GLY G 112 -37.13 -26.50 10.15
CA GLY G 112 -35.78 -27.05 10.02
C GLY G 112 -35.19 -26.65 8.69
N TYR G 113 -33.87 -26.72 8.59
CA TYR G 113 -33.13 -26.34 7.36
C TYR G 113 -31.77 -27.02 7.34
N ARG G 114 -31.29 -27.21 6.12
CA ARG G 114 -29.96 -27.83 5.82
C ARG G 114 -29.57 -27.32 4.43
N GLN G 115 -28.40 -26.69 4.36
CA GLN G 115 -27.84 -26.15 3.11
C GLN G 115 -26.33 -26.47 3.07
N ASP G 116 -25.82 -26.75 1.88
CA ASP G 116 -24.40 -27.08 1.62
C ASP G 116 -23.89 -26.16 0.52
N ALA G 117 -22.62 -25.77 0.63
CA ALA G 117 -21.93 -24.90 -0.33
C ALA G 117 -20.64 -25.57 -0.77
N TYR G 118 -20.15 -25.16 -1.92
CA TYR G 118 -18.81 -25.52 -2.44
C TYR G 118 -18.19 -24.22 -2.94
N ASP G 119 -16.99 -23.92 -2.42
CA ASP G 119 -16.22 -22.71 -2.80
C ASP G 119 -17.11 -21.48 -2.65
N GLY G 120 -17.87 -21.41 -1.57
CA GLY G 120 -18.59 -20.20 -1.15
C GLY G 120 -19.86 -19.96 -1.94
N LYS G 121 -20.34 -20.95 -2.72
CA LYS G 121 -21.58 -20.85 -3.51
C LYS G 121 -22.54 -21.98 -3.17
N ASP G 122 -23.84 -21.70 -3.18
CA ASP G 122 -24.88 -22.75 -2.98
C ASP G 122 -24.52 -23.99 -3.82
N TYR G 123 -24.59 -25.17 -3.22
CA TYR G 123 -24.38 -26.47 -3.90
C TYR G 123 -25.70 -27.26 -3.91
N ILE G 124 -26.18 -27.64 -2.72
CA ILE G 124 -27.47 -28.38 -2.57
C ILE G 124 -28.14 -27.89 -1.29
N ALA G 125 -29.48 -27.88 -1.29
CA ALA G 125 -30.29 -27.41 -0.14
C ALA G 125 -31.46 -28.38 0.05
N LEU G 126 -31.73 -28.70 1.32
CA LEU G 126 -33.00 -29.36 1.71
C LEU G 126 -34.13 -28.36 1.49
N ASN G 127 -35.18 -28.76 0.78
CA ASN G 127 -36.35 -27.89 0.51
C ASN G 127 -37.15 -27.68 1.80
N GLU G 128 -38.07 -26.73 1.79
CA GLU G 128 -38.93 -26.35 2.96
C GLU G 128 -39.69 -27.57 3.51
N ASP G 129 -40.11 -28.51 2.66
CA ASP G 129 -40.92 -29.68 3.11
C ASP G 129 -40.04 -30.74 3.78
N LEU G 130 -38.71 -30.60 3.75
CA LEU G 130 -37.74 -31.55 4.36
C LEU G 130 -37.88 -32.94 3.73
N ARG G 131 -38.34 -33.05 2.48
CA ARG G 131 -38.56 -34.34 1.80
C ARG G 131 -37.90 -34.40 0.42
N SER G 132 -37.27 -33.31 -0.02
CA SER G 132 -36.75 -33.15 -1.40
C SER G 132 -35.60 -32.12 -1.38
N TRP G 133 -34.78 -32.10 -2.43
CA TRP G 133 -33.55 -31.28 -2.54
C TRP G 133 -33.62 -30.36 -3.75
N THR G 134 -32.93 -29.22 -3.68
CA THR G 134 -32.66 -28.31 -4.81
C THR G 134 -31.15 -28.29 -5.05
N ALA G 135 -30.74 -28.72 -6.25
CA ALA G 135 -29.34 -28.69 -6.72
C ALA G 135 -29.08 -27.36 -7.44
N ALA G 136 -27.94 -26.73 -7.22
CA ALA G 136 -27.56 -25.41 -7.80
C ALA G 136 -27.03 -25.59 -9.22
N ASP G 137 -26.55 -26.79 -9.61
CA ASP G 137 -25.89 -27.02 -10.91
C ASP G 137 -25.87 -28.52 -11.21
N MET G 138 -25.19 -28.90 -12.30
CA MET G 138 -25.18 -30.28 -12.85
C MET G 138 -24.38 -31.22 -11.93
N ALA G 139 -23.32 -30.73 -11.30
CA ALA G 139 -22.56 -31.52 -10.30
C ALA G 139 -23.50 -31.89 -9.14
N ALA G 140 -24.17 -30.88 -8.57
CA ALA G 140 -25.09 -31.05 -7.43
C ALA G 140 -26.29 -31.94 -7.82
N GLN G 141 -26.67 -31.97 -9.10
CA GLN G 141 -27.73 -32.90 -9.60
C GLN G 141 -27.26 -34.34 -9.38
N ILE G 142 -25.97 -34.62 -9.53
CA ILE G 142 -25.41 -35.98 -9.29
C ILE G 142 -25.63 -36.33 -7.82
N THR G 143 -25.30 -35.37 -6.95
CA THR G 143 -25.47 -35.54 -5.47
C THR G 143 -26.96 -35.75 -5.19
N LYS G 144 -27.83 -34.92 -5.77
CA LYS G 144 -29.29 -34.97 -5.52
C LYS G 144 -29.78 -36.39 -5.81
N ARG G 145 -29.38 -36.97 -6.95
CA ARG G 145 -29.86 -38.32 -7.35
C ARG G 145 -29.37 -39.36 -6.32
N LYS G 146 -28.11 -39.29 -5.89
CA LYS G 146 -27.57 -40.24 -4.86
C LYS G 146 -28.38 -40.08 -3.57
N TRP G 147 -28.69 -38.85 -3.19
CA TRP G 147 -29.37 -38.53 -1.91
C TRP G 147 -30.84 -38.96 -1.97
N GLU G 148 -31.49 -38.82 -3.13
CA GLU G 148 -32.88 -39.30 -3.33
C GLU G 148 -32.88 -40.83 -3.18
N ALA G 149 -31.96 -41.54 -3.85
CA ALA G 149 -31.90 -43.02 -3.86
C ALA G 149 -31.61 -43.55 -2.45
N ALA G 150 -30.82 -42.83 -1.63
CA ALA G 150 -30.43 -43.24 -0.27
C ALA G 150 -31.45 -42.77 0.78
N HIS G 151 -32.47 -41.99 0.38
CA HIS G 151 -33.50 -41.40 1.30
C HIS G 151 -32.80 -40.55 2.37
N ALA G 152 -31.82 -39.73 1.97
CA ALA G 152 -31.07 -38.83 2.88
C ALA G 152 -32.03 -37.84 3.56
N ALA G 153 -33.08 -37.39 2.86
CA ALA G 153 -34.05 -36.42 3.39
C ALA G 153 -34.71 -36.99 4.66
N GLU G 154 -34.97 -38.31 4.69
CA GLU G 154 -35.70 -38.95 5.81
C GLU G 154 -34.87 -38.81 7.10
N GLN G 155 -33.55 -38.99 7.03
CA GLN G 155 -32.63 -38.87 8.19
C GLN G 155 -32.65 -37.41 8.67
N GLN G 156 -32.59 -36.45 7.75
CA GLN G 156 -32.56 -34.99 8.05
C GLN G 156 -33.88 -34.62 8.73
N ARG G 157 -35.00 -35.06 8.16
CA ARG G 157 -36.33 -34.71 8.65
C ARG G 157 -36.51 -35.28 10.06
N ALA G 158 -36.09 -36.52 10.30
CA ALA G 158 -36.22 -37.20 11.60
C ALA G 158 -35.40 -36.44 12.67
N TYR G 159 -34.21 -35.96 12.31
CA TYR G 159 -33.34 -35.17 13.23
C TYR G 159 -34.00 -33.83 13.50
N LEU G 160 -34.37 -33.10 12.42
CA LEU G 160 -34.76 -31.68 12.53
C LEU G 160 -36.07 -31.55 13.33
N GLU G 161 -36.98 -32.52 13.21
CA GLU G 161 -38.31 -32.50 13.88
C GLU G 161 -38.23 -33.22 15.23
N GLY G 162 -37.13 -33.93 15.51
CA GLY G 162 -36.96 -34.76 16.70
C GLY G 162 -35.83 -34.25 17.60
N ARG G 163 -34.70 -34.93 17.58
CA ARG G 163 -33.52 -34.62 18.46
C ARG G 163 -33.18 -33.13 18.40
N CYS G 164 -33.20 -32.51 17.23
CA CYS G 164 -32.81 -31.08 17.09
C CYS G 164 -33.65 -30.19 18.04
N VAL G 165 -34.98 -30.25 17.96
CA VAL G 165 -35.86 -29.37 18.78
C VAL G 165 -35.85 -29.87 20.22
N GLU G 166 -35.75 -31.18 20.44
CA GLU G 166 -35.76 -31.76 21.81
C GLU G 166 -34.55 -31.23 22.59
N TRP G 167 -33.37 -31.25 21.97
CA TRP G 167 -32.12 -30.82 22.63
C TRP G 167 -32.07 -29.30 22.71
N LEU G 168 -32.58 -28.58 21.70
CA LEU G 168 -32.70 -27.10 21.76
C LEU G 168 -33.53 -26.70 22.99
N ARG G 169 -34.65 -27.37 23.24
CA ARG G 169 -35.51 -27.07 24.40
C ARG G 169 -34.71 -27.29 25.69
N ARG G 170 -33.95 -28.38 25.75
CA ARG G 170 -33.14 -28.71 26.94
C ARG G 170 -32.06 -27.64 27.16
N TYR G 171 -31.37 -27.22 26.10
CA TYR G 171 -30.32 -26.18 26.18
C TYR G 171 -30.94 -24.88 26.66
N LEU G 172 -32.11 -24.51 26.12
CA LEU G 172 -32.79 -23.24 26.50
C LEU G 172 -33.12 -23.26 27.99
N GLU G 173 -33.45 -24.43 28.53
CA GLU G 173 -33.75 -24.58 29.97
C GLU G 173 -32.46 -24.53 30.79
N ASN G 174 -31.46 -25.36 30.46
CA ASN G 174 -30.19 -25.44 31.21
C ASN G 174 -29.44 -24.08 31.17
N GLY G 175 -29.49 -23.35 30.05
CA GLY G 175 -28.81 -22.06 29.90
C GLY G 175 -29.74 -20.86 30.04
N LYS G 176 -30.90 -21.04 30.69
CA LYS G 176 -31.99 -20.02 30.67
C LYS G 176 -31.49 -18.66 31.19
N GLU G 177 -30.63 -18.64 32.21
CA GLU G 177 -30.08 -17.39 32.82
C GLU G 177 -29.41 -16.52 31.74
N THR G 178 -28.86 -17.12 30.68
CA THR G 178 -28.14 -16.37 29.61
C THR G 178 -28.88 -16.42 28.26
N LEU G 179 -29.43 -17.57 27.86
CA LEU G 179 -30.10 -17.71 26.53
C LEU G 179 -31.48 -17.02 26.52
N GLN G 180 -32.19 -16.96 27.65
CA GLN G 180 -33.58 -16.38 27.66
C GLN G 180 -33.54 -14.94 28.20
N ARG G 181 -32.36 -14.35 28.40
CA ARG G 181 -32.20 -12.95 28.84
C ARG G 181 -32.43 -12.03 27.64
N THR G 182 -32.98 -10.86 27.88
CA THR G 182 -33.05 -9.77 26.90
C THR G 182 -32.32 -8.58 27.51
N ASP G 183 -31.11 -8.28 27.04
CA ASP G 183 -30.37 -7.07 27.45
C ASP G 183 -30.76 -5.98 26.44
N PRO G 184 -31.51 -4.95 26.85
CA PRO G 184 -31.89 -3.88 25.92
C PRO G 184 -30.67 -3.05 25.55
N PRO G 185 -30.63 -2.40 24.39
CA PRO G 185 -29.50 -1.54 24.04
C PRO G 185 -29.41 -0.34 24.97
N LYS G 186 -28.19 0.03 25.36
CA LYS G 186 -27.85 1.34 25.96
C LYS G 186 -27.47 2.25 24.81
N THR G 187 -28.17 3.38 24.66
CA THR G 187 -28.01 4.24 23.47
C THR G 187 -27.44 5.60 23.86
N HIS G 188 -26.76 6.22 22.91
CA HIS G 188 -26.33 7.63 22.99
C HIS G 188 -26.09 8.13 21.57
N MET G 189 -25.96 9.44 21.44
CA MET G 189 -25.66 10.05 20.12
C MET G 189 -24.39 10.89 20.26
N THR G 190 -23.51 10.84 19.25
CA THR G 190 -22.34 11.75 19.16
C THR G 190 -22.54 12.66 17.96
N HIS G 191 -21.86 13.79 18.02
CA HIS G 191 -21.88 14.87 17.00
C HIS G 191 -20.43 15.27 16.72
N HIS G 192 -19.98 15.17 15.47
CA HIS G 192 -18.64 15.62 15.02
C HIS G 192 -18.80 16.51 13.80
N PRO G 193 -18.40 17.81 13.87
CA PRO G 193 -18.31 18.65 12.67
C PRO G 193 -17.36 17.99 11.65
N ILE G 194 -17.73 18.00 10.38
CA ILE G 194 -16.90 17.51 9.24
C ILE G 194 -16.30 18.72 8.54
N SER G 195 -17.01 19.86 8.59
CA SER G 195 -16.64 21.15 7.96
C SER G 195 -17.42 22.25 8.67
N ASP G 196 -17.35 23.48 8.17
CA ASP G 196 -18.15 24.62 8.68
C ASP G 196 -19.63 24.43 8.35
N HIS G 197 -19.97 23.55 7.39
CA HIS G 197 -21.36 23.44 6.84
C HIS G 197 -21.96 22.04 7.04
N GLU G 198 -21.19 21.04 7.52
CA GLU G 198 -21.72 19.66 7.71
C GLU G 198 -21.22 19.06 9.02
N ALA G 199 -22.02 18.19 9.64
CA ALA G 199 -21.70 17.43 10.87
C ALA G 199 -22.19 15.98 10.72
N THR G 200 -21.51 15.06 11.40
CA THR G 200 -21.93 13.65 11.53
C THR G 200 -22.67 13.49 12.84
N LEU G 201 -23.89 12.96 12.79
CA LEU G 201 -24.61 12.41 13.96
C LEU G 201 -24.41 10.91 13.92
N ARG G 202 -23.94 10.32 15.02
CA ARG G 202 -23.79 8.86 15.12
C ARG G 202 -24.64 8.37 16.28
N CYS G 203 -25.58 7.50 15.97
CA CYS G 203 -26.54 6.89 16.91
C CYS G 203 -25.98 5.52 17.33
N TRP G 204 -25.71 5.34 18.62
CA TRP G 204 -25.08 4.13 19.20
C TRP G 204 -26.11 3.25 19.90
N ALA G 205 -25.96 1.94 19.73
CA ALA G 205 -26.60 0.89 20.54
C ALA G 205 -25.50 -0.04 21.08
N LEU G 206 -25.39 -0.17 22.40
CA LEU G 206 -24.35 -1.00 23.05
C LEU G 206 -24.97 -1.97 24.04
N GLY G 207 -24.29 -3.10 24.28
CA GLY G 207 -24.59 -4.01 25.39
C GLY G 207 -25.91 -4.76 25.24
N PHE G 208 -26.39 -4.97 24.01
CA PHE G 208 -27.69 -5.64 23.75
C PHE G 208 -27.51 -7.11 23.39
N TYR G 209 -28.55 -7.89 23.71
CA TYR G 209 -28.70 -9.33 23.38
C TYR G 209 -30.19 -9.64 23.34
N PRO G 210 -30.69 -10.39 22.32
CA PRO G 210 -29.89 -10.91 21.21
C PRO G 210 -29.42 -9.86 20.19
N ALA G 211 -28.73 -10.30 19.15
CA ALA G 211 -28.02 -9.43 18.18
C ALA G 211 -29.02 -8.68 17.30
N GLU G 212 -30.20 -9.24 17.03
CA GLU G 212 -31.17 -8.61 16.10
C GLU G 212 -31.54 -7.23 16.66
N ILE G 213 -31.42 -6.20 15.83
CA ILE G 213 -31.72 -4.80 16.21
C ILE G 213 -31.98 -4.03 14.93
N THR G 214 -32.76 -2.96 15.01
CA THR G 214 -32.96 -2.01 13.90
C THR G 214 -32.61 -0.60 14.38
N LEU G 215 -31.71 0.05 13.66
CA LEU G 215 -31.40 1.50 13.79
C LEU G 215 -31.85 2.16 12.50
N THR G 216 -32.67 3.20 12.58
CA THR G 216 -33.12 4.00 11.41
C THR G 216 -33.01 5.49 11.72
N TRP G 217 -32.50 6.24 10.77
CA TRP G 217 -32.50 7.72 10.78
C TRP G 217 -33.75 8.21 10.05
N GLN G 218 -34.45 9.18 10.62
CA GLN G 218 -35.51 9.97 9.91
C GLN G 218 -35.11 11.44 9.88
N ARG G 219 -35.54 12.13 8.83
CA ARG G 219 -35.52 13.61 8.74
C ARG G 219 -36.97 14.07 8.64
N ASP G 220 -37.44 14.89 9.59
CA ASP G 220 -38.85 15.35 9.63
C ASP G 220 -39.77 14.12 9.58
N GLY G 221 -39.41 13.03 10.24
CA GLY G 221 -40.27 11.83 10.36
C GLY G 221 -40.23 10.91 9.14
N GLU G 222 -39.45 11.24 8.10
CA GLU G 222 -39.32 10.42 6.88
C GLU G 222 -37.99 9.63 6.90
N ASP G 223 -38.03 8.32 6.67
CA ASP G 223 -36.83 7.46 6.58
C ASP G 223 -35.77 8.09 5.67
N GLN G 224 -34.54 8.22 6.18
CA GLN G 224 -33.36 8.78 5.48
C GLN G 224 -32.40 7.62 5.14
N THR G 225 -31.92 7.50 3.89
CA THR G 225 -30.95 6.45 3.46
C THR G 225 -29.71 7.12 2.85
N GLN G 226 -29.88 8.11 1.98
CA GLN G 226 -28.72 8.86 1.45
C GLN G 226 -27.96 9.50 2.62
N ASP G 227 -26.63 9.56 2.51
CA ASP G 227 -25.71 10.23 3.46
C ASP G 227 -25.74 9.50 4.82
N THR G 228 -26.08 8.22 4.83
CA THR G 228 -26.05 7.38 6.06
C THR G 228 -24.96 6.30 5.96
N GLU G 229 -24.53 5.80 7.11
CA GLU G 229 -23.61 4.67 7.21
C GLU G 229 -24.12 3.80 8.35
N LEU G 230 -24.36 2.54 8.05
CA LEU G 230 -24.84 1.54 9.01
C LEU G 230 -23.77 0.46 9.10
N VAL G 231 -23.11 0.27 10.24
CA VAL G 231 -22.10 -0.81 10.37
C VAL G 231 -22.80 -2.12 10.69
N GLU G 232 -22.16 -3.23 10.34
CA GLU G 232 -22.62 -4.57 10.72
C GLU G 232 -22.69 -4.65 12.24
N THR G 233 -23.71 -5.31 12.76
CA THR G 233 -23.82 -5.65 14.19
C THR G 233 -22.56 -6.45 14.56
N ARG G 234 -21.93 -6.09 15.67
CA ARG G 234 -20.61 -6.66 16.02
C ARG G 234 -20.63 -7.15 17.46
N PRO G 235 -19.86 -8.23 17.74
CA PRO G 235 -19.78 -8.75 19.10
C PRO G 235 -18.86 -7.88 19.96
N ALA G 236 -19.28 -7.58 21.18
CA ALA G 236 -18.47 -6.89 22.19
C ALA G 236 -17.42 -7.85 22.76
N GLY G 237 -17.71 -9.15 22.76
CA GLY G 237 -16.80 -10.19 23.27
C GLY G 237 -17.21 -10.65 24.65
N ASP G 238 -18.26 -10.07 25.24
CA ASP G 238 -18.77 -10.41 26.59
C ASP G 238 -20.17 -11.06 26.50
N GLY G 239 -20.65 -11.41 25.31
CA GLY G 239 -21.99 -11.98 25.13
C GLY G 239 -22.98 -10.93 24.65
N THR G 240 -22.57 -9.67 24.50
CA THR G 240 -23.46 -8.59 24.00
C THR G 240 -22.96 -8.10 22.65
N PHE G 241 -23.80 -7.28 22.03
CA PHE G 241 -23.59 -6.77 20.66
C PHE G 241 -23.61 -5.25 20.67
N GLN G 242 -23.08 -4.71 19.58
CA GLN G 242 -22.94 -3.25 19.35
C GLN G 242 -23.39 -2.97 17.93
N LYS G 243 -23.89 -1.77 17.70
CA LYS G 243 -24.17 -1.28 16.34
C LYS G 243 -24.20 0.23 16.40
N TRP G 244 -23.88 0.88 15.30
CA TRP G 244 -24.17 2.33 15.15
C TRP G 244 -24.66 2.62 13.75
N ALA G 245 -25.33 3.75 13.62
CA ALA G 245 -25.81 4.32 12.35
C ALA G 245 -25.50 5.80 12.39
N ALA G 246 -24.87 6.32 11.33
CA ALA G 246 -24.46 7.73 11.23
C ALA G 246 -25.21 8.37 10.08
N VAL G 247 -25.46 9.67 10.21
CA VAL G 247 -25.99 10.48 9.09
C VAL G 247 -25.16 11.76 9.03
N VAL G 248 -24.84 12.22 7.84
CA VAL G 248 -24.17 13.53 7.60
C VAL G 248 -25.28 14.55 7.34
N VAL G 249 -25.29 15.64 8.10
CA VAL G 249 -26.40 16.63 8.06
C VAL G 249 -25.82 18.02 7.85
N PRO G 250 -26.60 18.94 7.25
CA PRO G 250 -26.22 20.35 7.23
C PRO G 250 -26.15 20.92 8.66
N SER G 251 -25.09 21.67 8.96
CA SER G 251 -24.88 22.32 10.28
C SER G 251 -26.06 23.24 10.58
N GLY G 252 -26.61 23.13 11.80
CA GLY G 252 -27.80 23.88 12.24
C GLY G 252 -29.10 23.18 11.86
N GLU G 253 -29.04 21.97 11.28
CA GLU G 253 -30.27 21.21 10.90
C GLU G 253 -30.36 19.92 11.69
N GLU G 254 -29.47 19.74 12.68
CA GLU G 254 -29.32 18.52 13.51
C GLU G 254 -30.68 18.13 14.12
N GLN G 255 -31.48 19.13 14.51
CA GLN G 255 -32.76 18.96 15.26
C GLN G 255 -33.82 18.30 14.37
N ARG G 256 -33.63 18.30 13.05
CA ARG G 256 -34.60 17.70 12.11
C ARG G 256 -34.46 16.18 12.06
N TYR G 257 -33.38 15.64 12.62
CA TYR G 257 -33.03 14.21 12.49
C TYR G 257 -33.34 13.47 13.78
N THR G 258 -33.88 12.27 13.64
CA THR G 258 -34.15 11.37 14.78
C THR G 258 -33.64 10.00 14.43
N CYS G 259 -33.10 9.32 15.44
CA CYS G 259 -32.63 7.92 15.33
C CYS G 259 -33.62 7.06 16.09
N HIS G 260 -34.13 6.01 15.45
CA HIS G 260 -35.14 5.08 16.02
C HIS G 260 -34.45 3.76 16.29
N VAL G 261 -34.61 3.24 17.49
CA VAL G 261 -33.94 1.99 17.94
C VAL G 261 -35.03 0.99 18.31
N GLN G 262 -35.03 -0.16 17.65
CA GLN G 262 -35.99 -1.26 17.93
C GLN G 262 -35.20 -2.51 18.32
N HIS G 263 -35.62 -3.17 19.38
CA HIS G 263 -34.97 -4.38 19.93
C HIS G 263 -36.02 -5.10 20.79
N GLU G 264 -35.90 -6.41 20.93
CA GLU G 264 -36.81 -7.28 21.72
C GLU G 264 -36.88 -6.78 23.18
N GLY G 265 -35.80 -6.19 23.70
CA GLY G 265 -35.73 -5.77 25.11
C GLY G 265 -36.41 -4.44 25.38
N LEU G 266 -36.85 -3.77 24.32
CA LEU G 266 -37.48 -2.43 24.40
C LEU G 266 -38.98 -2.63 24.20
N PRO G 267 -39.81 -2.29 25.20
CA PRO G 267 -41.26 -2.42 25.02
C PRO G 267 -41.78 -1.54 23.87
N LYS G 268 -41.21 -0.35 23.73
CA LYS G 268 -41.51 0.59 22.62
C LYS G 268 -40.19 1.12 22.08
N PRO G 269 -40.10 1.53 20.79
CA PRO G 269 -38.82 1.96 20.25
C PRO G 269 -38.33 3.20 21.03
N LEU G 270 -37.01 3.37 21.12
CA LEU G 270 -36.35 4.61 21.59
C LEU G 270 -36.17 5.55 20.40
N THR G 271 -36.34 6.83 20.63
CA THR G 271 -36.06 7.90 19.66
C THR G 271 -35.00 8.81 20.29
N LEU G 272 -33.88 8.98 19.58
CA LEU G 272 -32.82 9.92 20.00
C LEU G 272 -32.81 11.10 19.02
N ARG G 273 -32.65 12.29 19.56
CA ARG G 273 -32.49 13.55 18.81
C ARG G 273 -31.30 14.27 19.42
N TRP G 274 -30.49 14.95 18.61
CA TRP G 274 -29.29 15.67 19.11
C TRP G 274 -29.74 16.83 20.03
N MET H 1 -13.61 -19.68 -9.02
CA MET H 1 -14.46 -19.62 -7.81
C MET H 1 -14.53 -18.16 -7.35
N ILE H 2 -15.53 -17.85 -6.54
CA ILE H 2 -15.70 -16.49 -5.98
C ILE H 2 -14.83 -16.38 -4.72
N GLN H 3 -14.36 -15.18 -4.47
CA GLN H 3 -13.69 -14.82 -3.20
C GLN H 3 -14.34 -13.54 -2.73
N ARG H 4 -14.20 -13.23 -1.43
CA ARG H 4 -14.75 -11.97 -0.90
C ARG H 4 -13.74 -11.33 0.02
N THR H 5 -13.58 -10.01 -0.12
CA THR H 5 -12.63 -9.23 0.70
C THR H 5 -13.17 -9.09 2.12
N PRO H 6 -12.29 -9.08 3.13
CA PRO H 6 -12.70 -8.90 4.51
C PRO H 6 -13.19 -7.47 4.78
N LYS H 7 -14.26 -7.39 5.56
CA LYS H 7 -14.69 -6.16 6.25
C LYS H 7 -14.00 -6.17 7.60
N ILE H 8 -13.64 -5.01 8.09
CA ILE H 8 -12.84 -4.87 9.34
C ILE H 8 -13.48 -3.78 10.19
N GLN H 9 -13.77 -4.09 11.45
CA GLN H 9 -14.13 -3.06 12.45
C GLN H 9 -13.17 -3.24 13.61
N VAL H 10 -12.64 -2.11 14.09
CA VAL H 10 -11.75 -2.07 15.27
C VAL H 10 -12.41 -1.16 16.30
N TYR H 11 -12.56 -1.66 17.52
CA TYR H 11 -13.38 -1.00 18.55
C TYR H 11 -13.07 -1.61 19.90
N SER H 12 -13.43 -0.91 20.96
CA SER H 12 -13.26 -1.41 22.33
C SER H 12 -14.57 -2.07 22.81
N ARG H 13 -14.45 -2.98 23.76
CA ARG H 13 -15.60 -3.70 24.34
C ARG H 13 -16.50 -2.72 25.08
N HIS H 14 -15.92 -1.83 25.89
CA HIS H 14 -16.62 -0.78 26.66
C HIS H 14 -16.15 0.58 26.18
N PRO H 15 -16.92 1.66 26.44
CA PRO H 15 -16.46 3.01 26.13
C PRO H 15 -15.05 3.25 26.73
N ALA H 16 -14.13 3.74 25.89
CA ALA H 16 -12.69 3.91 26.22
C ALA H 16 -12.53 5.02 27.26
N GLU H 17 -11.79 4.73 28.32
CA GLU H 17 -11.39 5.72 29.35
C GLU H 17 -9.89 5.55 29.56
N ASN H 18 -9.10 6.61 29.39
CA ASN H 18 -7.63 6.52 29.55
C ASN H 18 -7.33 5.98 30.95
N GLY H 19 -6.46 4.98 31.04
CA GLY H 19 -6.05 4.39 32.33
C GLY H 19 -6.99 3.31 32.84
N LYS H 20 -8.09 3.00 32.14
CA LYS H 20 -9.07 1.96 32.60
C LYS H 20 -8.97 0.73 31.70
N SER H 21 -8.81 -0.45 32.31
CA SER H 21 -8.71 -1.74 31.59
C SER H 21 -9.95 -1.94 30.71
N ASN H 22 -9.76 -2.55 29.55
CA ASN H 22 -10.79 -2.69 28.49
C ASN H 22 -10.37 -3.86 27.62
N PHE H 23 -11.08 -4.10 26.52
CA PHE H 23 -10.70 -5.11 25.49
C PHE H 23 -10.71 -4.41 24.15
N LEU H 24 -9.66 -4.62 23.38
CA LEU H 24 -9.55 -4.13 21.99
C LEU H 24 -10.01 -5.26 21.07
N ASN H 25 -10.97 -4.96 20.21
CA ASN H 25 -11.58 -5.95 19.30
C ASN H 25 -11.25 -5.60 17.86
N CYS H 26 -10.93 -6.63 17.09
CA CYS H 26 -10.90 -6.54 15.62
C CYS H 26 -11.86 -7.60 15.07
N TYR H 27 -12.96 -7.15 14.51
CA TYR H 27 -14.04 -8.02 14.01
C TYR H 27 -13.89 -8.07 12.48
N VAL H 28 -13.55 -9.24 11.98
CA VAL H 28 -13.27 -9.47 10.53
C VAL H 28 -14.38 -10.37 9.99
N SER H 29 -15.04 -9.93 8.94
CA SER H 29 -16.29 -10.57 8.45
C SER H 29 -16.39 -10.42 6.94
N GLY H 30 -17.32 -11.18 6.36
CA GLY H 30 -17.67 -11.08 4.93
C GLY H 30 -16.60 -11.63 4.03
N PHE H 31 -15.64 -12.42 4.52
CA PHE H 31 -14.50 -12.87 3.68
C PHE H 31 -14.67 -14.33 3.27
N HIS H 32 -14.03 -14.67 2.16
CA HIS H 32 -13.95 -16.04 1.60
C HIS H 32 -12.73 -16.08 0.69
N PRO H 33 -11.83 -17.07 0.77
CA PRO H 33 -11.93 -18.22 1.67
C PRO H 33 -11.51 -17.95 3.13
N SER H 34 -11.44 -19.00 3.95
CA SER H 34 -11.41 -18.92 5.44
C SER H 34 -10.01 -18.52 5.93
N ASP H 35 -8.95 -18.89 5.21
CA ASP H 35 -7.54 -18.64 5.65
C ASP H 35 -7.34 -17.13 5.73
N ILE H 36 -6.89 -16.64 6.88
CA ILE H 36 -6.76 -15.18 7.13
C ILE H 36 -5.71 -14.99 8.24
N GLU H 37 -4.98 -13.89 8.16
CA GLU H 37 -3.99 -13.47 9.18
C GLU H 37 -4.50 -12.15 9.76
N VAL H 38 -4.63 -12.09 11.08
CA VAL H 38 -5.09 -10.87 11.80
C VAL H 38 -4.12 -10.64 12.96
N ASP H 39 -3.55 -9.44 13.00
CA ASP H 39 -2.71 -8.98 14.13
C ASP H 39 -3.36 -7.73 14.71
N LEU H 40 -3.32 -7.58 16.02
CA LEU H 40 -3.59 -6.29 16.68
C LEU H 40 -2.25 -5.58 16.90
N LEU H 41 -2.20 -4.28 16.59
CA LEU H 41 -0.95 -3.50 16.65
C LEU H 41 -1.06 -2.43 17.75
N LYS H 42 0.01 -2.27 18.51
CA LYS H 42 0.22 -1.15 19.45
C LYS H 42 1.44 -0.36 18.99
N ASN H 43 1.23 0.89 18.57
CA ASN H 43 2.29 1.77 18.02
C ASN H 43 3.03 1.02 16.90
N GLY H 44 2.27 0.33 16.03
CA GLY H 44 2.79 -0.38 14.84
C GLY H 44 3.44 -1.72 15.15
N GLU H 45 3.44 -2.18 16.40
CA GLU H 45 4.08 -3.46 16.80
C GLU H 45 3.02 -4.49 17.15
N ARG H 46 3.22 -5.73 16.72
CA ARG H 46 2.31 -6.87 16.96
C ARG H 46 2.12 -7.06 18.47
N ILE H 47 0.88 -7.08 18.94
CA ILE H 47 0.54 -7.46 20.33
C ILE H 47 0.60 -8.99 20.43
N GLU H 48 1.23 -9.51 21.48
CA GLU H 48 1.55 -10.95 21.58
C GLU H 48 0.33 -11.76 22.07
N LYS H 49 -0.36 -11.32 23.13
CA LYS H 49 -1.49 -12.10 23.68
C LYS H 49 -2.77 -11.67 22.95
N VAL H 50 -3.02 -12.23 21.77
CA VAL H 50 -4.29 -12.03 21.03
C VAL H 50 -5.02 -13.35 20.87
N GLU H 51 -6.32 -13.37 21.22
CA GLU H 51 -7.17 -14.56 21.11
C GLU H 51 -8.19 -14.32 20.00
N HIS H 52 -8.84 -15.39 19.56
CA HIS H 52 -9.89 -15.24 18.53
C HIS H 52 -10.98 -16.28 18.72
N SER H 53 -12.16 -15.96 18.18
CA SER H 53 -13.34 -16.84 18.22
C SER H 53 -13.11 -17.99 17.24
N ASP H 54 -13.94 -19.03 17.35
CA ASP H 54 -13.94 -20.18 16.43
C ASP H 54 -14.55 -19.75 15.10
N LEU H 55 -13.98 -20.24 14.02
CA LEU H 55 -14.47 -19.96 12.65
C LEU H 55 -15.96 -20.28 12.52
N SER H 56 -16.72 -19.30 12.04
CA SER H 56 -18.13 -19.49 11.69
C SER H 56 -18.43 -18.66 10.46
N PHE H 57 -19.66 -18.75 9.94
CA PHE H 57 -20.00 -18.07 8.69
C PHE H 57 -21.46 -17.62 8.69
N SER H 58 -21.76 -16.70 7.78
CA SER H 58 -23.06 -16.02 7.62
C SER H 58 -23.89 -16.68 6.54
N LYS H 59 -25.10 -16.20 6.32
CA LYS H 59 -26.08 -16.72 5.34
C LYS H 59 -25.47 -16.79 3.92
N ASP H 60 -24.59 -15.86 3.55
CA ASP H 60 -23.98 -15.78 2.20
C ASP H 60 -22.71 -16.66 2.12
N TRP H 61 -22.43 -17.46 3.16
CA TRP H 61 -21.31 -18.43 3.29
C TRP H 61 -20.00 -17.73 3.68
N SER H 62 -19.98 -16.40 3.78
CA SER H 62 -18.78 -15.62 4.11
C SER H 62 -18.47 -15.80 5.60
N PHE H 63 -17.18 -15.83 5.92
CA PHE H 63 -16.67 -16.17 7.26
C PHE H 63 -16.59 -14.90 8.12
N TYR H 64 -16.57 -15.12 9.42
CA TYR H 64 -16.31 -14.04 10.40
C TYR H 64 -15.55 -14.60 11.60
N LEU H 65 -14.75 -13.71 12.19
CA LEU H 65 -13.85 -14.00 13.34
C LEU H 65 -13.75 -12.73 14.18
N LEU H 66 -13.74 -12.90 15.50
CA LEU H 66 -13.38 -11.81 16.44
C LEU H 66 -11.99 -12.09 17.01
N TYR H 67 -11.07 -11.15 16.83
CA TYR H 67 -9.75 -11.11 17.49
C TYR H 67 -9.82 -10.07 18.61
N TYR H 68 -9.26 -10.39 19.77
CA TYR H 68 -9.36 -9.48 20.92
C TYR H 68 -8.16 -9.66 21.84
N THR H 69 -7.87 -8.59 22.56
CA THR H 69 -6.85 -8.55 23.62
C THR H 69 -7.32 -7.59 24.70
N GLU H 70 -6.98 -7.90 25.95
CA GLU H 70 -7.13 -6.97 27.09
C GLU H 70 -6.13 -5.83 26.86
N PHE H 71 -6.51 -4.60 27.15
CA PHE H 71 -5.62 -3.43 27.01
C PHE H 71 -6.10 -2.31 27.91
N THR H 72 -5.19 -1.39 28.19
CA THR H 72 -5.50 -0.14 28.91
C THR H 72 -5.19 1.01 27.97
N PRO H 73 -6.21 1.65 27.36
CA PRO H 73 -5.97 2.80 26.51
C PRO H 73 -5.33 3.96 27.29
N THR H 74 -4.43 4.68 26.62
CA THR H 74 -3.80 5.92 27.14
C THR H 74 -3.89 6.99 26.05
N GLU H 75 -3.58 8.24 26.41
CA GLU H 75 -3.47 9.36 25.44
C GLU H 75 -2.26 9.14 24.51
N LYS H 76 -1.30 8.27 24.84
CA LYS H 76 0.01 8.19 24.12
C LYS H 76 0.07 7.02 23.12
N ASP H 77 -0.91 6.12 23.09
CA ASP H 77 -0.76 4.83 22.36
C ASP H 77 -1.75 4.80 21.19
N GLU H 78 -1.29 4.41 19.99
CA GLU H 78 -2.14 4.16 18.82
C GLU H 78 -2.34 2.65 18.66
N TYR H 79 -3.56 2.24 18.35
CA TYR H 79 -3.89 0.82 18.15
C TYR H 79 -4.49 0.67 16.76
N ALA H 80 -4.20 -0.47 16.15
CA ALA H 80 -4.69 -0.80 14.83
C ALA H 80 -4.90 -2.31 14.75
N CYS H 81 -5.62 -2.70 13.72
CA CYS H 81 -5.80 -4.09 13.32
C CYS H 81 -5.18 -4.24 11.92
N ARG H 82 -4.37 -5.27 11.69
CA ARG H 82 -3.76 -5.58 10.38
C ARG H 82 -4.27 -6.94 9.89
N VAL H 83 -4.87 -6.93 8.70
CA VAL H 83 -5.49 -8.14 8.12
C VAL H 83 -4.80 -8.48 6.80
N ASN H 84 -4.37 -9.73 6.65
CA ASN H 84 -3.88 -10.26 5.36
C ASN H 84 -4.80 -11.40 4.92
N HIS H 85 -5.10 -11.38 3.64
CA HIS H 85 -6.09 -12.28 3.00
C HIS H 85 -5.74 -12.35 1.52
N VAL H 86 -5.97 -13.49 0.90
CA VAL H 86 -5.62 -13.74 -0.54
C VAL H 86 -6.25 -12.64 -1.43
N THR H 87 -7.39 -12.06 -1.04
CA THR H 87 -8.12 -11.03 -1.86
C THR H 87 -7.51 -9.63 -1.77
N LEU H 88 -6.59 -9.37 -0.86
CA LEU H 88 -5.97 -8.03 -0.65
C LEU H 88 -4.63 -7.96 -1.40
N SER H 89 -4.34 -6.83 -2.04
CA SER H 89 -3.07 -6.55 -2.75
C SER H 89 -1.93 -6.33 -1.75
N GLN H 90 -2.26 -5.86 -0.56
CA GLN H 90 -1.31 -5.68 0.57
C GLN H 90 -2.10 -5.81 1.86
N PRO H 91 -1.46 -6.06 3.02
CA PRO H 91 -2.19 -6.08 4.29
C PRO H 91 -3.01 -4.81 4.44
N LYS H 92 -4.23 -4.94 4.97
CA LYS H 92 -5.09 -3.79 5.29
C LYS H 92 -4.92 -3.46 6.77
N ILE H 93 -4.56 -2.21 7.06
CA ILE H 93 -4.42 -1.67 8.44
C ILE H 93 -5.59 -0.72 8.68
N VAL H 94 -6.33 -0.95 9.75
CA VAL H 94 -7.45 -0.08 10.20
C VAL H 94 -7.09 0.39 11.60
N LYS H 95 -6.99 1.70 11.78
CA LYS H 95 -6.65 2.32 13.08
C LYS H 95 -7.91 2.29 13.97
N TRP H 96 -7.73 2.04 15.26
CA TRP H 96 -8.78 2.22 16.28
C TRP H 96 -9.14 3.70 16.38
N ASP H 97 -10.40 4.03 16.10
CA ASP H 97 -11.00 5.36 16.35
C ASP H 97 -11.99 5.20 17.51
N ARG H 98 -11.78 5.95 18.59
CA ARG H 98 -12.50 5.73 19.88
C ARG H 98 -14.02 5.86 19.72
N ASP H 99 -14.50 6.61 18.71
CA ASP H 99 -15.94 6.83 18.44
C ASP H 99 -16.35 6.09 17.16
N MET H 100 -15.86 4.87 16.95
CA MET H 100 -16.29 4.06 15.77
C MET H 100 -16.28 2.57 16.12
N VAL I 1 -27.44 -30.96 20.00
CA VAL I 1 -26.73 -32.16 19.46
C VAL I 1 -26.66 -32.11 17.93
N VAL I 2 -25.61 -32.65 17.35
CA VAL I 2 -25.43 -32.70 15.87
C VAL I 2 -26.34 -33.81 15.29
N VAL I 3 -26.69 -33.69 14.03
CA VAL I 3 -27.25 -34.79 13.20
C VAL I 3 -26.25 -35.96 13.20
N GLY I 4 -26.71 -37.20 13.07
CA GLY I 4 -25.87 -38.42 13.01
C GLY I 4 -24.96 -38.44 11.80
N GLY I 7 -24.07 -38.71 7.48
CA GLY I 7 -24.68 -38.49 6.14
C GLY I 7 -24.26 -39.52 5.10
N VAL I 8 -24.87 -39.47 3.90
CA VAL I 8 -24.56 -40.25 2.65
C VAL I 8 -23.52 -39.46 1.82
N GLY I 9 -22.69 -40.13 1.00
CA GLY I 9 -21.67 -39.42 0.20
C GLY I 9 -22.29 -38.47 -0.82
N LYS I 10 -21.66 -37.32 -1.10
CA LYS I 10 -22.08 -36.44 -2.22
C LYS I 10 -21.75 -37.11 -3.56
N GLY J 1 47.43 -3.34 -6.35
CA GLY J 1 46.65 -2.08 -6.14
C GLY J 1 47.01 -1.46 -4.79
N SER J 2 46.40 -0.32 -4.45
CA SER J 2 46.45 0.25 -3.08
C SER J 2 45.49 -0.54 -2.21
N HIS J 3 45.67 -0.50 -0.90
CA HIS J 3 44.82 -1.24 0.06
C HIS J 3 44.46 -0.35 1.23
N SER J 4 43.33 -0.64 1.84
CA SER J 4 42.83 0.03 3.06
C SER J 4 42.47 -1.01 4.10
N MET J 5 42.65 -0.65 5.37
CA MET J 5 42.01 -1.34 6.49
C MET J 5 41.08 -0.34 7.14
N ARG J 6 39.83 -0.72 7.38
CA ARG J 6 38.82 0.19 7.95
C ARG J 6 38.03 -0.56 9.01
N TYR J 7 37.77 0.14 10.12
CA TYR J 7 36.86 -0.32 11.17
C TYR J 7 35.66 0.63 11.21
N PHE J 8 34.50 0.02 11.41
CA PHE J 8 33.19 0.70 11.49
C PHE J 8 32.54 0.30 12.81
N TYR J 9 32.33 1.27 13.68
CA TYR J 9 31.69 1.09 15.01
C TYR J 9 30.33 1.78 14.99
N THR J 10 29.31 1.09 15.49
CA THR J 10 27.95 1.60 15.68
C THR J 10 27.51 1.34 17.11
N SER J 11 27.18 2.39 17.86
CA SER J 11 26.59 2.34 19.21
C SER J 11 25.19 2.96 19.19
N VAL J 12 24.19 2.21 19.61
CA VAL J 12 22.77 2.64 19.59
C VAL J 12 22.23 2.53 21.02
N SER J 13 21.79 3.65 21.60
CA SER J 13 21.09 3.68 22.91
C SER J 13 19.70 3.06 22.72
N ARG J 14 19.20 2.36 23.73
CA ARG J 14 17.81 1.83 23.74
C ARG J 14 17.28 2.02 25.16
N PRO J 15 16.90 3.27 25.47
CA PRO J 15 16.55 3.65 26.84
C PRO J 15 15.44 2.75 27.42
N GLY J 16 15.65 2.28 28.65
CA GLY J 16 14.72 1.37 29.36
C GLY J 16 14.73 -0.05 28.81
N ARG J 17 15.65 -0.39 27.89
CA ARG J 17 15.78 -1.74 27.29
C ARG J 17 17.23 -2.22 27.48
N GLY J 18 17.94 -1.69 28.47
CA GLY J 18 19.32 -2.09 28.81
C GLY J 18 20.37 -1.23 28.13
N GLU J 19 21.63 -1.66 28.22
CA GLU J 19 22.81 -0.92 27.76
C GLU J 19 22.75 -0.76 26.25
N PRO J 20 23.45 0.26 25.67
CA PRO J 20 23.52 0.42 24.23
C PRO J 20 24.00 -0.84 23.50
N ARG J 21 23.49 -1.04 22.30
CA ARG J 21 23.97 -2.06 21.31
C ARG J 21 25.25 -1.50 20.66
N PHE J 22 26.36 -2.21 20.76
CA PHE J 22 27.65 -1.90 20.09
C PHE J 22 27.97 -2.98 19.04
N ILE J 23 28.21 -2.56 17.81
CA ILE J 23 28.64 -3.43 16.68
C ILE J 23 29.94 -2.84 16.09
N ALA J 24 30.96 -3.67 15.96
CA ALA J 24 32.22 -3.34 15.23
C ALA J 24 32.38 -4.32 14.08
N VAL J 25 32.79 -3.83 12.92
CA VAL J 25 33.23 -4.69 11.80
C VAL J 25 34.52 -4.10 11.23
N GLY J 26 35.42 -4.98 10.83
CA GLY J 26 36.74 -4.65 10.25
C GLY J 26 36.81 -5.16 8.84
N TYR J 27 37.33 -4.33 7.94
CA TYR J 27 37.49 -4.64 6.49
C TYR J 27 38.94 -4.42 6.08
N VAL J 28 39.43 -5.29 5.19
CA VAL J 28 40.58 -4.98 4.30
C VAL J 28 39.99 -4.82 2.90
N ASP J 29 40.10 -3.64 2.32
CA ASP J 29 39.44 -3.30 1.03
C ASP J 29 37.96 -3.66 1.16
N ASP J 30 37.41 -4.49 0.26
CA ASP J 30 35.97 -4.84 0.24
C ASP J 30 35.72 -6.16 0.98
N THR J 31 36.68 -6.67 1.75
CA THR J 31 36.58 -7.99 2.40
C THR J 31 36.47 -7.79 3.92
N GLN J 32 35.35 -8.17 4.51
CA GLN J 32 35.19 -8.13 5.98
C GLN J 32 36.04 -9.23 6.60
N PHE J 33 36.68 -9.00 7.74
CA PHE J 33 37.54 -10.04 8.37
C PHE J 33 37.25 -10.23 9.86
N VAL J 34 36.61 -9.29 10.55
CA VAL J 34 36.25 -9.45 11.98
C VAL J 34 34.91 -8.79 12.26
N ARG J 35 34.29 -9.20 13.35
CA ARG J 35 33.11 -8.53 13.92
C ARG J 35 33.15 -8.65 15.44
N PHE J 36 32.45 -7.75 16.09
CA PHE J 36 32.06 -7.82 17.51
C PHE J 36 30.64 -7.29 17.61
N ASP J 37 29.80 -7.96 18.40
CA ASP J 37 28.40 -7.55 18.64
C ASP J 37 28.12 -7.73 20.12
N SER J 38 27.89 -6.62 20.83
CA SER J 38 27.69 -6.60 22.31
C SER J 38 26.52 -7.48 22.71
N ASP J 39 25.57 -7.73 21.80
CA ASP J 39 24.34 -8.53 22.07
C ASP J 39 24.61 -10.03 21.94
N ALA J 40 25.67 -10.45 21.25
CA ALA J 40 25.91 -11.86 20.92
C ALA J 40 26.37 -12.62 22.17
N ALA J 41 26.26 -13.96 22.13
CA ALA J 41 26.68 -14.88 23.21
C ALA J 41 28.20 -14.82 23.43
N SER J 42 29.02 -14.78 22.39
CA SER J 42 30.50 -15.07 22.51
C SER J 42 31.18 -14.05 23.42
N GLN J 43 30.79 -12.77 23.30
CA GLN J 43 31.50 -11.60 23.89
C GLN J 43 32.98 -11.61 23.44
N ARG J 44 33.23 -11.96 22.19
CA ARG J 44 34.59 -12.04 21.60
C ARG J 44 34.60 -11.31 20.28
N MET J 45 35.73 -10.69 19.92
CA MET J 45 36.00 -10.38 18.51
C MET J 45 36.03 -11.73 17.80
N GLU J 46 35.33 -11.84 16.66
CA GLU J 46 35.18 -13.11 15.92
C GLU J 46 35.72 -12.97 14.52
N PRO J 47 36.34 -14.05 13.99
CA PRO J 47 36.78 -14.07 12.60
C PRO J 47 35.62 -14.10 11.60
N ARG J 48 35.76 -13.40 10.48
CA ARG J 48 34.78 -13.38 9.37
C ARG J 48 35.48 -13.61 8.03
N ALA J 49 36.77 -13.94 8.04
CA ALA J 49 37.56 -14.35 6.85
C ALA J 49 38.49 -15.49 7.27
N PRO J 50 38.74 -16.46 6.36
CA PRO J 50 39.57 -17.62 6.71
C PRO J 50 41.01 -17.24 7.10
N TRP J 51 41.58 -16.23 6.44
CA TRP J 51 43.01 -15.85 6.61
C TRP J 51 43.27 -15.17 7.96
N ILE J 52 42.25 -14.76 8.72
CA ILE J 52 42.47 -14.18 10.08
C ILE J 52 42.45 -15.29 11.14
N GLU J 53 41.95 -16.49 10.81
CA GLU J 53 41.76 -17.57 11.81
C GLU J 53 43.10 -18.04 12.36
N GLN J 54 44.18 -17.88 11.61
CA GLN J 54 45.56 -18.31 12.00
C GLN J 54 46.14 -17.37 13.08
N GLU J 55 45.51 -16.25 13.39
CA GLU J 55 45.99 -15.39 14.51
C GLU J 55 45.79 -16.18 15.81
N GLY J 56 46.79 -16.18 16.68
CA GLY J 56 46.77 -16.94 17.95
C GLY J 56 45.86 -16.31 19.00
N PRO J 57 45.74 -16.97 20.17
CA PRO J 57 44.83 -16.52 21.22
C PRO J 57 45.14 -15.10 21.75
N GLU J 58 46.42 -14.69 21.81
CA GLU J 58 46.80 -13.35 22.30
C GLU J 58 46.16 -12.28 21.39
N TYR J 59 46.13 -12.51 20.07
CA TYR J 59 45.49 -11.60 19.09
C TYR J 59 44.02 -11.41 19.49
N TRP J 60 43.25 -12.49 19.62
CA TRP J 60 41.79 -12.45 19.91
C TRP J 60 41.54 -11.85 21.29
N ASP J 61 42.39 -12.15 22.29
CA ASP J 61 42.23 -11.58 23.66
C ASP J 61 42.39 -10.06 23.58
N GLN J 62 43.46 -9.57 22.93
CA GLN J 62 43.71 -8.12 22.89
C GLN J 62 42.64 -7.41 22.05
N GLU J 63 42.27 -7.95 20.88
CA GLU J 63 41.22 -7.34 20.02
C GLU J 63 39.90 -7.26 20.80
N THR J 64 39.56 -8.32 21.54
CA THR J 64 38.30 -8.36 22.34
C THR J 64 38.38 -7.28 23.45
N ARG J 65 39.49 -7.22 24.19
CA ARG J 65 39.65 -6.24 25.29
C ARG J 65 39.52 -4.83 24.73
N ASN J 66 40.17 -4.54 23.61
CA ASN J 66 40.23 -3.16 23.05
C ASN J 66 38.84 -2.77 22.54
N VAL J 67 38.16 -3.66 21.81
CA VAL J 67 36.84 -3.28 21.24
C VAL J 67 35.81 -3.17 22.38
N LYS J 68 35.89 -4.01 23.41
CA LYS J 68 34.96 -3.88 24.58
C LYS J 68 35.19 -2.53 25.28
N ALA J 69 36.45 -2.13 25.48
CA ALA J 69 36.81 -0.83 26.09
C ALA J 69 36.19 0.31 25.27
N GLN J 70 36.27 0.23 23.94
CA GLN J 70 35.65 1.27 23.06
C GLN J 70 34.13 1.25 23.21
N SER J 71 33.51 0.07 23.33
CA SER J 71 32.04 0.02 23.52
C SER J 71 31.63 0.76 24.80
N GLN J 72 32.46 0.68 25.87
CA GLN J 72 32.20 1.36 27.17
C GLN J 72 32.37 2.88 27.02
N THR J 73 33.41 3.33 26.33
CA THR J 73 33.60 4.78 26.01
C THR J 73 32.35 5.30 25.27
N ASP J 74 31.88 4.56 24.26
CA ASP J 74 30.73 4.97 23.43
C ASP J 74 29.45 5.03 24.29
N ARG J 75 29.29 4.09 25.20
CA ARG J 75 28.15 4.09 26.16
C ARG J 75 28.17 5.41 26.94
N VAL J 76 29.33 5.80 27.49
CA VAL J 76 29.46 7.06 28.26
C VAL J 76 29.15 8.24 27.32
N ASP J 77 29.70 8.21 26.10
CA ASP J 77 29.58 9.32 25.12
C ASP J 77 28.12 9.51 24.69
N LEU J 78 27.33 8.44 24.58
CA LEU J 78 25.89 8.57 24.25
C LEU J 78 25.19 9.44 25.31
N GLY J 79 25.53 9.25 26.59
CA GLY J 79 24.97 10.04 27.71
C GLY J 79 25.43 11.49 27.62
N THR J 80 26.72 11.71 27.37
CA THR J 80 27.32 13.07 27.26
C THR J 80 26.66 13.84 26.11
N LEU J 81 26.59 13.24 24.92
CA LEU J 81 26.02 13.91 23.71
C LEU J 81 24.51 14.16 23.89
N ARG J 82 23.78 13.25 24.53
CA ARG J 82 22.34 13.50 24.85
C ARG J 82 22.24 14.80 25.68
N GLY J 83 23.15 14.98 26.65
CA GLY J 83 23.29 16.22 27.43
C GLY J 83 23.60 17.41 26.53
N TYR J 84 24.59 17.28 25.63
CA TYR J 84 25.04 18.42 24.77
C TYR J 84 23.88 18.91 23.90
N TYR J 85 23.01 18.03 23.42
CA TYR J 85 21.91 18.39 22.49
C TYR J 85 20.58 18.53 23.23
N ASN J 86 20.59 18.46 24.57
CA ASN J 86 19.38 18.68 25.41
C ASN J 86 18.27 17.71 24.99
N GLN J 87 18.61 16.44 24.75
CA GLN J 87 17.65 15.42 24.27
C GLN J 87 17.07 14.66 25.47
N SER J 88 15.81 14.22 25.37
CA SER J 88 15.13 13.43 26.44
C SER J 88 15.88 12.10 26.65
N GLU J 89 15.69 11.52 27.84
CA GLU J 89 16.20 10.18 28.21
C GLU J 89 15.43 9.08 27.46
N ASP J 90 14.37 9.43 26.73
CA ASP J 90 13.41 8.48 26.12
C ASP J 90 13.85 8.01 24.74
N GLY J 91 14.60 8.80 23.98
CA GLY J 91 14.86 8.55 22.55
C GLY J 91 16.08 7.68 22.33
N SER J 92 16.07 6.89 21.27
CA SER J 92 17.24 6.12 20.77
C SER J 92 18.15 7.04 19.95
N HIS J 93 19.46 7.01 20.19
CA HIS J 93 20.46 7.78 19.41
C HIS J 93 21.64 6.89 19.03
N THR J 94 22.41 7.33 18.03
CA THR J 94 23.45 6.51 17.37
C THR J 94 24.76 7.30 17.30
N ILE J 95 25.83 6.72 17.82
CA ILE J 95 27.23 7.16 17.54
C ILE J 95 27.83 6.18 16.54
N GLN J 96 28.43 6.71 15.49
CA GLN J 96 29.21 5.92 14.50
C GLN J 96 30.63 6.47 14.45
N ILE J 97 31.59 5.56 14.32
CA ILE J 97 33.03 5.85 14.20
C ILE J 97 33.56 5.03 13.03
N MET J 98 34.30 5.68 12.14
CA MET J 98 35.03 5.01 11.05
C MET J 98 36.48 5.48 11.14
N TYR J 99 37.42 4.54 11.13
CA TYR J 99 38.84 4.90 11.03
C TYR J 99 39.58 3.84 10.23
N GLY J 100 40.76 4.21 9.78
CA GLY J 100 41.57 3.27 8.99
C GLY J 100 42.76 3.94 8.36
N CYS J 101 43.46 3.14 7.58
CA CYS J 101 44.74 3.54 6.96
C CYS J 101 44.83 2.87 5.60
N ASP J 102 45.56 3.52 4.71
CA ASP J 102 45.76 3.09 3.31
C ASP J 102 47.26 2.85 3.14
N VAL J 103 47.60 1.78 2.42
CA VAL J 103 48.98 1.55 1.92
C VAL J 103 48.96 1.44 0.39
N GLY J 104 50.08 1.82 -0.24
CA GLY J 104 50.28 1.64 -1.69
C GLY J 104 50.65 0.19 -1.97
N PRO J 105 50.77 -0.23 -3.25
CA PRO J 105 51.29 -1.57 -3.56
C PRO J 105 52.74 -1.84 -3.12
N ASP J 106 53.52 -0.79 -2.79
CA ASP J 106 54.87 -0.88 -2.20
C ASP J 106 54.81 -1.01 -0.67
N GLY J 107 53.61 -1.04 -0.09
CA GLY J 107 53.36 -1.15 1.36
C GLY J 107 53.51 0.18 2.06
N ARG J 108 53.87 1.27 1.38
CA ARG J 108 54.08 2.58 2.04
C ARG J 108 52.74 3.04 2.61
N PHE J 109 52.77 3.60 3.82
CA PHE J 109 51.69 4.45 4.38
C PHE J 109 51.33 5.51 3.34
N LEU J 110 50.04 5.66 3.01
CA LEU J 110 49.54 6.74 2.13
C LEU J 110 48.79 7.76 2.99
N ARG J 111 47.92 7.30 3.87
CA ARG J 111 47.08 8.17 4.73
C ARG J 111 46.39 7.36 5.82
N GLY J 112 46.02 8.07 6.88
CA GLY J 112 45.12 7.60 7.94
C GLY J 112 43.95 8.56 8.06
N TYR J 113 42.87 8.10 8.69
CA TYR J 113 41.64 8.89 8.88
C TYR J 113 40.85 8.34 10.06
N ARG J 114 40.08 9.25 10.67
CA ARG J 114 39.20 8.95 11.83
C ARG J 114 38.09 10.01 11.80
N GLN J 115 36.85 9.53 11.73
CA GLN J 115 35.65 10.39 11.66
C GLN J 115 34.57 9.78 12.57
N ASP J 116 33.82 10.64 13.25
CA ASP J 116 32.75 10.27 14.20
C ASP J 116 31.47 10.99 13.76
N ALA J 117 30.34 10.33 13.93
CA ALA J 117 28.99 10.86 13.65
C ALA J 117 28.11 10.71 14.89
N TYR J 118 27.06 11.49 14.93
CA TYR J 118 25.96 11.40 15.90
C TYR J 118 24.67 11.54 15.11
N ASP J 119 23.78 10.54 15.25
CA ASP J 119 22.46 10.53 14.62
C ASP J 119 22.61 10.77 13.12
N GLY J 120 23.58 10.09 12.51
CA GLY J 120 23.70 10.01 11.04
C GLY J 120 24.35 11.25 10.44
N LYS J 121 24.91 12.15 11.25
CA LYS J 121 25.53 13.43 10.78
C LYS J 121 26.95 13.54 11.30
N ASP J 122 27.85 14.08 10.48
CA ASP J 122 29.23 14.43 10.93
C ASP J 122 29.18 15.08 12.31
N TYR J 123 30.04 14.62 13.21
CA TYR J 123 30.22 15.20 14.57
C TYR J 123 31.62 15.80 14.69
N ILE J 124 32.66 14.97 14.63
CA ILE J 124 34.08 15.43 14.71
C ILE J 124 34.89 14.55 13.76
N ALA J 125 35.94 15.12 13.17
CA ALA J 125 36.84 14.42 12.24
C ALA J 125 38.28 14.81 12.55
N LEU J 126 39.16 13.81 12.54
CA LEU J 126 40.62 14.02 12.51
C LEU J 126 40.96 14.67 11.15
N ASN J 127 41.70 15.78 11.18
CA ASN J 127 42.12 16.49 9.94
C ASN J 127 43.18 15.66 9.22
N GLU J 128 43.46 16.03 7.97
CA GLU J 128 44.43 15.33 7.09
C GLU J 128 45.81 15.23 7.73
N ASP J 129 46.24 16.21 8.51
CA ASP J 129 47.60 16.23 9.13
C ASP J 129 47.68 15.30 10.34
N LEU J 130 46.54 14.74 10.81
CA LEU J 130 46.47 13.82 11.97
C LEU J 130 46.96 14.51 13.24
N ARG J 131 46.85 15.84 13.34
CA ARG J 131 47.36 16.63 14.49
C ARG J 131 46.30 17.56 15.07
N SER J 132 45.11 17.63 14.47
CA SER J 132 44.07 18.64 14.75
C SER J 132 42.70 18.09 14.34
N TRP J 133 41.62 18.67 14.85
CA TRP J 133 40.23 18.18 14.66
C TRP J 133 39.37 19.27 14.03
N THR J 134 38.34 18.86 13.29
CA THR J 134 37.24 19.72 12.81
C THR J 134 35.94 19.26 13.46
N ALA J 135 35.34 20.16 14.23
CA ALA J 135 34.02 19.98 14.87
C ALA J 135 32.92 20.46 13.91
N ALA J 136 31.82 19.71 13.80
CA ALA J 136 30.69 20.02 12.89
C ALA J 136 29.75 21.06 13.51
N ASP J 137 29.76 21.26 14.83
CA ASP J 137 28.81 22.16 15.54
C ASP J 137 29.34 22.49 16.93
N MET J 138 28.53 23.19 17.73
CA MET J 138 28.96 23.72 19.05
C MET J 138 29.10 22.58 20.08
N ALA J 139 28.30 21.52 20.00
CA ALA J 139 28.45 20.32 20.85
C ALA J 139 29.83 19.71 20.59
N ALA J 140 30.15 19.46 19.31
CA ALA J 140 31.43 18.85 18.88
C ALA J 140 32.61 19.75 19.25
N GLN J 141 32.41 21.08 19.30
CA GLN J 141 33.46 22.03 19.77
C GLN J 141 33.86 21.68 21.21
N ILE J 142 32.89 21.26 22.03
CA ILE J 142 33.18 20.87 23.44
C ILE J 142 34.10 19.65 23.41
N THR J 143 33.76 18.67 22.57
CA THR J 143 34.59 17.44 22.38
C THR J 143 35.97 17.85 21.89
N LYS J 144 36.03 18.72 20.88
CA LYS J 144 37.31 19.15 20.27
C LYS J 144 38.23 19.70 21.37
N ARG J 145 37.71 20.55 22.26
CA ARG J 145 38.53 21.18 23.33
C ARG J 145 39.05 20.08 24.28
N LYS J 146 38.19 19.13 24.68
CA LYS J 146 38.62 18.01 25.56
C LYS J 146 39.74 17.21 24.86
N TRP J 147 39.58 16.95 23.57
CA TRP J 147 40.50 16.08 22.79
C TRP J 147 41.83 16.82 22.56
N GLU J 148 41.79 18.14 22.37
CA GLU J 148 43.04 18.96 22.25
C GLU J 148 43.77 18.90 23.59
N ALA J 149 43.09 19.12 24.72
CA ALA J 149 43.69 19.15 26.07
C ALA J 149 44.29 17.78 26.43
N ALA J 150 43.70 16.67 25.96
CA ALA J 150 44.16 15.29 26.25
C ALA J 150 45.20 14.82 25.23
N HIS J 151 45.48 15.61 24.19
CA HIS J 151 46.41 15.24 23.07
C HIS J 151 45.95 13.93 22.43
N ALA J 152 44.64 13.80 22.19
CA ALA J 152 44.01 12.61 21.56
C ALA J 152 44.59 12.38 20.15
N ALA J 153 44.91 13.44 19.41
CA ALA J 153 45.42 13.33 18.03
C ALA J 153 46.71 12.50 18.03
N GLU J 154 47.55 12.65 19.05
CA GLU J 154 48.88 11.99 19.12
C GLU J 154 48.66 10.46 19.16
N GLN J 155 47.68 9.98 19.94
CA GLN J 155 47.36 8.53 20.06
C GLN J 155 46.89 8.01 18.68
N GLN J 156 46.01 8.76 18.01
CA GLN J 156 45.43 8.41 16.70
C GLN J 156 46.55 8.33 15.67
N ARG J 157 47.42 9.35 15.64
CA ARG J 157 48.51 9.46 14.66
C ARG J 157 49.47 8.28 14.86
N ALA J 158 49.81 7.94 16.11
CA ALA J 158 50.75 6.84 16.44
C ALA J 158 50.17 5.50 15.95
N TYR J 159 48.85 5.29 16.12
CA TYR J 159 48.17 4.06 15.65
C TYR J 159 48.17 4.02 14.12
N LEU J 160 47.73 5.12 13.50
CA LEU J 160 47.45 5.14 12.04
C LEU J 160 48.75 4.98 11.23
N GLU J 161 49.87 5.51 11.73
CA GLU J 161 51.19 5.46 11.06
C GLU J 161 51.99 4.23 11.52
N GLY J 162 51.52 3.54 12.55
CA GLY J 162 52.21 2.42 13.19
C GLY J 162 51.42 1.12 13.05
N ARG J 163 50.80 0.66 14.13
CA ARG J 163 50.11 -0.67 14.19
C ARG J 163 49.12 -0.79 13.02
N CYS J 164 48.39 0.25 12.65
CA CYS J 164 47.38 0.19 11.57
C CYS J 164 48.03 -0.34 10.27
N VAL J 165 49.09 0.31 9.79
CA VAL J 165 49.71 -0.07 8.49
C VAL J 165 50.50 -1.36 8.68
N GLU J 166 51.11 -1.56 9.84
CA GLU J 166 51.94 -2.77 10.11
C GLU J 166 51.05 -4.02 9.99
N TRP J 167 49.87 -3.96 10.63
CA TRP J 167 48.93 -5.10 10.64
C TRP J 167 48.24 -5.24 9.29
N LEU J 168 47.90 -4.14 8.61
CA LEU J 168 47.36 -4.17 7.23
C LEU J 168 48.33 -4.93 6.31
N ARG J 169 49.62 -4.65 6.38
CA ARG J 169 50.63 -5.36 5.56
C ARG J 169 50.61 -6.85 5.88
N ARG J 170 50.52 -7.20 7.18
CA ARG J 170 50.49 -8.63 7.60
C ARG J 170 49.22 -9.31 7.05
N TYR J 171 48.07 -8.66 7.14
CA TYR J 171 46.79 -9.22 6.63
C TYR J 171 46.90 -9.44 5.11
N LEU J 172 47.46 -8.46 4.40
CA LEU J 172 47.60 -8.53 2.93
C LEU J 172 48.49 -9.72 2.57
N GLU J 173 49.49 -10.04 3.39
CA GLU J 173 50.38 -11.20 3.16
C GLU J 173 49.64 -12.51 3.51
N ASN J 174 49.07 -12.61 4.70
CA ASN J 174 48.34 -13.83 5.16
C ASN J 174 47.15 -14.16 4.26
N GLY J 175 46.44 -13.15 3.75
CA GLY J 175 45.26 -13.34 2.87
C GLY J 175 45.57 -13.08 1.42
N LYS J 176 46.84 -13.17 0.99
CA LYS J 176 47.26 -12.70 -0.37
C LYS J 176 46.46 -13.41 -1.46
N GLU J 177 46.17 -14.71 -1.32
CA GLU J 177 45.45 -15.52 -2.34
C GLU J 177 44.08 -14.91 -2.62
N THR J 178 43.46 -14.21 -1.67
CA THR J 178 42.12 -13.59 -1.87
C THR J 178 42.18 -12.05 -1.90
N LEU J 179 42.96 -11.39 -1.04
CA LEU J 179 42.96 -9.91 -0.96
C LEU J 179 43.73 -9.29 -2.13
N GLN J 180 44.75 -9.96 -2.69
CA GLN J 180 45.57 -9.34 -3.77
C GLN J 180 45.10 -9.85 -5.14
N ARG J 181 44.00 -10.56 -5.21
CA ARG J 181 43.41 -11.09 -6.48
C ARG J 181 42.65 -9.94 -7.16
N THR J 182 42.66 -9.91 -8.48
CA THR J 182 41.70 -9.10 -9.27
C THR J 182 40.89 -10.07 -10.12
N ASP J 183 39.62 -10.27 -9.78
CA ASP J 183 38.65 -11.02 -10.61
C ASP J 183 38.03 -10.01 -11.58
N PRO J 184 38.33 -10.13 -12.89
CA PRO J 184 37.78 -9.19 -13.87
C PRO J 184 36.29 -9.43 -14.03
N PRO J 185 35.49 -8.42 -14.42
CA PRO J 185 34.07 -8.63 -14.66
C PRO J 185 33.83 -9.58 -15.82
N LYS J 186 32.86 -10.48 -15.66
CA LYS J 186 32.25 -11.26 -16.76
C LYS J 186 31.06 -10.44 -17.24
N THR J 187 31.04 -10.11 -18.54
CA THR J 187 30.06 -9.14 -19.08
C THR J 187 29.15 -9.82 -20.09
N HIS J 188 27.96 -9.29 -20.22
CA HIS J 188 27.00 -9.63 -21.30
C HIS J 188 26.02 -8.48 -21.42
N MET J 189 25.25 -8.49 -22.50
CA MET J 189 24.22 -7.47 -22.73
C MET J 189 22.88 -8.19 -22.95
N THR J 190 21.80 -7.64 -22.41
CA THR J 190 20.43 -8.08 -22.71
C THR J 190 19.71 -6.97 -23.45
N HIS J 191 18.66 -7.36 -24.16
CA HIS J 191 17.79 -6.49 -24.99
C HIS J 191 16.34 -6.89 -24.70
N HIS J 192 15.52 -5.94 -24.24
CA HIS J 192 14.06 -6.13 -24.05
C HIS J 192 13.32 -4.99 -24.76
N PRO J 193 12.45 -5.31 -25.77
CA PRO J 193 11.52 -4.31 -26.29
C PRO J 193 10.64 -3.75 -25.16
N ILE J 194 10.40 -2.44 -25.17
CA ILE J 194 9.49 -1.72 -24.23
C ILE J 194 8.18 -1.43 -24.98
N SER J 195 8.28 -1.26 -26.30
CA SER J 195 7.17 -0.94 -27.23
C SER J 195 7.59 -1.32 -28.66
N ASP J 196 6.79 -0.96 -29.66
CA ASP J 196 7.15 -1.13 -31.09
C ASP J 196 8.29 -0.19 -31.47
N HIS J 197 8.56 0.88 -30.70
CA HIS J 197 9.49 1.98 -31.08
C HIS J 197 10.66 2.14 -30.09
N GLU J 198 10.68 1.44 -28.94
CA GLU J 198 11.79 1.56 -27.97
C GLU J 198 12.18 0.20 -27.39
N ALA J 199 13.46 0.05 -27.03
CA ALA J 199 14.02 -1.14 -26.38
C ALA J 199 15.01 -0.74 -25.29
N THR J 200 15.16 -1.59 -24.27
CA THR J 200 16.17 -1.45 -23.21
C THR J 200 17.37 -2.31 -23.58
N LEU J 201 18.56 -1.72 -23.59
CA LEU J 201 19.84 -2.46 -23.57
C LEU J 201 20.35 -2.42 -22.13
N ARG J 202 20.68 -3.58 -21.56
CA ARG J 202 21.25 -3.64 -20.21
C ARG J 202 22.62 -4.31 -20.31
N CYS J 203 23.63 -3.59 -19.85
CA CYS J 203 25.04 -3.99 -19.86
C CYS J 203 25.40 -4.51 -18.47
N TRP J 204 25.79 -5.79 -18.38
CA TRP J 204 26.07 -6.50 -17.10
C TRP J 204 27.57 -6.65 -16.85
N ALA J 205 27.99 -6.47 -15.61
CA ALA J 205 29.28 -6.87 -15.05
C ALA J 205 29.04 -7.76 -13.83
N LEU J 206 29.54 -8.99 -13.84
CA LEU J 206 29.32 -9.97 -12.76
C LEU J 206 30.65 -10.56 -12.31
N GLY J 207 30.72 -10.98 -11.05
CA GLY J 207 31.81 -11.83 -10.55
C GLY J 207 33.14 -11.10 -10.41
N PHE J 208 33.11 -9.77 -10.23
CA PHE J 208 34.34 -8.94 -10.16
C PHE J 208 34.72 -8.64 -8.71
N TYR J 209 36.03 -8.44 -8.52
CA TYR J 209 36.66 -8.01 -7.25
C TYR J 209 37.96 -7.30 -7.60
N PRO J 210 38.29 -6.13 -7.00
CA PRO J 210 37.43 -5.45 -6.02
C PRO J 210 36.17 -4.80 -6.61
N ALA J 211 35.39 -4.12 -5.76
CA ALA J 211 34.07 -3.56 -6.09
C ALA J 211 34.19 -2.39 -7.08
N GLU J 212 35.30 -1.63 -7.02
CA GLU J 212 35.44 -0.40 -7.86
C GLU J 212 35.31 -0.80 -9.34
N ILE J 213 34.41 -0.15 -10.08
CA ILE J 213 34.18 -0.43 -11.51
C ILE J 213 33.56 0.79 -12.16
N THR J 214 33.71 0.97 -13.45
CA THR J 214 32.99 2.01 -14.23
C THR J 214 32.27 1.32 -15.40
N LEU J 215 30.96 1.54 -15.50
CA LEU J 215 30.13 1.21 -16.66
C LEU J 215 29.64 2.51 -17.28
N THR J 216 29.84 2.70 -18.58
CA THR J 216 29.37 3.90 -19.31
C THR J 216 28.73 3.47 -20.63
N TRP J 217 27.61 4.10 -20.97
CA TRP J 217 26.97 4.00 -22.30
C TRP J 217 27.48 5.17 -23.15
N GLN J 218 27.84 4.89 -24.41
CA GLN J 218 28.06 5.93 -25.45
C GLN J 218 27.06 5.71 -26.60
N ARG J 219 26.67 6.80 -27.25
CA ARG J 219 25.94 6.81 -28.54
C ARG J 219 26.85 7.49 -29.56
N ASP J 220 27.22 6.79 -30.62
CA ASP J 220 28.17 7.31 -31.64
C ASP J 220 29.43 7.83 -30.95
N GLY J 221 29.90 7.15 -29.89
CA GLY J 221 31.17 7.47 -29.21
C GLY J 221 31.06 8.60 -28.20
N GLU J 222 29.87 9.19 -28.01
CA GLU J 222 29.62 10.29 -27.04
C GLU J 222 28.93 9.75 -25.77
N ASP J 223 29.39 10.17 -24.59
CA ASP J 223 28.81 9.79 -23.27
C ASP J 223 27.28 10.02 -23.30
N GLN J 224 26.50 9.01 -22.93
CA GLN J 224 25.03 9.07 -22.75
C GLN J 224 24.69 9.05 -21.25
N THR J 225 23.86 9.97 -20.75
CA THR J 225 23.37 10.02 -19.34
C THR J 225 21.84 10.01 -19.33
N GLN J 226 21.19 10.83 -20.15
CA GLN J 226 19.71 10.76 -20.23
C GLN J 226 19.29 9.36 -20.69
N ASP J 227 18.16 8.88 -20.16
CA ASP J 227 17.50 7.60 -20.54
C ASP J 227 18.39 6.42 -20.12
N THR J 228 19.26 6.62 -19.12
CA THR J 228 20.09 5.54 -18.53
C THR J 228 19.65 5.25 -17.09
N GLU J 229 19.98 4.07 -16.63
CA GLU J 229 19.84 3.67 -15.23
C GLU J 229 21.10 2.91 -14.86
N LEU J 230 21.77 3.38 -13.82
CA LEU J 230 22.98 2.77 -13.27
C LEU J 230 22.65 2.31 -11.86
N VAL J 231 22.65 1.00 -11.57
CA VAL J 231 22.38 0.53 -10.18
C VAL J 231 23.66 0.62 -9.36
N GLU J 232 23.50 0.74 -8.05
CA GLU J 232 24.60 0.69 -7.06
C GLU J 232 25.30 -0.65 -7.24
N THR J 233 26.61 -0.66 -7.16
CA THR J 233 27.42 -1.89 -7.13
C THR J 233 26.93 -2.70 -5.93
N ARG J 234 26.73 -4.00 -6.12
CA ARG J 234 26.09 -4.83 -5.09
C ARG J 234 26.89 -6.10 -4.89
N PRO J 235 26.88 -6.64 -3.65
CA PRO J 235 27.56 -7.89 -3.38
C PRO J 235 26.76 -9.08 -3.91
N ALA J 236 27.45 -10.03 -4.54
CA ALA J 236 26.86 -11.30 -4.99
C ALA J 236 26.64 -12.23 -3.79
N GLY J 237 27.46 -12.07 -2.74
CA GLY J 237 27.41 -12.91 -1.54
C GLY J 237 28.46 -14.00 -1.55
N ASP J 238 29.30 -14.07 -2.58
CA ASP J 238 30.38 -15.08 -2.71
C ASP J 238 31.77 -14.40 -2.66
N GLY J 239 31.84 -13.11 -2.34
CA GLY J 239 33.11 -12.36 -2.33
C GLY J 239 33.28 -11.52 -3.58
N THR J 240 32.33 -11.60 -4.53
CA THR J 240 32.39 -10.81 -5.77
C THR J 240 31.23 -9.81 -5.80
N PHE J 241 31.28 -8.92 -6.79
CA PHE J 241 30.34 -7.80 -6.95
C PHE J 241 29.68 -7.90 -8.33
N GLN J 242 28.58 -7.16 -8.44
CA GLN J 242 27.71 -7.08 -9.64
C GLN J 242 27.39 -5.62 -9.88
N LYS J 243 27.21 -5.26 -11.14
CA LYS J 243 26.62 -3.96 -11.48
C LYS J 243 26.00 -4.10 -12.86
N TRP J 244 25.00 -3.27 -13.14
CA TRP J 244 24.52 -3.11 -14.53
C TRP J 244 24.20 -1.66 -14.81
N ALA J 245 24.19 -1.32 -16.09
CA ALA J 245 23.80 -0.01 -16.63
C ALA J 245 22.88 -0.28 -17.83
N ALA J 246 21.72 0.38 -17.86
CA ALA J 246 20.71 0.20 -18.92
C ALA J 246 20.55 1.52 -19.64
N VAL J 247 20.21 1.45 -20.92
CA VAL J 247 19.82 2.64 -21.71
C VAL J 247 18.59 2.26 -22.51
N VAL J 248 17.65 3.19 -22.64
CA VAL J 248 16.45 3.05 -23.50
C VAL J 248 16.79 3.69 -24.84
N VAL J 249 16.62 2.95 -25.93
CA VAL J 249 17.05 3.40 -27.28
C VAL J 249 15.88 3.27 -28.24
N PRO J 250 15.84 4.09 -29.31
CA PRO J 250 14.89 3.88 -30.40
C PRO J 250 15.15 2.53 -31.09
N SER J 251 14.10 1.76 -31.35
CA SER J 251 14.16 0.45 -32.05
C SER J 251 14.83 0.62 -33.42
N GLY J 252 15.80 -0.26 -33.71
CA GLY J 252 16.62 -0.21 -34.94
C GLY J 252 17.82 0.71 -34.79
N GLU J 253 18.06 1.30 -33.61
CA GLU J 253 19.22 2.21 -33.38
C GLU J 253 20.17 1.59 -32.36
N GLU J 254 19.92 0.33 -31.96
CA GLU J 254 20.70 -0.41 -30.93
C GLU J 254 22.20 -0.35 -31.25
N GLN J 255 22.55 -0.41 -32.54
CA GLN J 255 23.94 -0.55 -33.05
C GLN J 255 24.75 0.73 -32.78
N ARG J 256 24.06 1.84 -32.51
CA ARG J 256 24.73 3.14 -32.27
C ARG J 256 25.26 3.21 -30.84
N TYR J 257 24.87 2.28 -29.97
CA TYR J 257 25.18 2.33 -28.53
C TYR J 257 26.27 1.31 -28.19
N THR J 258 27.18 1.73 -27.34
CA THR J 258 28.25 0.86 -26.82
C THR J 258 28.32 1.04 -25.32
N CYS J 259 28.61 -0.05 -24.62
CA CYS J 259 28.83 -0.07 -23.17
C CYS J 259 30.32 -0.29 -22.94
N HIS J 260 30.93 0.57 -22.13
CA HIS J 260 32.37 0.56 -21.81
C HIS J 260 32.53 0.10 -20.36
N VAL J 261 33.38 -0.88 -20.15
CA VAL J 261 33.61 -1.49 -18.82
C VAL J 261 35.07 -1.29 -18.45
N GLN J 262 35.32 -0.62 -17.34
CA GLN J 262 36.69 -0.41 -16.80
C GLN J 262 36.78 -1.04 -15.41
N HIS J 263 37.83 -1.79 -15.17
CA HIS J 263 38.07 -2.49 -13.88
C HIS J 263 39.55 -2.77 -13.79
N GLU J 264 40.08 -2.85 -12.58
CA GLU J 264 41.51 -3.09 -12.29
C GLU J 264 41.97 -4.41 -12.92
N GLY J 265 41.06 -5.40 -13.04
CA GLY J 265 41.40 -6.73 -13.54
C GLY J 265 41.43 -6.81 -15.04
N LEU J 266 41.05 -5.74 -15.73
CA LEU J 266 41.01 -5.66 -17.21
C LEU J 266 42.25 -4.88 -17.64
N PRO J 267 43.14 -5.47 -18.45
CA PRO J 267 44.29 -4.74 -18.97
C PRO J 267 43.88 -3.49 -19.77
N LYS J 268 42.83 -3.60 -20.56
CA LYS J 268 42.23 -2.48 -21.33
C LYS J 268 40.71 -2.59 -21.19
N PRO J 269 39.95 -1.48 -21.32
CA PRO J 269 38.51 -1.54 -21.14
C PRO J 269 37.87 -2.48 -22.17
N LEU J 270 36.76 -3.11 -21.80
CA LEU J 270 35.88 -3.87 -22.73
C LEU J 270 34.85 -2.92 -23.31
N THR J 271 34.49 -3.14 -24.55
CA THR J 271 33.36 -2.49 -25.23
C THR J 271 32.37 -3.59 -25.65
N LEU J 272 31.12 -3.44 -25.24
CA LEU J 272 30.01 -4.33 -25.69
C LEU J 272 29.07 -3.51 -26.58
N ARG J 273 28.62 -4.15 -27.65
CA ARG J 273 27.62 -3.62 -28.60
C ARG J 273 26.60 -4.73 -28.82
N TRP J 274 25.34 -4.39 -29.01
CA TRP J 274 24.25 -5.40 -29.17
C TRP J 274 24.47 -6.23 -30.44
N MET K 1 16.08 15.02 14.32
CA MET K 1 17.22 14.28 13.75
C MET K 1 16.87 13.78 12.34
N ILE K 2 17.88 13.45 11.55
CA ILE K 2 17.64 12.95 10.18
C ILE K 2 17.47 11.43 10.27
N GLN K 3 16.69 10.91 9.33
CA GLN K 3 16.58 9.46 9.04
C GLN K 3 16.77 9.31 7.53
N ARG K 4 16.99 8.11 7.05
CA ARG K 4 17.08 7.86 5.59
C ARG K 4 16.33 6.59 5.24
N THR K 5 15.55 6.61 4.18
CA THR K 5 14.76 5.44 3.72
C THR K 5 15.68 4.41 3.09
N PRO K 6 15.37 3.11 3.24
CA PRO K 6 16.17 2.06 2.61
C PRO K 6 16.00 1.99 1.09
N LYS K 7 17.10 1.82 0.39
CA LYS K 7 17.13 1.36 -1.02
C LYS K 7 17.15 -0.16 -1.00
N ILE K 8 16.54 -0.78 -2.00
CA ILE K 8 16.43 -2.25 -2.09
C ILE K 8 16.83 -2.70 -3.49
N GLN K 9 17.71 -3.69 -3.59
CA GLN K 9 17.86 -4.47 -4.83
C GLN K 9 17.62 -5.93 -4.50
N VAL K 10 16.84 -6.60 -5.34
CA VAL K 10 16.56 -8.05 -5.23
C VAL K 10 17.07 -8.74 -6.49
N TYR K 11 17.87 -9.78 -6.32
CA TYR K 11 18.64 -10.37 -7.43
C TYR K 11 19.19 -11.72 -7.01
N SER K 12 19.56 -12.53 -7.98
CA SER K 12 20.19 -13.85 -7.73
C SER K 12 21.72 -13.69 -7.76
N ARG K 13 22.40 -14.58 -7.06
CA ARG K 13 23.87 -14.58 -6.99
C ARG K 13 24.46 -14.87 -8.37
N HIS K 14 23.94 -15.87 -9.09
CA HIS K 14 24.35 -16.19 -10.49
CA HIS K 14 24.34 -16.24 -10.47
C HIS K 14 23.13 -16.09 -11.39
N PRO K 15 23.31 -15.97 -12.72
CA PRO K 15 22.15 -15.91 -13.63
C PRO K 15 21.21 -17.10 -13.40
N ALA K 16 19.92 -16.82 -13.26
CA ALA K 16 18.88 -17.79 -12.86
C ALA K 16 18.66 -18.79 -14.01
N GLU K 17 18.67 -20.08 -13.67
CA GLU K 17 18.26 -21.18 -14.58
C GLU K 17 17.23 -22.02 -13.84
N ASN K 18 16.04 -22.20 -14.40
CA ASN K 18 14.96 -22.98 -13.75
C ASN K 18 15.53 -24.36 -13.40
N GLY K 19 15.34 -24.82 -12.16
CA GLY K 19 15.78 -26.16 -11.73
C GLY K 19 17.22 -26.19 -11.25
N LYS K 20 17.97 -25.07 -11.30
CA LYS K 20 19.39 -25.02 -10.85
C LYS K 20 19.49 -24.20 -9.55
N SER K 21 20.11 -24.78 -8.52
CA SER K 21 20.31 -24.11 -7.21
C SER K 21 21.04 -22.77 -7.40
N ASN K 22 20.69 -21.82 -6.57
CA ASN K 22 21.16 -20.41 -6.67
C ASN K 22 21.01 -19.78 -5.27
N PHE K 23 21.25 -18.49 -5.16
CA PHE K 23 21.03 -17.71 -3.91
C PHE K 23 20.18 -16.51 -4.31
N LEU K 24 19.14 -16.27 -3.51
CA LEU K 24 18.29 -15.06 -3.65
C LEU K 24 18.84 -14.01 -2.68
N ASN K 25 19.12 -12.83 -3.20
CA ASN K 25 19.75 -11.72 -2.44
C ASN K 25 18.78 -10.57 -2.33
N CYS K 26 18.72 -9.97 -1.15
CA CYS K 26 18.07 -8.67 -0.95
C CYS K 26 19.09 -7.74 -0.31
N TYR K 27 19.56 -6.78 -1.08
CA TYR K 27 20.63 -5.84 -0.65
C TYR K 27 19.93 -4.54 -0.25
N VAL K 28 19.99 -4.21 1.02
CA VAL K 28 19.28 -3.05 1.62
C VAL K 28 20.35 -2.06 2.07
N SER K 29 20.26 -0.82 1.61
CA SER K 29 21.34 0.17 1.75
C SER K 29 20.75 1.57 1.90
N GLY K 30 21.59 2.52 2.31
CA GLY K 30 21.27 3.95 2.34
C GLY K 30 20.31 4.30 3.47
N PHE K 31 20.10 3.44 4.46
CA PHE K 31 19.10 3.68 5.54
C PHE K 31 19.77 4.14 6.84
N HIS K 32 18.98 4.84 7.64
CA HIS K 32 19.34 5.33 8.99
C HIS K 32 18.04 5.59 9.72
N PRO K 33 17.83 5.14 10.98
CA PRO K 33 18.81 4.39 11.77
C PRO K 33 18.93 2.89 11.40
N SER K 34 19.69 2.13 12.19
CA SER K 34 20.20 0.79 11.83
C SER K 34 19.10 -0.27 11.99
N ASP K 35 18.14 -0.09 12.90
CA ASP K 35 17.08 -1.11 13.16
C ASP K 35 16.28 -1.31 11.88
N ILE K 36 16.18 -2.55 11.41
CA ILE K 36 15.47 -2.84 10.13
C ILE K 36 15.00 -4.31 10.17
N GLU K 37 13.87 -4.56 9.52
CA GLU K 37 13.28 -5.92 9.39
C GLU K 37 13.27 -6.23 7.90
N VAL K 38 13.87 -7.34 7.50
CA VAL K 38 13.91 -7.79 6.09
C VAL K 38 13.46 -9.24 6.03
N ASP K 39 12.47 -9.52 5.20
CA ASP K 39 12.02 -10.89 4.90
C ASP K 39 12.19 -11.15 3.40
N LEU K 40 12.59 -12.36 3.05
CA LEU K 40 12.47 -12.86 1.66
C LEU K 40 11.15 -13.62 1.56
N LEU K 41 10.42 -13.40 0.48
CA LEU K 41 9.08 -14.00 0.29
C LEU K 41 9.13 -14.97 -0.90
N LYS K 42 8.51 -16.13 -0.75
CA LYS K 42 8.21 -17.08 -1.84
C LYS K 42 6.69 -17.20 -1.94
N ASN K 43 6.13 -16.75 -3.07
CA ASN K 43 4.67 -16.75 -3.31
C ASN K 43 3.96 -16.07 -2.11
N GLY K 44 4.51 -14.94 -1.66
CA GLY K 44 3.96 -14.08 -0.59
C GLY K 44 4.18 -14.64 0.82
N GLU K 45 4.89 -15.75 0.99
CA GLU K 45 5.12 -16.39 2.31
C GLU K 45 6.57 -16.20 2.73
N ARG K 46 6.78 -15.89 4.00
CA ARG K 46 8.11 -15.65 4.59
C ARG K 46 8.96 -16.91 4.45
N ILE K 47 10.16 -16.78 3.87
CA ILE K 47 11.15 -17.89 3.80
C ILE K 47 11.82 -17.96 5.16
N GLU K 48 11.97 -19.18 5.70
CA GLU K 48 12.60 -19.40 7.02
C GLU K 48 14.12 -19.47 6.79
N LYS K 49 14.94 -19.14 7.79
CA LYS K 49 16.41 -19.46 7.79
C LYS K 49 17.19 -18.56 6.82
N VAL K 50 16.64 -17.42 6.45
CA VAL K 50 17.35 -16.34 5.74
C VAL K 50 18.52 -15.83 6.60
N GLU K 51 19.67 -15.63 5.99
CA GLU K 51 20.89 -15.14 6.67
C GLU K 51 21.16 -13.70 6.25
N HIS K 52 22.01 -13.02 7.00
CA HIS K 52 22.39 -11.64 6.61
C HIS K 52 23.83 -11.35 7.01
N SER K 53 24.42 -10.38 6.32
CA SER K 53 25.79 -9.89 6.60
C SER K 53 25.75 -9.07 7.89
N ASP K 54 26.93 -8.79 8.43
CA ASP K 54 27.10 -7.91 9.61
C ASP K 54 26.86 -6.47 9.19
N LEU K 55 26.19 -5.72 10.05
CA LEU K 55 25.90 -4.29 9.85
C LEU K 55 27.20 -3.52 9.58
N SER K 56 27.19 -2.76 8.50
CA SER K 56 28.26 -1.79 8.20
C SER K 56 27.60 -0.55 7.60
N PHE K 57 28.39 0.46 7.26
CA PHE K 57 27.85 1.73 6.76
C PHE K 57 28.80 2.36 5.76
N SER K 58 28.24 3.29 4.99
CA SER K 58 28.87 3.99 3.84
C SER K 58 29.43 5.33 4.28
N LYS K 59 30.09 6.03 3.36
CA LYS K 59 30.71 7.37 3.60
C LYS K 59 29.71 8.36 4.22
N ASP K 60 28.41 8.30 3.84
CA ASP K 60 27.38 9.27 4.30
C ASP K 60 26.75 8.80 5.64
N TRP K 61 27.31 7.75 6.25
CA TRP K 61 26.93 7.18 7.58
C TRP K 61 25.71 6.25 7.46
N SER K 62 25.11 6.12 6.27
CA SER K 62 23.93 5.27 6.03
C SER K 62 24.36 3.79 6.03
N PHE K 63 23.50 2.92 6.52
CA PHE K 63 23.79 1.49 6.78
C PHE K 63 23.50 0.65 5.53
N TYR K 64 24.11 -0.53 5.46
CA TYR K 64 23.77 -1.53 4.42
C TYR K 64 23.92 -2.94 4.98
N LEU K 65 23.09 -3.82 4.43
CA LEU K 65 22.97 -5.25 4.83
C LEU K 65 22.66 -6.06 3.58
N LEU K 66 23.21 -7.27 3.49
CA LEU K 66 22.78 -8.27 2.48
C LEU K 66 22.01 -9.38 3.23
N TYR K 67 20.78 -9.63 2.81
CA TYR K 67 19.97 -10.80 3.23
C TYR K 67 19.99 -11.81 2.07
N TYR K 68 20.12 -13.09 2.37
CA TYR K 68 20.21 -14.10 1.31
C TYR K 68 19.70 -15.45 1.81
N THR K 69 19.25 -16.27 0.86
CA THR K 69 18.83 -17.66 1.09
C THR K 69 19.18 -18.46 -0.17
N GLU K 70 19.56 -19.71 0.01
CA GLU K 70 19.68 -20.70 -1.08
C GLU K 70 18.27 -20.97 -1.62
N PHE K 71 18.11 -21.09 -2.93
CA PHE K 71 16.81 -21.40 -3.55
C PHE K 71 17.02 -21.99 -4.94
N THR K 72 15.99 -22.67 -5.44
CA THR K 72 15.99 -23.22 -6.81
C THR K 72 14.86 -22.55 -7.55
N PRO K 73 15.12 -21.57 -8.42
CA PRO K 73 14.05 -20.92 -9.18
C PRO K 73 13.34 -21.95 -10.08
N THR K 74 12.03 -21.77 -10.21
CA THR K 74 11.18 -22.52 -11.17
C THR K 74 10.35 -21.50 -11.96
N GLU K 75 9.67 -21.98 -13.00
CA GLU K 75 8.71 -21.15 -13.77
C GLU K 75 7.48 -20.81 -12.92
N LYS K 76 7.22 -21.49 -11.80
CA LYS K 76 5.93 -21.37 -11.09
C LYS K 76 6.02 -20.50 -9.82
N ASP K 77 7.19 -20.02 -9.45
CA ASP K 77 7.43 -19.39 -8.13
C ASP K 77 7.76 -17.91 -8.33
N GLU K 78 7.13 -17.03 -7.56
CA GLU K 78 7.49 -15.59 -7.47
C GLU K 78 8.27 -15.37 -6.17
N TYR K 79 9.27 -14.50 -6.22
CA TYR K 79 10.08 -14.13 -5.04
C TYR K 79 10.04 -12.62 -4.90
N ALA K 80 10.11 -12.18 -3.65
CA ALA K 80 10.17 -10.75 -3.33
C ALA K 80 11.01 -10.56 -2.06
N CYS K 81 11.39 -9.32 -1.83
CA CYS K 81 12.00 -8.85 -0.58
C CYS K 81 11.05 -7.85 0.07
N ARG K 82 10.80 -7.98 1.36
CA ARG K 82 9.88 -7.10 2.14
C ARG K 82 10.70 -6.43 3.25
N VAL K 83 10.71 -5.10 3.26
CA VAL K 83 11.54 -4.31 4.20
C VAL K 83 10.62 -3.45 5.07
N ASN K 84 10.81 -3.53 6.37
CA ASN K 84 10.20 -2.57 7.30
C ASN K 84 11.27 -1.77 8.02
N HIS K 85 10.97 -0.49 8.19
CA HIS K 85 11.93 0.51 8.73
C HIS K 85 11.10 1.67 9.26
N VAL K 86 11.61 2.34 10.30
CA VAL K 86 10.90 3.48 10.95
C VAL K 86 10.50 4.55 9.89
N THR K 87 11.25 4.70 8.81
CA THR K 87 11.02 5.73 7.74
C THR K 87 9.89 5.37 6.77
N LEU K 88 9.41 4.14 6.76
CA LEU K 88 8.38 3.67 5.78
C LEU K 88 7.00 3.74 6.44
N SER K 89 6.00 4.21 5.69
CA SER K 89 4.60 4.29 6.20
C SER K 89 3.93 2.90 6.08
N GLN K 90 4.49 2.01 5.28
CA GLN K 90 4.07 0.59 5.13
C GLN K 90 5.30 -0.19 4.69
N PRO K 91 5.33 -1.53 4.88
CA PRO K 91 6.43 -2.34 4.39
C PRO K 91 6.62 -2.11 2.89
N LYS K 92 7.88 -2.04 2.45
CA LYS K 92 8.22 -1.91 1.01
C LYS K 92 8.53 -3.30 0.45
N ILE K 93 7.81 -3.70 -0.58
CA ILE K 93 7.95 -5.02 -1.26
C ILE K 93 8.56 -4.75 -2.64
N VAL K 94 9.67 -5.42 -2.94
CA VAL K 94 10.30 -5.38 -4.28
C VAL K 94 10.34 -6.81 -4.81
N LYS K 95 9.72 -7.04 -5.96
CA LYS K 95 9.64 -8.37 -6.60
C LYS K 95 10.98 -8.65 -7.28
N TRP K 96 11.44 -9.89 -7.22
CA TRP K 96 12.61 -10.35 -7.99
C TRP K 96 12.29 -10.32 -9.48
N ASP K 97 13.08 -9.56 -10.25
CA ASP K 97 13.07 -9.60 -11.73
C ASP K 97 14.39 -10.26 -12.17
N ARG K 98 14.30 -11.37 -12.91
CA ARG K 98 15.47 -12.25 -13.20
C ARG K 98 16.59 -11.52 -13.95
N ASP K 99 16.28 -10.46 -14.69
CA ASP K 99 17.27 -9.68 -15.47
C ASP K 99 17.45 -8.30 -14.84
N MET K 100 17.45 -8.21 -13.51
CA MET K 100 17.74 -6.93 -12.81
C MET K 100 18.49 -7.16 -11.50
N VAL L 1 44.23 -4.74 13.18
CA VAL L 1 44.05 -4.59 14.63
C VAL L 1 43.32 -3.27 14.89
N VAL L 2 42.43 -3.24 15.87
CA VAL L 2 41.75 -1.99 16.31
C VAL L 2 42.76 -1.09 17.03
N VAL L 3 42.44 0.19 17.09
CA VAL L 3 43.13 1.23 17.90
C VAL L 3 42.99 0.87 19.39
N GLY L 4 43.95 1.28 20.24
CA GLY L 4 44.00 1.08 21.71
C GLY L 4 42.66 1.25 22.42
N GLY L 7 40.50 5.40 24.76
CA GLY L 7 39.92 6.53 24.01
C GLY L 7 39.50 7.62 24.98
N VAL L 8 39.67 8.90 24.61
CA VAL L 8 39.30 10.06 25.48
C VAL L 8 37.80 10.28 25.34
N GLY L 9 37.12 10.56 26.46
CA GLY L 9 35.68 10.84 26.50
C GLY L 9 35.34 12.04 25.65
N LYS L 10 34.21 11.97 24.93
CA LYS L 10 33.64 13.10 24.14
C LYS L 10 33.08 14.17 25.07
S SO4 M . 12.09 3.69 -4.59
O1 SO4 M . 13.19 3.99 -5.47
O2 SO4 M . 10.91 3.40 -5.37
O3 SO4 M . 12.42 2.55 -3.78
O4 SO4 M . 11.84 4.83 -3.75
S SO4 N . -8.25 -25.83 -11.13
O1 SO4 N . -6.89 -25.35 -11.09
O2 SO4 N . -9.08 -24.86 -11.80
O3 SO4 N . -8.30 -27.08 -11.84
O4 SO4 N . -8.73 -26.04 -9.80
S SO4 O . -32.72 -16.59 6.88
O1 SO4 O . -32.76 -15.20 7.25
O2 SO4 O . -33.51 -16.80 5.70
O3 SO4 O . -33.23 -17.40 7.96
O4 SO4 O . -31.35 -16.98 6.61
S SO4 P . 14.06 14.51 22.07
O1 SO4 P . 14.69 15.40 21.14
O2 SO4 P . 12.63 14.55 21.87
O3 SO4 P . 14.54 13.16 21.86
O4 SO4 P . 14.35 14.92 23.42
S SO4 Q . 13.81 -17.46 11.02
O1 SO4 Q . 14.16 -16.25 10.35
O2 SO4 Q . 12.62 -17.25 11.82
O3 SO4 Q . 13.54 -18.50 10.05
O4 SO4 Q . 14.89 -17.87 11.89
#